data_8K26
#
_entry.id   8K26
#
_cell.length_a   1.00
_cell.length_b   1.00
_cell.length_c   1.00
_cell.angle_alpha   90.00
_cell.angle_beta   90.00
_cell.angle_gamma   90.00
#
_symmetry.space_group_name_H-M   'P 1'
#
loop_
_entity.id
_entity.type
_entity.pdbx_description
1 polymer Cas1
2 polymer 'HD Cas3-type domain-containing protein'
#
loop_
_entity_poly.entity_id
_entity_poly.type
_entity_poly.pdbx_seq_one_letter_code
_entity_poly.pdbx_strand_id
1 'polypeptide(L)'
;MQKQILTSQKRNMYILSRCKVLVKNGQVCHLHEDGNVYTVPYANTVFIGLAEGTSITNEAMSMLAANGVIVFWTKGGGYD
MFAADIICHLPQADYRPTKYMQNWVRLWLDEEKKLSAAKEILKMRVDSLSTHVHDFGVDVENKRVSSIVNKFDKGVTQAT
SFESLLGHEGTFVKSLYKEYALEYEIEFKRDHKSADNYNKFLTLGNYYAYGIARSSLWALGIDNSFPLLHGSTRRGGLVF
DVADIIKTSIILPLAFHAADQGMSNTEFKRSCVAYFDKNDILAYLINNIKRLCMEN
;
D,E,d,e
2 'polypeptide(L)'
;MFIRIKCFSKQPIAKKVSREVSAYLEYTGNNTWEGHISGQGVSNLQTKLINVGKGVKVVCNYQDKVLFAIGNVAMSDTGS
VPKY
;
A,a
#
# COMPACT_ATOMS: atom_id res chain seq x y z
N MET A 1 19.95 -10.61 22.02
CA MET A 1 19.91 -9.17 21.80
C MET A 1 19.77 -8.84 20.33
N GLN A 2 19.31 -9.84 19.55
CA GLN A 2 19.12 -9.83 18.10
C GLN A 2 20.45 -9.74 17.33
N LYS A 3 20.48 -10.27 16.11
CA LYS A 3 21.76 -10.41 15.41
C LYS A 3 22.23 -9.11 14.75
N GLN A 4 21.54 -7.99 15.00
CA GLN A 4 21.91 -6.67 14.44
C GLN A 4 21.75 -6.50 12.93
N ILE A 5 20.79 -7.20 12.30
CA ILE A 5 20.50 -7.07 10.85
C ILE A 5 21.70 -6.95 9.91
N LEU A 6 22.11 -8.08 9.35
CA LEU A 6 23.25 -8.07 8.45
C LEU A 6 22.99 -7.18 7.25
N THR A 7 24.07 -6.66 6.66
CA THR A 7 24.04 -5.48 5.80
C THR A 7 23.21 -5.69 4.53
N SER A 8 23.14 -6.92 4.02
CA SER A 8 22.40 -7.25 2.81
C SER A 8 20.88 -7.01 2.93
N GLN A 9 20.28 -6.88 4.11
CA GLN A 9 18.84 -6.61 4.18
C GLN A 9 18.57 -5.28 4.87
N LYS A 10 19.31 -4.25 4.51
CA LYS A 10 19.04 -2.88 4.88
C LYS A 10 18.57 -2.13 3.63
N ARG A 11 17.56 -1.27 3.78
CA ARG A 11 16.79 -0.82 2.62
C ARG A 11 16.70 0.69 2.41
N ASN A 12 16.97 1.53 3.39
CA ASN A 12 16.70 2.96 3.28
C ASN A 12 17.97 3.76 3.00
N MET A 13 17.90 4.64 2.01
CA MET A 13 19.04 5.47 1.61
C MET A 13 18.58 6.91 1.43
N TYR A 14 19.45 7.85 1.79
CA TYR A 14 19.08 9.26 1.83
C TYR A 14 20.28 10.13 1.46
N ILE A 15 19.99 11.32 0.93
CA ILE A 15 20.90 12.46 0.94
C ILE A 15 20.29 13.49 1.87
N LEU A 16 21.12 14.09 2.72
CA LEU A 16 20.63 15.11 3.63
C LEU A 16 21.13 16.47 3.17
N SER A 17 20.19 17.36 2.87
CA SER A 17 20.49 18.70 2.40
C SER A 17 19.79 19.73 3.27
N ARG A 18 20.56 20.68 3.80
CA ARG A 18 20.09 21.83 4.58
C ARG A 18 19.34 21.38 5.84
N CYS A 19 20.08 20.77 6.76
CA CYS A 19 19.47 20.05 7.88
C CYS A 19 20.39 20.07 9.09
N LYS A 20 19.95 19.38 10.15
CA LYS A 20 20.80 19.04 11.29
C LYS A 20 20.46 17.62 11.75
N VAL A 21 21.46 16.73 11.75
CA VAL A 21 21.25 15.31 12.04
C VAL A 21 21.72 15.01 13.46
N LEU A 22 20.85 14.42 14.27
CA LEU A 22 21.19 14.07 15.64
C LEU A 22 20.33 12.89 16.11
N VAL A 23 20.30 12.67 17.43
CA VAL A 23 19.50 11.62 18.07
C VAL A 23 18.41 12.27 18.90
N LYS A 24 17.17 11.88 18.64
CA LYS A 24 16.01 12.25 19.45
C LYS A 24 15.32 10.98 19.93
N ASN A 25 15.34 10.77 21.25
CA ASN A 25 14.64 9.67 21.94
C ASN A 25 15.07 8.30 21.43
N GLY A 26 16.37 8.12 21.21
CA GLY A 26 16.87 6.86 20.68
C GLY A 26 16.57 6.65 19.22
N GLN A 27 16.18 7.71 18.51
CA GLN A 27 15.89 7.66 17.08
C GLN A 27 16.78 8.65 16.37
N VAL A 28 17.55 8.17 15.39
CA VAL A 28 18.31 9.08 14.56
C VAL A 28 17.37 9.85 13.64
N CYS A 29 17.57 11.16 13.56
CA CYS A 29 16.70 11.99 12.76
C CYS A 29 17.45 13.25 12.33
N HIS A 30 16.75 14.06 11.55
CA HIS A 30 17.26 15.35 11.13
C HIS A 30 16.16 16.41 11.21
N LEU A 31 16.60 17.64 11.37
CA LEU A 31 15.72 18.78 11.58
C LEU A 31 15.93 19.81 10.48
N HIS A 32 14.83 20.43 10.06
CA HIS A 32 14.80 21.62 9.22
C HIS A 32 14.87 22.82 10.19
N GLU A 33 14.71 24.04 9.70
CA GLU A 33 14.69 25.22 10.55
C GLU A 33 13.34 25.44 11.22
N ASP A 34 12.40 24.51 11.06
CA ASP A 34 11.10 24.54 11.71
C ASP A 34 10.85 23.22 12.44
N GLY A 35 11.93 22.55 12.84
CA GLY A 35 11.82 21.22 13.39
C GLY A 35 11.61 20.19 12.30
N ASN A 36 10.43 19.58 12.29
CA ASN A 36 9.97 18.65 11.25
C ASN A 36 10.92 17.46 11.09
N VAL A 37 10.99 16.65 12.16
CA VAL A 37 11.93 15.54 12.18
C VAL A 37 11.52 14.45 11.20
N TYR A 38 12.51 13.65 10.81
CA TYR A 38 12.40 12.64 9.76
C TYR A 38 13.15 11.39 10.22
N THR A 39 12.71 10.82 11.35
CA THR A 39 13.33 9.70 12.06
C THR A 39 13.80 8.56 11.16
N VAL A 40 15.10 8.32 11.15
CA VAL A 40 15.77 7.47 10.18
C VAL A 40 15.66 6.02 10.66
N PRO A 41 15.14 5.11 9.86
CA PRO A 41 15.05 3.71 10.29
C PRO A 41 16.40 3.02 10.29
N TYR A 42 17.17 3.15 11.39
CA TYR A 42 18.59 2.80 11.35
C TYR A 42 18.83 1.30 11.23
N ALA A 43 17.81 0.49 11.56
CA ALA A 43 17.90 -0.95 11.33
C ALA A 43 17.90 -1.29 9.85
N ASN A 44 17.41 -0.40 8.99
CA ASN A 44 17.44 -0.62 7.55
C ASN A 44 18.20 0.45 6.78
N THR A 45 18.82 1.42 7.46
CA THR A 45 19.47 2.48 6.72
C THR A 45 20.83 2.04 6.20
N VAL A 46 21.09 2.37 4.94
CA VAL A 46 22.38 2.14 4.33
C VAL A 46 23.37 3.24 4.72
N PHE A 47 22.97 4.48 4.48
CA PHE A 47 23.92 5.58 4.39
C PHE A 47 23.19 6.91 4.55
N ILE A 48 23.94 7.92 4.94
CA ILE A 48 23.48 9.30 5.00
C ILE A 48 24.58 10.15 4.33
N GLY A 49 24.28 10.68 3.15
CA GLY A 49 25.17 11.66 2.55
C GLY A 49 24.75 13.07 2.93
N LEU A 50 25.74 13.94 3.09
CA LEU A 50 25.49 15.28 3.64
C LEU A 50 25.93 16.34 2.64
N ALA A 51 24.97 17.15 2.20
CA ALA A 51 25.21 18.26 1.30
C ALA A 51 25.70 19.47 2.09
N GLU A 52 25.68 20.64 1.47
CA GLU A 52 26.14 21.85 2.14
C GLU A 52 25.13 22.31 3.20
N GLY A 53 25.65 22.99 4.22
CA GLY A 53 24.83 23.47 5.32
C GLY A 53 24.36 22.41 6.27
N THR A 54 25.08 21.29 6.36
CA THR A 54 24.64 20.10 7.09
C THR A 54 25.70 19.67 8.08
N SER A 55 25.27 18.93 9.12
CA SER A 55 26.15 18.42 10.15
C SER A 55 25.49 17.23 10.85
N ILE A 56 26.32 16.40 11.49
CA ILE A 56 25.84 15.26 12.27
C ILE A 56 26.71 15.16 13.53
N THR A 57 26.08 14.83 14.66
CA THR A 57 26.75 14.81 15.94
C THR A 57 27.34 13.43 16.25
N ASN A 58 28.08 13.35 17.37
CA ASN A 58 28.84 12.14 17.71
C ASN A 58 27.96 11.00 18.19
N GLU A 59 26.96 11.29 19.03
CA GLU A 59 26.08 10.24 19.51
C GLU A 59 25.24 9.66 18.39
N ALA A 60 24.81 10.51 17.45
CA ALA A 60 24.13 10.02 16.25
C ALA A 60 25.05 9.17 15.39
N MET A 61 26.32 9.58 15.27
CA MET A 61 27.27 8.86 14.44
C MET A 61 27.54 7.49 15.06
N SER A 62 27.63 7.44 16.39
CA SER A 62 27.84 6.18 17.10
C SER A 62 26.64 5.26 17.03
N MET A 63 25.43 5.82 17.14
CA MET A 63 24.23 4.98 17.12
C MET A 63 24.01 4.44 15.71
N LEU A 64 24.28 5.26 14.68
CA LEU A 64 24.25 4.74 13.31
C LEU A 64 25.43 3.83 13.01
N ALA A 65 26.52 3.91 13.77
CA ALA A 65 27.69 3.09 13.50
C ALA A 65 27.63 1.75 14.21
N ALA A 66 26.84 1.66 15.28
CA ALA A 66 26.63 0.38 15.94
C ALA A 66 25.92 -0.60 15.02
N ASN A 67 24.96 -0.11 14.24
CA ASN A 67 24.39 -0.88 13.15
C ASN A 67 25.11 -0.61 11.82
N GLY A 68 25.98 0.41 11.77
CA GLY A 68 26.82 0.64 10.61
C GLY A 68 26.15 1.32 9.43
N VAL A 69 25.62 2.52 9.67
CA VAL A 69 25.05 3.37 8.63
C VAL A 69 26.12 4.38 8.25
N ILE A 70 26.55 4.36 6.99
CA ILE A 70 27.75 5.11 6.62
C ILE A 70 27.42 6.56 6.30
N VAL A 71 28.15 7.47 6.96
CA VAL A 71 27.94 8.90 6.87
C VAL A 71 29.06 9.51 6.03
N PHE A 72 28.69 10.27 5.00
CA PHE A 72 29.70 10.95 4.20
C PHE A 72 29.28 12.39 3.91
N TRP A 73 30.18 13.10 3.25
CA TRP A 73 30.14 14.55 3.07
C TRP A 73 30.43 14.86 1.62
N THR A 74 29.41 15.33 0.91
CA THR A 74 29.35 15.19 -0.54
C THR A 74 30.33 16.13 -1.25
N LYS A 75 30.59 17.29 -0.68
CA LYS A 75 31.49 18.25 -1.32
C LYS A 75 32.94 18.00 -0.92
N ALA A 83 33.49 11.92 -9.63
CA ALA A 83 33.47 13.38 -9.63
C ALA A 83 33.77 13.94 -8.24
N ALA A 84 34.73 14.87 -8.19
CA ALA A 84 35.16 15.61 -7.00
C ALA A 84 35.66 14.72 -5.87
N ASP A 85 35.90 15.31 -4.70
CA ASP A 85 36.40 14.60 -3.54
C ASP A 85 35.30 14.50 -2.50
N ILE A 86 34.87 13.27 -2.20
CA ILE A 86 33.87 13.00 -1.18
C ILE A 86 34.55 12.30 0.00
N ILE A 87 34.30 12.83 1.19
CA ILE A 87 34.95 12.45 2.43
C ILE A 87 33.96 11.62 3.23
N CYS A 88 34.45 10.66 4.00
CA CYS A 88 33.55 9.68 4.56
C CYS A 88 34.05 9.14 5.89
N HIS A 89 33.14 8.49 6.62
CA HIS A 89 33.49 7.84 7.89
C HIS A 89 32.94 6.42 7.93
N LEU A 90 33.84 5.45 7.87
CA LEU A 90 33.54 4.03 7.98
C LEU A 90 33.50 3.61 9.45
N PRO A 91 32.47 2.86 9.86
CA PRO A 91 32.45 2.30 11.22
C PRO A 91 33.55 1.26 11.38
N GLN A 92 34.28 1.37 12.49
CA GLN A 92 35.48 0.54 12.66
C GLN A 92 35.52 -0.18 14.01
N ALA A 93 34.60 0.12 14.93
CA ALA A 93 34.57 -0.59 16.19
C ALA A 93 34.12 -2.03 16.01
N ASP A 94 33.17 -2.26 15.12
CA ASP A 94 32.72 -3.62 14.82
C ASP A 94 33.79 -4.34 14.01
N TYR A 95 34.14 -5.55 14.45
CA TYR A 95 35.29 -6.27 13.91
C TYR A 95 34.86 -7.05 12.69
N ARG A 96 35.53 -6.82 11.57
CA ARG A 96 35.14 -7.35 10.29
C ARG A 96 35.49 -8.83 10.18
N PRO A 97 34.75 -9.59 9.37
CA PRO A 97 35.12 -10.99 9.08
C PRO A 97 36.43 -11.04 8.30
N THR A 98 37.43 -11.70 8.89
CA THR A 98 38.85 -11.62 8.53
C THR A 98 39.16 -12.11 7.11
N LYS A 99 38.53 -13.21 6.68
CA LYS A 99 39.02 -13.94 5.51
C LYS A 99 38.79 -13.16 4.22
N TYR A 100 37.78 -12.29 4.21
CA TYR A 100 37.43 -11.52 3.02
C TYR A 100 38.52 -10.53 2.64
N MET A 101 38.83 -9.59 3.54
CA MET A 101 39.88 -8.64 3.19
C MET A 101 41.28 -9.24 3.33
N GLN A 102 41.43 -10.36 4.04
CA GLN A 102 42.72 -11.06 4.04
C GLN A 102 43.04 -11.61 2.65
N ASN A 103 42.06 -12.33 2.05
CA ASN A 103 42.20 -12.80 0.68
C ASN A 103 42.32 -11.63 -0.29
N TRP A 104 41.62 -10.53 0.00
CA TRP A 104 41.65 -9.36 -0.86
C TRP A 104 43.04 -8.74 -0.91
N VAL A 105 43.69 -8.53 0.25
CA VAL A 105 45.01 -7.91 0.25
C VAL A 105 46.06 -8.87 -0.30
N ARG A 106 45.86 -10.19 -0.10
CA ARG A 106 46.80 -11.17 -0.66
C ARG A 106 46.79 -11.14 -2.19
N LEU A 107 45.60 -11.02 -2.79
CA LEU A 107 45.55 -10.78 -4.23
C LEU A 107 46.03 -9.37 -4.58
N TRP A 108 45.72 -8.38 -3.74
CA TRP A 108 45.78 -7.00 -4.18
C TRP A 108 47.21 -6.50 -4.26
N LEU A 109 48.10 -7.01 -3.40
CA LEU A 109 49.48 -6.56 -3.48
C LEU A 109 50.20 -7.12 -4.70
N ASP A 110 49.73 -8.24 -5.23
CA ASP A 110 50.18 -8.68 -6.54
C ASP A 110 49.51 -7.82 -7.60
N GLU A 111 50.32 -7.25 -8.51
CA GLU A 111 49.80 -6.26 -9.46
C GLU A 111 48.92 -6.90 -10.52
N GLU A 112 49.24 -8.14 -10.93
CA GLU A 112 48.42 -8.84 -11.91
C GLU A 112 47.07 -9.22 -11.33
N LYS A 113 47.04 -9.68 -10.07
CA LYS A 113 45.77 -10.00 -9.44
C LYS A 113 45.02 -8.75 -9.05
N LYS A 114 45.73 -7.65 -8.80
CA LYS A 114 45.11 -6.33 -8.69
C LYS A 114 44.39 -5.95 -9.98
N LEU A 115 45.03 -6.17 -11.13
CA LEU A 115 44.41 -5.95 -12.43
C LEU A 115 43.20 -6.87 -12.63
N SER A 116 43.32 -8.13 -12.21
CA SER A 116 42.23 -9.09 -12.35
C SER A 116 41.02 -8.67 -11.52
N ALA A 117 41.25 -8.25 -10.28
CA ALA A 117 40.17 -7.77 -9.43
C ALA A 117 39.52 -6.52 -9.99
N ALA A 118 40.34 -5.58 -10.50
CA ALA A 118 39.82 -4.34 -11.07
C ALA A 118 38.97 -4.60 -12.32
N LYS A 119 39.44 -5.50 -13.20
CA LYS A 119 38.69 -5.79 -14.41
C LYS A 119 37.40 -6.54 -14.08
N GLU A 120 37.41 -7.36 -13.02
CA GLU A 120 36.18 -8.02 -12.59
C GLU A 120 35.15 -7.02 -12.07
N ILE A 121 35.57 -6.09 -11.20
CA ILE A 121 34.58 -5.24 -10.55
C ILE A 121 34.04 -4.24 -11.57
N LEU A 122 34.91 -3.76 -12.48
CA LEU A 122 34.42 -2.87 -13.54
C LEU A 122 33.66 -3.60 -14.63
N LYS A 123 33.89 -4.91 -14.81
CA LYS A 123 33.13 -5.64 -15.81
C LYS A 123 31.76 -6.07 -15.29
N MET A 124 31.54 -6.00 -13.97
CA MET A 124 30.19 -6.28 -13.48
C MET A 124 29.19 -5.15 -13.72
N ARG A 125 29.58 -4.07 -14.41
CA ARG A 125 28.60 -3.05 -14.80
C ARG A 125 27.62 -3.59 -15.84
N VAL A 126 28.06 -4.51 -16.70
CA VAL A 126 27.16 -5.14 -17.65
C VAL A 126 26.17 -6.03 -16.92
N ASP A 127 26.62 -6.72 -15.88
CA ASP A 127 25.72 -7.50 -15.03
C ASP A 127 24.74 -6.61 -14.28
N SER A 128 25.17 -5.41 -13.89
CA SER A 128 24.25 -4.44 -13.28
C SER A 128 23.20 -3.97 -14.28
N LEU A 129 23.60 -3.73 -15.52
CA LEU A 129 22.64 -3.29 -16.52
C LEU A 129 21.70 -4.40 -16.99
N SER A 130 22.13 -5.66 -16.96
CA SER A 130 21.30 -6.77 -17.43
C SER A 130 20.44 -7.37 -16.34
N THR A 131 20.90 -7.36 -15.09
CA THR A 131 20.07 -7.86 -13.99
C THR A 131 18.95 -6.89 -13.67
N HIS A 132 19.22 -5.60 -13.74
CA HIS A 132 18.26 -4.58 -13.31
C HIS A 132 17.60 -4.00 -14.56
N VAL A 133 16.28 -4.14 -14.65
CA VAL A 133 15.61 -4.08 -15.94
C VAL A 133 14.38 -3.17 -15.97
N HIS A 134 13.81 -2.71 -14.86
CA HIS A 134 12.56 -1.96 -14.94
C HIS A 134 12.86 -0.50 -15.29
N ASP A 135 13.17 -0.28 -16.56
CA ASP A 135 13.46 1.03 -17.12
C ASP A 135 12.36 1.40 -18.12
N PHE A 136 12.53 2.57 -18.74
CA PHE A 136 11.69 3.06 -19.83
C PHE A 136 12.50 4.12 -20.58
N GLY A 137 11.88 4.72 -21.59
CA GLY A 137 12.58 5.69 -22.41
C GLY A 137 13.58 5.05 -23.34
N VAL A 138 14.87 5.18 -23.00
CA VAL A 138 15.93 4.44 -23.71
C VAL A 138 15.76 2.95 -23.53
N ASP A 139 15.33 2.51 -22.33
CA ASP A 139 15.07 1.12 -21.96
C ASP A 139 16.33 0.27 -22.09
N VAL A 140 16.19 -0.95 -22.62
CA VAL A 140 17.32 -1.89 -22.64
C VAL A 140 18.39 -1.44 -23.63
N GLU A 141 17.99 -0.78 -24.72
CA GLU A 141 18.93 -0.14 -25.63
C GLU A 141 18.19 0.90 -26.47
N ASN A 142 18.90 1.98 -26.81
CA ASN A 142 18.45 2.95 -27.80
C ASN A 142 19.34 2.94 -29.04
N LYS A 143 20.05 1.82 -29.25
CA LYS A 143 21.08 1.59 -30.26
C LYS A 143 22.29 2.51 -30.11
N ARG A 144 22.46 3.13 -28.95
CA ARG A 144 23.63 3.91 -28.60
C ARG A 144 24.23 3.53 -27.26
N VAL A 145 23.40 3.17 -26.28
CA VAL A 145 23.92 2.87 -24.94
C VAL A 145 24.47 1.45 -24.88
N SER A 146 23.92 0.53 -25.68
CA SER A 146 24.47 -0.83 -25.72
C SER A 146 25.86 -0.83 -26.35
N SER A 147 26.05 -0.03 -27.39
CA SER A 147 27.38 0.15 -27.97
C SER A 147 28.33 0.85 -27.00
N ILE A 148 27.81 1.69 -26.12
CA ILE A 148 28.71 2.41 -25.22
C ILE A 148 29.15 1.53 -24.06
N VAL A 149 28.28 0.63 -23.58
CA VAL A 149 28.75 -0.34 -22.59
C VAL A 149 29.63 -1.39 -23.26
N ASN A 150 29.40 -1.66 -24.55
CA ASN A 150 30.31 -2.54 -25.29
CA ASN A 150 30.31 -2.54 -25.29
C ASN A 150 31.70 -1.92 -25.42
N LYS A 151 31.77 -0.61 -25.67
CA LYS A 151 33.07 0.05 -25.78
C LYS A 151 33.72 0.20 -24.42
N PHE A 152 32.93 0.28 -23.34
CA PHE A 152 33.51 0.22 -22.00
C PHE A 152 34.09 -1.17 -21.71
N ASP A 153 33.40 -2.21 -22.18
CA ASP A 153 33.87 -3.58 -22.02
C ASP A 153 35.19 -3.77 -22.76
N LYS A 154 35.28 -3.19 -23.96
CA LYS A 154 36.53 -3.22 -24.72
C LYS A 154 37.64 -2.45 -23.99
N GLY A 155 37.32 -1.27 -23.46
CA GLY A 155 38.34 -0.45 -22.82
C GLY A 155 38.85 -1.05 -21.53
N VAL A 156 37.97 -1.70 -20.76
CA VAL A 156 38.39 -2.31 -19.50
C VAL A 156 38.86 -3.74 -19.67
N THR A 157 38.60 -4.36 -20.83
CA THR A 157 39.24 -5.62 -21.15
C THR A 157 40.64 -5.39 -21.71
N GLN A 158 40.91 -4.19 -22.22
CA GLN A 158 42.25 -3.79 -22.64
C GLN A 158 43.19 -3.79 -21.44
N ALA A 159 42.95 -2.90 -20.47
CA ALA A 159 43.46 -2.97 -19.08
C ALA A 159 44.98 -3.13 -18.99
N THR A 160 45.71 -2.32 -19.77
CA THR A 160 47.17 -2.43 -19.76
C THR A 160 47.76 -1.85 -18.47
N SER A 161 47.24 -0.72 -18.02
CA SER A 161 47.75 -0.07 -16.81
C SER A 161 46.60 0.61 -16.08
N PHE A 162 46.86 0.95 -14.82
CA PHE A 162 45.81 1.51 -13.97
C PHE A 162 45.53 2.96 -14.34
N GLU A 163 46.55 3.68 -14.80
CA GLU A 163 46.38 5.08 -15.17
C GLU A 163 45.99 5.23 -16.63
N SER A 164 45.85 4.12 -17.36
CA SER A 164 45.36 4.18 -18.73
C SER A 164 43.87 4.53 -18.77
N LEU A 165 43.12 4.06 -17.78
CA LEU A 165 41.70 4.36 -17.69
C LEU A 165 41.43 5.11 -16.38
N LEU A 166 42.27 6.10 -16.09
CA LEU A 166 42.19 6.82 -14.82
C LEU A 166 40.96 7.74 -14.78
N GLY A 167 40.61 8.31 -15.92
CA GLY A 167 39.46 9.19 -16.01
C GLY A 167 38.58 8.83 -17.19
N HIS A 168 38.68 7.57 -17.61
CA HIS A 168 37.90 7.04 -18.72
C HIS A 168 36.42 7.04 -18.40
N GLU A 169 36.05 6.76 -17.14
CA GLU A 169 34.67 6.88 -16.72
C GLU A 169 34.23 8.34 -16.59
N GLY A 170 35.16 9.27 -16.44
CA GLY A 170 34.80 10.68 -16.55
C GLY A 170 34.36 11.06 -17.96
N THR A 171 35.10 10.56 -18.96
CA THR A 171 34.66 10.67 -20.34
C THR A 171 33.36 9.92 -20.57
N PHE A 172 33.15 8.84 -19.82
CA PHE A 172 31.89 8.09 -19.96
C PHE A 172 30.70 8.82 -19.37
N VAL A 173 30.86 9.48 -18.22
CA VAL A 173 29.73 10.24 -17.68
C VAL A 173 29.48 11.48 -18.54
N LYS A 174 30.54 12.03 -19.15
CA LYS A 174 30.35 13.10 -20.14
C LYS A 174 29.54 12.61 -21.35
N SER A 175 29.98 11.51 -21.96
CA SER A 175 29.38 11.03 -23.19
C SER A 175 27.99 10.46 -22.96
N LEU A 176 27.74 9.90 -21.78
CA LEU A 176 26.43 9.35 -21.47
C LEU A 176 25.47 10.41 -20.96
N TYR A 177 25.96 11.52 -20.42
CA TYR A 177 25.05 12.62 -20.10
C TYR A 177 24.68 13.40 -21.35
N LYS A 178 25.54 13.38 -22.38
CA LYS A 178 25.11 13.90 -23.68
C LYS A 178 24.28 12.89 -24.48
N GLU A 179 24.51 11.59 -24.29
CA GLU A 179 23.92 10.59 -25.17
C GLU A 179 22.44 10.38 -24.90
N TYR A 180 22.03 10.32 -23.63
CA TYR A 180 20.62 10.27 -23.29
C TYR A 180 19.91 11.58 -23.61
N ALA A 181 20.65 12.69 -23.71
CA ALA A 181 20.08 14.02 -23.88
C ALA A 181 19.67 14.33 -25.32
N LEU A 182 20.03 13.50 -26.29
CA LEU A 182 19.56 13.75 -27.65
C LEU A 182 18.16 13.19 -27.88
N GLU A 183 17.71 12.28 -27.02
CA GLU A 183 16.31 11.84 -27.00
C GLU A 183 15.51 12.47 -25.87
N TYR A 184 16.19 13.09 -24.90
CA TYR A 184 15.56 13.79 -23.79
C TYR A 184 16.06 15.23 -23.89
N GLU A 185 15.25 16.09 -24.49
CA GLU A 185 15.73 17.29 -25.18
C GLU A 185 16.28 18.40 -24.29
N ILE A 186 17.60 18.37 -24.06
CA ILE A 186 18.33 19.49 -23.50
C ILE A 186 19.79 19.26 -23.89
N GLU A 187 20.59 20.33 -23.94
CA GLU A 187 21.99 20.24 -24.29
C GLU A 187 22.87 20.57 -23.09
N PHE A 188 22.52 20.03 -21.93
CA PHE A 188 23.30 20.23 -20.72
C PHE A 188 24.56 19.37 -20.74
N LYS A 189 25.55 19.78 -19.96
CA LYS A 189 26.83 19.08 -19.86
C LYS A 189 27.11 18.68 -18.41
N ARG A 190 28.14 17.86 -18.24
CA ARG A 190 28.59 17.46 -16.90
C ARG A 190 29.23 18.65 -16.18
N ASP A 191 28.53 19.19 -15.19
CA ASP A 191 29.03 20.33 -14.44
C ASP A 191 28.46 20.26 -13.03
N HIS A 192 29.29 20.64 -12.06
CA HIS A 192 28.91 20.61 -10.65
C HIS A 192 28.10 21.82 -10.21
N LYS A 193 28.06 22.90 -11.01
CA LYS A 193 27.43 24.14 -10.59
C LYS A 193 26.34 24.63 -11.54
N SER A 194 25.92 23.82 -12.50
CA SER A 194 24.89 24.24 -13.45
C SER A 194 23.54 24.23 -12.76
N ALA A 195 22.80 25.34 -12.87
CA ALA A 195 21.59 25.55 -12.10
C ALA A 195 20.36 24.87 -12.68
N ASP A 196 20.47 24.25 -13.86
CA ASP A 196 19.33 23.58 -14.46
C ASP A 196 18.99 22.29 -13.70
N ASN A 197 17.80 21.76 -13.98
CA ASN A 197 17.31 20.59 -13.26
C ASN A 197 18.03 19.31 -13.65
N TYR A 198 18.55 19.22 -14.87
CA TYR A 198 19.20 18.00 -15.34
C TYR A 198 20.51 17.76 -14.60
N ASN A 199 21.36 18.80 -14.52
CA ASN A 199 22.61 18.65 -13.79
C ASN A 199 22.38 18.60 -12.28
N LYS A 200 21.29 19.22 -11.81
CA LYS A 200 20.90 19.08 -10.41
C LYS A 200 20.55 17.64 -10.08
N PHE A 201 19.82 16.97 -10.97
CA PHE A 201 19.45 15.58 -10.73
C PHE A 201 20.63 14.64 -10.90
N LEU A 202 21.55 14.96 -11.82
CA LEU A 202 22.68 14.07 -12.00
C LEU A 202 23.86 14.41 -11.08
N THR A 203 23.76 15.48 -10.32
CA THR A 203 24.68 15.77 -9.22
C THR A 203 24.14 15.29 -7.88
N LEU A 204 22.82 15.21 -7.74
CA LEU A 204 22.23 14.59 -6.56
C LEU A 204 22.16 13.06 -6.68
N GLY A 205 22.63 12.50 -7.79
CA GLY A 205 22.52 11.06 -8.01
C GLY A 205 23.76 10.25 -7.70
N ASN A 206 24.94 10.79 -7.98
CA ASN A 206 26.19 10.04 -7.77
C ASN A 206 26.47 9.73 -6.30
N TYR A 207 25.91 10.51 -5.39
CA TYR A 207 26.04 10.21 -3.97
C TYR A 207 25.27 8.96 -3.54
N TYR A 208 24.17 8.62 -4.22
CA TYR A 208 23.55 7.31 -4.01
C TYR A 208 24.46 6.15 -4.40
N ALA A 209 25.16 6.29 -5.54
CA ALA A 209 26.14 5.28 -5.94
C ALA A 209 27.27 5.20 -4.93
N TYR A 210 27.72 6.36 -4.44
CA TYR A 210 28.77 6.42 -3.44
C TYR A 210 28.33 5.75 -2.14
N GLY A 211 27.09 5.98 -1.72
CA GLY A 211 26.63 5.43 -0.46
C GLY A 211 26.36 3.94 -0.48
N ILE A 212 25.75 3.44 -1.57
CA ILE A 212 25.55 2.00 -1.72
C ILE A 212 26.91 1.30 -1.83
N ALA A 213 27.85 1.91 -2.55
CA ALA A 213 29.21 1.40 -2.64
C ALA A 213 29.90 1.38 -1.28
N ARG A 214 29.70 2.43 -0.48
CA ARG A 214 30.35 2.53 0.83
C ARG A 214 29.81 1.49 1.80
N SER A 215 28.49 1.37 1.90
CA SER A 215 28.00 0.39 2.87
C SER A 215 28.00 -1.02 2.33
N SER A 216 28.36 -1.23 1.07
CA SER A 216 28.84 -2.56 0.71
C SER A 216 30.32 -2.74 1.01
N LEU A 217 31.06 -1.65 1.09
CA LEU A 217 32.46 -1.67 1.49
C LEU A 217 32.66 -1.60 3.00
N TRP A 218 31.62 -1.82 3.82
CA TRP A 218 31.74 -1.67 5.29
C TRP A 218 31.82 -2.89 6.10
N ALA A 219 31.37 -4.02 5.58
CA ALA A 219 31.40 -5.14 6.51
C ALA A 219 31.83 -6.42 5.82
N LEU A 220 31.57 -6.51 4.53
CA LEU A 220 32.07 -7.65 3.78
C LEU A 220 33.56 -7.44 3.56
N GLY A 221 33.92 -6.39 2.86
CA GLY A 221 35.33 -6.27 2.58
C GLY A 221 36.25 -5.14 2.88
N ILE A 222 36.53 -4.36 1.87
CA ILE A 222 37.55 -3.36 2.01
C ILE A 222 37.38 -1.93 2.37
N ASP A 223 38.18 -1.46 3.29
CA ASP A 223 38.30 -0.05 3.64
C ASP A 223 38.90 0.70 2.45
N ASN A 224 38.28 1.82 2.09
CA ASN A 224 38.39 2.51 0.79
C ASN A 224 39.78 2.87 0.29
N SER A 225 40.72 3.23 1.17
CA SER A 225 42.02 3.75 0.69
C SER A 225 42.97 2.67 0.11
N PHE A 226 42.48 1.47 -0.12
CA PHE A 226 43.30 0.42 -0.78
C PHE A 226 42.54 0.24 -2.05
N PRO A 227 42.83 1.05 -3.06
CA PRO A 227 41.95 0.99 -4.21
C PRO A 227 42.31 0.25 -5.46
N LEU A 228 41.43 0.33 -6.43
CA LEU A 228 41.70 -0.29 -7.73
C LEU A 228 41.63 0.70 -8.88
N LEU A 229 41.66 2.01 -8.60
CA LEU A 229 41.71 3.02 -9.66
C LEU A 229 42.40 4.26 -9.07
N HIS A 230 43.65 4.47 -9.44
CA HIS A 230 44.41 5.64 -9.01
C HIS A 230 45.05 6.32 -10.21
N GLY A 231 45.30 7.61 -10.06
CA GLY A 231 45.84 8.41 -11.12
C GLY A 231 45.85 9.88 -10.73
N SER A 232 45.96 10.72 -11.76
CA SER A 232 45.93 12.17 -11.52
C SER A 232 44.52 12.65 -11.19
N THR A 233 43.52 12.17 -11.94
CA THR A 233 42.17 12.69 -11.85
C THR A 233 41.21 11.76 -11.10
N ARG A 234 41.65 10.57 -10.69
CA ARG A 234 40.77 9.66 -9.95
C ARG A 234 41.12 9.75 -8.47
N ARG A 235 40.50 10.72 -7.80
CA ARG A 235 40.82 11.08 -6.43
C ARG A 235 39.65 10.73 -5.52
N GLY A 236 39.87 9.79 -4.61
CA GLY A 236 38.81 9.33 -3.73
C GLY A 236 38.89 7.85 -3.39
N GLY A 237 39.49 7.05 -4.27
CA GLY A 237 39.78 5.67 -3.94
C GLY A 237 38.88 4.62 -4.56
N LEU A 238 38.66 3.53 -3.82
CA LEU A 238 37.94 2.37 -4.33
C LEU A 238 36.43 2.60 -4.40
N VAL A 239 35.91 3.57 -3.64
CA VAL A 239 34.47 3.79 -3.55
C VAL A 239 33.91 4.24 -4.89
N PHE A 240 34.68 5.03 -5.64
CA PHE A 240 34.33 5.36 -7.03
C PHE A 240 34.26 4.12 -7.90
N ASP A 241 35.23 3.21 -7.75
CA ASP A 241 35.31 2.00 -8.55
C ASP A 241 34.10 1.10 -8.31
N VAL A 242 33.68 0.97 -7.05
CA VAL A 242 32.50 0.17 -6.77
C VAL A 242 31.21 0.98 -6.78
N ALA A 243 31.28 2.28 -7.12
CA ALA A 243 30.09 3.10 -7.34
C ALA A 243 29.74 3.28 -8.81
N ASP A 244 30.70 3.03 -9.72
CA ASP A 244 30.38 3.04 -11.15
C ASP A 244 29.42 1.93 -11.55
N ILE A 245 29.19 0.94 -10.68
CA ILE A 245 28.34 -0.21 -11.00
C ILE A 245 26.90 0.23 -11.15
N ILE A 246 26.46 1.15 -10.30
CA ILE A 246 25.11 1.70 -10.36
C ILE A 246 25.11 3.17 -10.76
N LYS A 247 26.27 3.77 -11.04
CA LYS A 247 26.30 5.09 -11.69
C LYS A 247 25.52 5.12 -13.00
N THR A 248 26.02 4.45 -14.02
CA THR A 248 25.45 4.57 -15.35
C THR A 248 24.30 3.61 -15.60
N SER A 249 24.21 2.54 -14.82
CA SER A 249 23.16 1.54 -15.04
C SER A 249 21.83 1.96 -14.43
N ILE A 250 21.85 2.61 -13.26
CA ILE A 250 20.68 2.79 -12.43
C ILE A 250 20.22 4.25 -12.39
N ILE A 251 21.08 5.14 -11.91
CA ILE A 251 20.64 6.49 -11.54
C ILE A 251 20.50 7.37 -12.77
N LEU A 252 21.24 7.08 -13.84
CA LEU A 252 21.16 7.89 -15.05
C LEU A 252 19.82 7.82 -15.79
N PRO A 253 19.21 6.63 -16.05
CA PRO A 253 17.90 6.66 -16.73
C PRO A 253 16.78 7.27 -15.90
N LEU A 254 16.74 6.97 -14.59
CA LEU A 254 15.76 7.59 -13.72
C LEU A 254 16.02 9.08 -13.55
N ALA A 255 17.28 9.50 -13.65
CA ALA A 255 17.62 10.91 -13.61
C ALA A 255 17.07 11.64 -14.83
N PHE A 256 17.22 11.03 -16.00
CA PHE A 256 16.70 11.66 -17.20
C PHE A 256 15.18 11.64 -17.23
N HIS A 257 14.58 10.58 -16.69
CA HIS A 257 13.12 10.50 -16.51
C HIS A 257 12.62 11.64 -15.62
N ALA A 258 13.22 11.78 -14.43
CA ALA A 258 12.78 12.81 -13.50
C ALA A 258 13.07 14.21 -14.00
N ALA A 259 14.11 14.37 -14.81
CA ALA A 259 14.43 15.69 -15.34
C ALA A 259 13.58 16.06 -16.54
N ASP A 260 13.06 15.08 -17.30
CA ASP A 260 12.19 15.41 -18.42
C ASP A 260 10.73 15.56 -17.98
N GLN A 261 10.20 14.62 -17.20
CA GLN A 261 8.82 14.75 -16.75
C GLN A 261 8.65 15.79 -15.65
N GLY A 262 9.73 16.26 -15.04
CA GLY A 262 9.75 17.59 -14.45
C GLY A 262 9.30 17.75 -13.02
N MET A 263 9.35 16.71 -12.19
CA MET A 263 9.11 16.94 -10.77
C MET A 263 10.43 17.26 -10.05
N SER A 264 10.32 17.41 -8.73
CA SER A 264 11.40 17.96 -7.91
C SER A 264 12.35 16.87 -7.42
N ASN A 265 13.20 17.24 -6.45
CA ASN A 265 14.21 16.34 -5.92
C ASN A 265 13.59 15.18 -5.14
N THR A 266 12.48 15.44 -4.45
CA THR A 266 11.93 14.49 -3.50
C THR A 266 11.36 13.26 -4.20
N GLU A 267 10.64 13.46 -5.30
CA GLU A 267 10.09 12.31 -6.01
C GLU A 267 11.15 11.59 -6.83
N PHE A 268 12.23 12.28 -7.20
CA PHE A 268 13.45 11.61 -7.67
C PHE A 268 13.97 10.61 -6.65
N LYS A 269 14.14 11.05 -5.40
CA LYS A 269 14.66 10.14 -4.39
C LYS A 269 13.64 9.06 -4.04
N ARG A 270 12.35 9.36 -4.19
CA ARG A 270 11.31 8.34 -4.06
C ARG A 270 11.49 7.25 -5.12
N SER A 271 11.72 7.66 -6.37
CA SER A 271 11.90 6.70 -7.46
C SER A 271 13.19 5.89 -7.30
N CYS A 272 14.26 6.53 -6.84
CA CYS A 272 15.52 5.81 -6.65
C CYS A 272 15.44 4.82 -5.49
N VAL A 273 14.73 5.18 -4.41
CA VAL A 273 14.54 4.27 -3.29
C VAL A 273 13.68 3.08 -3.73
N ALA A 274 12.68 3.34 -4.58
CA ALA A 274 11.87 2.26 -5.16
C ALA A 274 12.72 1.33 -6.03
N TYR A 275 13.59 1.89 -6.87
CA TYR A 275 14.44 1.08 -7.73
C TYR A 275 15.43 0.26 -6.92
N PHE A 276 15.97 0.83 -5.84
CA PHE A 276 16.90 0.08 -5.00
C PHE A 276 16.21 -1.03 -4.23
N ASP A 277 14.98 -0.80 -3.78
CA ASP A 277 14.30 -1.81 -2.98
C ASP A 277 13.68 -2.90 -3.83
N LYS A 278 13.36 -2.61 -5.10
CA LYS A 278 12.68 -3.59 -5.95
C LYS A 278 13.60 -4.77 -6.30
N ASN A 279 14.91 -4.55 -6.37
CA ASN A 279 15.84 -5.63 -6.70
C ASN A 279 16.78 -5.99 -5.55
N ASP A 280 16.70 -5.28 -4.42
CA ASP A 280 17.68 -5.35 -3.32
C ASP A 280 19.11 -5.20 -3.82
N ILE A 281 19.39 -4.01 -4.36
CA ILE A 281 20.70 -3.74 -4.95
C ILE A 281 21.81 -3.66 -3.89
N LEU A 282 21.46 -3.33 -2.65
CA LEU A 282 22.40 -3.51 -1.54
C LEU A 282 22.81 -4.96 -1.40
N ALA A 283 21.83 -5.87 -1.31
CA ALA A 283 22.09 -7.31 -1.20
C ALA A 283 22.82 -7.84 -2.41
N TYR A 284 22.40 -7.39 -3.60
CA TYR A 284 22.99 -7.78 -4.87
C TYR A 284 24.47 -7.43 -4.94
N LEU A 285 24.82 -6.21 -4.57
CA LEU A 285 26.22 -5.85 -4.78
C LEU A 285 27.06 -6.24 -3.57
N ILE A 286 26.42 -6.53 -2.41
CA ILE A 286 27.06 -7.33 -1.36
C ILE A 286 27.52 -8.67 -1.89
N ASN A 287 26.62 -9.48 -2.46
CA ASN A 287 27.04 -10.82 -2.85
CA ASN A 287 27.04 -10.82 -2.85
C ASN A 287 27.84 -10.83 -4.16
N ASN A 288 27.84 -9.73 -4.92
CA ASN A 288 28.77 -9.65 -6.05
C ASN A 288 30.16 -9.16 -5.67
N ILE A 289 30.30 -8.34 -4.62
CA ILE A 289 31.65 -8.07 -4.15
C ILE A 289 32.13 -9.19 -3.22
N LYS A 290 31.21 -10.07 -2.80
CA LYS A 290 31.61 -11.33 -2.18
C LYS A 290 32.34 -12.22 -3.17
N ARG A 291 31.95 -12.19 -4.45
CA ARG A 291 32.64 -12.95 -5.48
C ARG A 291 34.08 -12.48 -5.69
N LEU A 292 34.38 -11.22 -5.37
CA LEU A 292 35.73 -10.71 -5.46
C LEU A 292 36.55 -10.91 -4.19
N CYS A 293 35.95 -10.64 -3.02
CA CYS A 293 36.69 -10.84 -1.77
C CYS A 293 36.85 -12.31 -1.44
N MET A 294 35.84 -13.12 -1.75
CA MET A 294 35.87 -14.54 -1.44
C MET A 294 36.03 -15.38 -2.74
N GLU A 295 36.81 -14.88 -3.70
CA GLU A 295 37.15 -15.64 -4.88
C GLU A 295 38.04 -16.82 -4.52
N ASN A 296 39.01 -16.59 -3.65
CA ASN A 296 39.95 -17.63 -3.23
C ASN A 296 39.28 -18.62 -2.27
N MET B 1 37.79 17.81 26.50
CA MET B 1 38.24 19.06 25.88
C MET B 1 39.30 18.74 24.83
N GLN B 2 40.08 19.75 24.44
CA GLN B 2 41.17 19.53 23.50
C GLN B 2 42.32 18.81 24.18
N LYS B 3 42.84 17.78 23.51
CA LYS B 3 43.91 16.97 24.08
C LYS B 3 44.96 16.65 23.01
N GLN B 4 46.23 16.78 23.37
CA GLN B 4 47.35 16.52 22.47
C GLN B 4 47.97 15.16 22.77
N ILE B 5 48.08 14.32 21.75
CA ILE B 5 48.71 13.01 21.87
C ILE B 5 49.70 12.83 20.71
N LEU B 6 50.83 12.20 21.02
CA LEU B 6 51.94 11.99 20.10
C LEU B 6 51.88 10.59 19.50
N THR B 7 52.17 10.49 18.19
CA THR B 7 52.35 9.20 17.56
C THR B 7 53.80 8.96 17.14
N SER B 8 54.38 9.83 16.31
CA SER B 8 55.73 9.60 15.79
C SER B 8 56.72 10.67 16.22
N GLN B 9 56.49 11.94 15.88
CA GLN B 9 57.45 12.99 16.22
C GLN B 9 56.83 14.24 16.83
N LYS B 10 55.53 14.45 16.70
CA LYS B 10 54.87 15.67 17.17
C LYS B 10 53.54 15.28 17.81
N ARG B 11 53.05 16.14 18.69
CA ARG B 11 51.71 15.98 19.25
C ARG B 11 50.68 16.26 18.16
N ASN B 12 50.20 15.22 17.49
CA ASN B 12 49.38 15.42 16.30
C ASN B 12 48.08 14.61 16.31
N MET B 13 47.67 14.14 17.49
CA MET B 13 46.31 13.67 17.74
C MET B 13 45.58 14.79 18.46
N TYR B 14 44.51 15.29 17.87
CA TYR B 14 43.75 16.41 18.42
C TYR B 14 42.36 15.90 18.77
N ILE B 15 42.21 15.36 19.97
CA ILE B 15 40.95 14.82 20.45
C ILE B 15 40.12 15.96 21.02
N LEU B 16 38.91 16.13 20.50
CA LEU B 16 38.02 17.20 20.92
C LEU B 16 36.73 16.61 21.46
N SER B 17 36.33 17.03 22.65
CA SER B 17 35.13 16.52 23.31
C SER B 17 34.20 17.68 23.63
N ARG B 18 32.91 17.43 23.39
CA ARG B 18 31.80 18.33 23.76
C ARG B 18 31.93 19.70 23.10
N CYS B 19 32.00 19.70 21.76
CA CYS B 19 32.11 20.94 21.02
C CYS B 19 31.51 20.78 19.63
N LYS B 20 30.89 21.85 19.14
CA LYS B 20 30.36 21.91 17.79
C LYS B 20 31.42 22.53 16.88
N VAL B 21 31.89 21.76 15.93
CA VAL B 21 32.96 22.21 15.04
C VAL B 21 32.35 22.80 13.77
N LEU B 22 32.56 24.10 13.57
CA LEU B 22 31.97 24.78 12.43
C LEU B 22 33.06 25.49 11.65
N VAL B 23 32.65 26.30 10.67
CA VAL B 23 33.55 27.11 9.87
C VAL B 23 33.41 28.55 10.33
N LYS B 24 34.50 29.11 10.85
CA LYS B 24 34.57 30.50 11.23
C LYS B 24 35.65 31.17 10.38
N ASN B 25 35.25 32.25 9.68
CA ASN B 25 36.14 33.06 8.83
C ASN B 25 36.84 32.22 7.74
N GLY B 26 36.13 31.21 7.23
CA GLY B 26 36.72 30.33 6.24
C GLY B 26 37.74 29.36 6.78
N GLN B 27 37.72 29.08 8.09
CA GLN B 27 38.67 28.15 8.68
C GLN B 27 37.95 27.29 9.71
N VAL B 28 38.50 26.11 9.99
CA VAL B 28 37.87 25.16 10.91
C VAL B 28 38.04 25.67 12.34
N CYS B 29 36.93 25.92 13.02
CA CYS B 29 36.92 26.35 14.41
C CYS B 29 36.00 25.43 15.17
N HIS B 30 36.15 25.36 16.50
CA HIS B 30 35.23 24.56 17.30
C HIS B 30 34.77 25.38 18.50
N LEU B 31 33.45 25.49 18.65
CA LEU B 31 32.85 26.19 19.79
C LEU B 31 32.43 25.16 20.83
N HIS B 32 32.86 25.38 22.07
CA HIS B 32 32.63 24.40 23.11
C HIS B 32 31.26 24.61 23.75
N GLU B 33 30.93 23.76 24.71
CA GLU B 33 29.66 23.90 25.42
C GLU B 33 29.67 25.06 26.40
N ASP B 34 30.83 25.56 26.77
CA ASP B 34 30.92 26.76 27.60
C ASP B 34 30.86 28.04 26.78
N GLY B 35 30.82 27.95 25.45
CA GLY B 35 30.71 29.09 24.58
C GLY B 35 32.00 29.52 23.91
N ASN B 36 33.14 29.05 24.39
CA ASN B 36 34.43 29.43 23.84
C ASN B 36 34.69 28.69 22.52
N VAL B 37 35.22 29.42 21.54
CA VAL B 37 35.52 28.87 20.23
C VAL B 37 37.04 28.99 19.99
N TYR B 38 37.66 27.90 19.56
CA TYR B 38 39.09 27.81 19.36
C TYR B 38 39.37 27.31 17.96
N THR B 39 40.39 27.89 17.31
CA THR B 39 40.82 27.45 16.00
C THR B 39 41.73 26.23 16.12
N VAL B 40 41.97 25.58 14.98
CA VAL B 40 42.89 24.45 14.92
C VAL B 40 44.09 24.84 14.06
N PRO B 41 45.27 24.26 14.31
CA PRO B 41 46.37 24.42 13.36
C PRO B 41 46.22 23.44 12.21
N TYR B 42 46.95 23.69 11.14
CA TYR B 42 46.88 22.82 9.97
C TYR B 42 48.21 22.13 9.69
N ALA B 43 49.33 22.83 9.92
CA ALA B 43 50.64 22.21 9.73
C ALA B 43 50.98 21.25 10.86
N ASN B 44 50.48 21.52 12.07
CA ASN B 44 50.73 20.67 13.22
C ASN B 44 49.70 19.56 13.39
N THR B 45 48.70 19.51 12.50
CA THR B 45 47.62 18.54 12.61
C THR B 45 47.71 17.55 11.47
N VAL B 46 47.79 16.26 11.82
CA VAL B 46 47.50 15.20 10.85
C VAL B 46 46.39 14.28 11.32
N PHE B 47 46.13 14.16 12.63
CA PHE B 47 44.97 13.42 13.11
C PHE B 47 44.14 14.31 14.01
N ILE B 48 42.87 14.49 13.66
CA ILE B 48 41.91 15.17 14.54
C ILE B 48 40.76 14.20 14.81
N GLY B 49 40.41 14.07 16.08
CA GLY B 49 39.41 13.10 16.51
C GLY B 49 38.29 13.77 17.29
N LEU B 50 37.09 13.24 17.12
CA LEU B 50 35.89 13.80 17.71
C LEU B 50 35.40 12.84 18.78
N ALA B 51 35.47 13.27 20.04
CA ALA B 51 35.06 12.47 21.18
C ALA B 51 33.56 12.66 21.43
N GLU B 52 33.10 12.30 22.63
CA GLU B 52 31.68 12.33 22.97
C GLU B 52 31.07 13.73 22.90
N GLY B 53 29.88 13.80 22.32
CA GLY B 53 29.16 15.05 22.18
C GLY B 53 29.78 16.05 21.23
N THR B 54 30.41 15.59 20.15
CA THR B 54 31.11 16.46 19.22
C THR B 54 30.44 16.40 17.85
N SER B 55 30.00 17.55 17.35
CA SER B 55 29.44 17.66 16.00
C SER B 55 30.38 18.47 15.11
N ILE B 56 30.21 18.30 13.79
CA ILE B 56 31.08 18.89 12.80
C ILE B 56 30.32 18.97 11.47
N THR B 57 30.56 20.03 10.70
CA THR B 57 29.81 20.39 9.50
C THR B 57 30.52 19.97 8.22
N ASN B 58 29.85 20.20 7.09
CA ASN B 58 30.30 19.67 5.80
C ASN B 58 31.46 20.46 5.23
N GLU B 59 31.38 21.80 5.29
CA GLU B 59 32.46 22.65 4.81
C GLU B 59 33.72 22.49 5.67
N ALA B 60 33.54 22.09 6.94
CA ALA B 60 34.64 21.81 7.84
C ALA B 60 35.56 20.72 7.29
N MET B 61 35.00 19.57 6.90
CA MET B 61 35.88 18.59 6.25
C MET B 61 36.24 18.98 4.82
N SER B 62 35.45 19.83 4.16
CA SER B 62 35.84 20.27 2.83
C SER B 62 37.18 21.01 2.84
N MET B 63 37.38 21.92 3.80
CA MET B 63 38.77 22.41 3.86
C MET B 63 39.64 21.71 4.90
N LEU B 64 39.16 20.69 5.62
CA LEU B 64 40.09 19.78 6.28
C LEU B 64 40.80 18.88 5.27
N ALA B 65 40.04 18.26 4.37
CA ALA B 65 40.59 17.38 3.36
C ALA B 65 40.97 18.13 2.10
N ALA B 66 40.77 19.45 2.04
CA ALA B 66 41.44 20.22 1.01
C ALA B 66 42.94 20.34 1.30
N ASN B 67 43.31 20.51 2.57
CA ASN B 67 44.69 20.83 2.91
C ASN B 67 45.41 19.73 3.69
N GLY B 68 44.88 18.51 3.69
CA GLY B 68 45.69 17.37 4.10
C GLY B 68 45.72 16.97 5.57
N VAL B 69 44.55 16.82 6.18
CA VAL B 69 44.45 16.23 7.52
C VAL B 69 43.42 15.10 7.47
N ILE B 70 43.45 14.26 8.50
CA ILE B 70 42.55 13.12 8.63
C ILE B 70 41.74 13.28 9.91
N VAL B 71 40.47 12.88 9.86
CA VAL B 71 39.51 13.09 10.94
C VAL B 71 38.87 11.75 11.30
N PHE B 72 38.63 11.54 12.60
CA PHE B 72 38.09 10.26 13.07
C PHE B 72 37.17 10.51 14.25
N TRP B 73 36.42 9.48 14.63
CA TRP B 73 35.48 9.54 15.74
C TRP B 73 35.85 8.53 16.82
N THR B 74 35.64 8.92 18.08
CA THR B 74 36.06 8.10 19.21
C THR B 74 35.11 8.31 20.38
N LYS B 75 35.28 7.48 21.41
CA LYS B 75 34.57 7.64 22.67
C LYS B 75 35.31 8.64 23.56
N GLY B 76 34.93 8.68 24.84
CA GLY B 76 35.67 9.50 25.78
C GLY B 76 37.06 8.94 26.05
N GLY B 77 38.00 9.85 26.30
CA GLY B 77 39.40 9.48 26.43
C GLY B 77 40.18 9.52 25.13
N GLY B 78 39.49 9.52 23.99
CA GLY B 78 40.15 9.67 22.71
C GLY B 78 40.96 8.47 22.26
N TYR B 79 40.69 7.30 22.80
CA TYR B 79 41.47 6.11 22.47
C TYR B 79 40.64 4.95 21.94
N ASP B 80 39.33 4.99 22.07
CA ASP B 80 38.45 3.94 21.54
C ASP B 80 37.74 4.53 20.33
N MET B 81 38.38 4.44 19.18
CA MET B 81 37.85 5.01 17.95
C MET B 81 36.88 4.03 17.32
N PHE B 82 35.78 4.57 16.79
CA PHE B 82 34.75 3.75 16.16
C PHE B 82 34.47 4.11 14.71
N ALA B 83 34.78 5.33 14.27
CA ALA B 83 34.43 5.74 12.91
C ALA B 83 35.56 6.60 12.36
N ALA B 84 36.04 6.24 11.17
CA ALA B 84 37.21 6.90 10.59
C ALA B 84 37.29 6.61 9.11
N ASP B 85 37.98 7.50 8.39
CA ASP B 85 38.47 7.18 7.06
C ASP B 85 39.86 6.55 7.22
N ILE B 86 40.57 6.34 6.12
CA ILE B 86 41.71 5.43 6.11
C ILE B 86 42.93 6.17 5.58
N ILE B 87 44.08 5.89 6.19
CA ILE B 87 45.34 6.55 5.87
C ILE B 87 45.84 6.09 4.51
N CYS B 88 46.23 7.06 3.69
CA CYS B 88 46.88 6.80 2.40
C CYS B 88 48.22 7.51 2.37
N HIS B 89 48.86 7.56 1.19
CA HIS B 89 50.10 8.30 1.03
C HIS B 89 49.87 9.79 1.22
N LEU B 90 48.81 10.32 0.61
CA LEU B 90 48.43 11.72 0.74
C LEU B 90 46.96 11.81 0.39
N PRO B 91 46.13 12.50 1.18
CA PRO B 91 44.69 12.49 0.92
C PRO B 91 44.22 13.34 -0.26
N GLN B 92 45.13 14.01 -0.97
CA GLN B 92 44.73 14.89 -2.07
C GLN B 92 45.30 14.44 -3.41
N ALA B 93 46.60 14.21 -3.50
CA ALA B 93 47.24 13.99 -4.80
C ALA B 93 47.28 12.53 -5.22
N ASP B 94 47.67 11.64 -4.30
CA ASP B 94 47.97 10.27 -4.65
C ASP B 94 47.47 9.32 -3.56
N TYR B 95 46.51 8.46 -3.93
CA TYR B 95 45.89 7.50 -3.01
C TYR B 95 46.65 6.17 -3.11
N ARG B 96 47.68 6.05 -2.29
CA ARG B 96 48.61 4.93 -2.31
C ARG B 96 48.72 4.46 -0.86
N PRO B 97 48.67 3.16 -0.60
CA PRO B 97 48.95 2.68 0.75
C PRO B 97 50.41 2.90 1.12
N THR B 98 50.63 3.13 2.42
CA THR B 98 51.94 3.53 2.91
C THR B 98 52.86 2.32 2.94
N LYS B 99 54.17 2.58 3.08
CA LYS B 99 55.17 1.51 3.05
C LYS B 99 55.08 0.56 4.22
N TYR B 100 54.43 0.97 5.31
CA TYR B 100 54.22 0.09 6.46
C TYR B 100 53.29 -1.07 6.08
N MET B 101 52.21 -0.78 5.32
CA MET B 101 51.36 -1.81 4.75
C MET B 101 52.16 -2.78 3.89
N GLN B 102 53.01 -2.22 3.01
CA GLN B 102 53.85 -2.99 2.10
C GLN B 102 54.71 -3.98 2.86
N ASN B 103 55.44 -3.48 3.86
CA ASN B 103 56.40 -4.32 4.55
C ASN B 103 55.72 -5.31 5.50
N TRP B 104 54.52 -5.01 6.01
CA TRP B 104 53.85 -6.01 6.84
C TRP B 104 53.24 -7.14 6.01
N VAL B 105 52.68 -6.85 4.84
CA VAL B 105 52.24 -7.99 4.02
C VAL B 105 53.43 -8.77 3.46
N ARG B 106 54.57 -8.10 3.19
CA ARG B 106 55.77 -8.83 2.78
CA ARG B 106 55.77 -8.83 2.78
C ARG B 106 56.32 -9.68 3.91
N LEU B 107 56.24 -9.21 5.16
CA LEU B 107 56.73 -10.03 6.25
C LEU B 107 55.75 -11.16 6.58
N TRP B 108 54.47 -11.01 6.26
CA TRP B 108 53.60 -12.17 6.25
C TRP B 108 54.03 -13.19 5.21
N LEU B 109 54.24 -12.75 3.97
CA LEU B 109 54.38 -13.69 2.85
C LEU B 109 55.71 -14.44 2.87
N ASP B 110 56.65 -14.02 3.71
CA ASP B 110 57.86 -14.80 3.98
C ASP B 110 57.67 -15.46 5.35
N GLU B 111 57.66 -16.79 5.38
CA GLU B 111 57.21 -17.53 6.57
C GLU B 111 58.26 -17.48 7.69
N GLU B 112 59.54 -17.68 7.33
CA GLU B 112 60.58 -17.72 8.36
C GLU B 112 60.81 -16.34 8.97
N LYS B 113 60.71 -15.29 8.17
CA LYS B 113 60.84 -13.95 8.71
C LYS B 113 59.53 -13.47 9.33
N LYS B 114 58.40 -14.12 9.03
CA LYS B 114 57.20 -13.99 9.86
C LYS B 114 57.45 -14.54 11.27
N LEU B 115 58.13 -15.70 11.35
CA LEU B 115 58.45 -16.24 12.67
C LEU B 115 59.49 -15.39 13.38
N SER B 116 60.40 -14.78 12.62
CA SER B 116 61.34 -13.80 13.19
C SER B 116 60.60 -12.58 13.75
N ALA B 117 59.59 -12.11 13.02
CA ALA B 117 58.76 -11.01 13.52
C ALA B 117 57.96 -11.43 14.76
N ALA B 118 57.54 -12.70 14.81
CA ALA B 118 56.82 -13.20 15.98
C ALA B 118 57.71 -13.27 17.21
N LYS B 119 58.92 -13.81 17.04
CA LYS B 119 59.86 -13.85 18.17
C LYS B 119 60.22 -12.44 18.62
N GLU B 120 60.37 -11.51 17.65
CA GLU B 120 60.66 -10.12 17.98
C GLU B 120 59.47 -9.44 18.66
N ILE B 121 58.24 -9.86 18.35
CA ILE B 121 57.11 -9.14 18.92
C ILE B 121 56.88 -9.59 20.36
N LEU B 122 57.15 -10.86 20.69
CA LEU B 122 57.20 -11.17 22.12
C LEU B 122 58.46 -10.65 22.80
N LYS B 123 59.54 -10.40 22.06
CA LYS B 123 60.70 -9.75 22.68
C LYS B 123 60.40 -8.32 23.12
N MET B 124 59.70 -7.52 22.30
CA MET B 124 59.43 -6.20 22.87
C MET B 124 58.15 -6.18 23.69
N ARG B 125 57.38 -7.29 23.72
CA ARG B 125 56.47 -7.48 24.86
C ARG B 125 57.25 -7.57 26.16
N VAL B 126 58.34 -8.34 26.16
CA VAL B 126 59.21 -8.45 27.33
C VAL B 126 59.86 -7.10 27.65
N ASP B 127 60.26 -6.36 26.60
CA ASP B 127 60.85 -5.04 26.80
C ASP B 127 59.84 -4.03 27.34
N SER B 128 58.57 -4.13 26.93
CA SER B 128 57.55 -3.24 27.48
C SER B 128 57.23 -3.61 28.93
N LEU B 129 57.33 -4.90 29.27
CA LEU B 129 57.21 -5.31 30.67
C LEU B 129 58.36 -4.76 31.50
N SER B 130 59.57 -4.80 30.96
CA SER B 130 60.73 -4.33 31.70
C SER B 130 60.81 -2.81 31.78
N THR B 131 60.24 -2.11 30.80
CA THR B 131 60.41 -0.67 30.69
C THR B 131 59.43 0.08 31.58
N HIS B 132 58.13 -0.18 31.42
CA HIS B 132 57.11 0.64 32.06
C HIS B 132 56.95 0.21 33.52
N VAL B 133 57.20 1.16 34.43
CA VAL B 133 57.13 0.89 35.86
C VAL B 133 55.97 1.68 36.46
N HIS B 134 55.52 1.24 37.63
CA HIS B 134 54.43 1.88 38.36
C HIS B 134 54.80 1.94 39.83
N ASP B 135 54.20 2.89 40.54
CA ASP B 135 54.47 3.09 41.97
C ASP B 135 53.61 2.21 42.88
N PHE B 136 53.02 1.13 42.37
CA PHE B 136 52.32 0.18 43.21
C PHE B 136 52.51 -1.22 42.63
N GLY B 137 52.31 -2.22 43.48
CA GLY B 137 52.27 -3.60 43.03
C GLY B 137 53.62 -4.27 42.86
N VAL B 138 53.75 -5.06 41.79
CA VAL B 138 54.91 -5.90 41.58
C VAL B 138 56.04 -5.06 40.98
N ASP B 139 57.21 -5.11 41.62
CA ASP B 139 58.41 -4.55 41.02
C ASP B 139 58.81 -5.41 39.83
N VAL B 140 59.20 -4.77 38.73
CA VAL B 140 59.52 -5.47 37.49
C VAL B 140 60.98 -5.89 37.48
N GLU B 141 61.69 -5.67 38.59
CA GLU B 141 63.09 -6.04 38.71
C GLU B 141 63.37 -6.99 39.88
N ASN B 142 62.36 -7.67 40.41
CA ASN B 142 62.59 -8.60 41.51
C ASN B 142 63.04 -9.95 40.97
N LYS B 143 63.10 -10.95 41.86
CA LYS B 143 63.65 -12.25 41.49
C LYS B 143 62.68 -13.03 40.60
N ARG B 144 61.39 -13.04 40.94
CA ARG B 144 60.42 -13.86 40.23
C ARG B 144 60.18 -13.34 38.82
N VAL B 145 60.05 -12.02 38.69
CA VAL B 145 59.80 -11.39 37.39
C VAL B 145 61.01 -11.56 36.48
N SER B 146 62.22 -11.37 37.01
CA SER B 146 63.43 -11.56 36.20
C SER B 146 63.62 -13.02 35.82
N SER B 147 63.21 -13.94 36.71
CA SER B 147 63.30 -15.37 36.42
C SER B 147 62.38 -15.76 35.27
N ILE B 148 61.11 -15.34 35.32
CA ILE B 148 60.19 -15.70 34.24
C ILE B 148 60.55 -14.95 32.96
N VAL B 149 61.13 -13.74 33.09
CA VAL B 149 61.53 -12.97 31.91
C VAL B 149 62.67 -13.67 31.19
N ASN B 150 63.74 -14.07 31.90
CA ASN B 150 64.88 -14.66 31.20
C ASN B 150 64.53 -16.07 30.70
N LYS B 151 63.68 -16.78 31.45
CA LYS B 151 63.15 -18.06 31.00
C LYS B 151 62.38 -17.91 29.69
N PHE B 152 61.62 -16.82 29.53
CA PHE B 152 60.84 -16.71 28.31
C PHE B 152 61.64 -16.09 27.18
N ASP B 153 62.73 -15.37 27.47
CA ASP B 153 63.67 -15.03 26.40
C ASP B 153 64.34 -16.28 25.82
N LYS B 154 64.84 -17.17 26.69
CA LYS B 154 65.47 -18.38 26.13
C LYS B 154 64.43 -19.30 25.49
N GLY B 155 63.20 -19.30 26.02
CA GLY B 155 62.13 -20.04 25.39
C GLY B 155 61.71 -19.49 24.04
N VAL B 156 61.79 -18.17 23.86
CA VAL B 156 61.48 -17.56 22.57
C VAL B 156 62.58 -17.88 21.56
N THR B 157 63.85 -17.77 21.95
CA THR B 157 64.92 -18.02 20.98
C THR B 157 65.13 -19.50 20.69
N GLN B 158 64.64 -20.40 21.58
CA GLN B 158 64.79 -21.81 21.23
C GLN B 158 63.71 -22.28 20.27
N ALA B 159 62.53 -21.65 20.31
CA ALA B 159 61.35 -22.22 19.67
C ALA B 159 61.28 -21.90 18.18
N THR B 160 60.53 -22.72 17.44
CA THR B 160 60.42 -22.58 16.00
C THR B 160 59.00 -22.74 15.45
N SER B 161 58.03 -23.16 16.27
CA SER B 161 56.68 -23.43 15.81
C SER B 161 55.68 -22.56 16.56
N PHE B 162 54.55 -22.25 15.90
CA PHE B 162 53.59 -21.33 16.47
C PHE B 162 52.81 -21.94 17.64
N GLU B 163 52.69 -23.26 17.68
CA GLU B 163 51.98 -23.91 18.78
C GLU B 163 52.75 -23.77 20.09
N SER B 164 54.08 -23.94 20.03
CA SER B 164 54.90 -23.74 21.22
C SER B 164 54.96 -22.27 21.61
N LEU B 165 54.88 -21.36 20.62
CA LEU B 165 54.82 -19.93 20.94
C LEU B 165 53.52 -19.59 21.64
N LEU B 166 52.41 -20.20 21.21
CA LEU B 166 51.11 -19.96 21.84
C LEU B 166 51.08 -20.56 23.25
N GLY B 167 51.67 -21.73 23.43
CA GLY B 167 51.79 -22.31 24.75
C GLY B 167 52.68 -21.49 25.67
N HIS B 168 53.76 -20.91 25.11
CA HIS B 168 54.62 -20.03 25.88
C HIS B 168 53.88 -18.77 26.30
N GLU B 169 53.04 -18.22 25.41
CA GLU B 169 52.26 -17.05 25.77
C GLU B 169 51.26 -17.37 26.88
N GLY B 170 50.60 -18.53 26.78
CA GLY B 170 49.69 -18.95 27.84
C GLY B 170 50.40 -19.19 29.17
N THR B 171 51.59 -19.78 29.11
CA THR B 171 52.38 -20.01 30.33
C THR B 171 52.83 -18.69 30.95
N PHE B 172 53.20 -17.72 30.10
CA PHE B 172 53.63 -16.41 30.57
C PHE B 172 52.50 -15.67 31.27
N VAL B 173 51.31 -15.64 30.66
CA VAL B 173 50.19 -14.94 31.30
C VAL B 173 49.71 -15.69 32.55
N LYS B 174 49.78 -17.03 32.56
CA LYS B 174 49.29 -17.72 33.75
C LYS B 174 50.29 -17.59 34.91
N SER B 175 51.59 -17.56 34.61
CA SER B 175 52.59 -17.30 35.64
C SER B 175 52.49 -15.86 36.14
N LEU B 176 52.12 -14.93 35.26
CA LEU B 176 52.00 -13.54 35.70
C LEU B 176 50.77 -13.32 36.57
N TYR B 177 49.65 -13.99 36.27
CA TYR B 177 48.52 -14.00 37.22
C TYR B 177 48.87 -14.68 38.54
N LYS B 178 49.68 -15.75 38.53
CA LYS B 178 50.10 -16.35 39.80
C LYS B 178 50.94 -15.38 40.63
N GLU B 179 51.92 -14.72 39.99
CA GLU B 179 52.79 -13.79 40.71
C GLU B 179 52.02 -12.57 41.20
N TYR B 180 51.13 -12.03 40.37
CA TYR B 180 50.38 -10.84 40.74
C TYR B 180 49.28 -11.17 41.75
N ALA B 181 48.82 -12.42 41.77
CA ALA B 181 47.86 -12.83 42.79
C ALA B 181 48.55 -13.08 44.12
N LEU B 182 49.78 -13.60 44.09
CA LEU B 182 50.54 -13.75 45.32
C LEU B 182 50.98 -12.40 45.89
N GLU B 183 51.12 -11.38 45.04
CA GLU B 183 51.48 -10.07 45.55
C GLU B 183 50.31 -9.35 46.22
N TYR B 184 49.07 -9.65 45.82
CA TYR B 184 47.90 -9.00 46.41
C TYR B 184 47.12 -9.91 47.35
N GLU B 185 47.74 -11.01 47.80
CA GLU B 185 47.18 -11.96 48.78
C GLU B 185 45.84 -12.54 48.35
N ILE B 186 45.74 -12.92 47.08
CA ILE B 186 44.54 -13.55 46.56
C ILE B 186 44.92 -14.83 45.81
N GLU B 187 43.94 -15.71 45.66
CA GLU B 187 44.02 -16.86 44.78
C GLU B 187 43.14 -16.57 43.57
N PHE B 188 43.75 -16.55 42.39
CA PHE B 188 43.08 -16.05 41.19
C PHE B 188 43.15 -17.06 40.06
N LYS B 189 42.09 -17.07 39.24
CA LYS B 189 42.07 -17.80 37.97
C LYS B 189 41.30 -16.94 36.98
N ARG B 190 41.96 -16.54 35.90
CA ARG B 190 41.37 -15.60 34.95
C ARG B 190 40.28 -16.28 34.10
N ASP B 191 39.17 -15.58 33.92
CA ASP B 191 37.99 -16.12 33.27
C ASP B 191 37.09 -14.99 32.83
N HIS B 192 36.52 -15.09 31.62
CA HIS B 192 35.51 -14.12 31.19
C HIS B 192 34.23 -14.26 32.01
N LYS B 193 33.84 -15.50 32.32
CA LYS B 193 32.50 -15.76 32.86
C LYS B 193 32.39 -15.40 34.34
N SER B 194 33.51 -15.12 35.01
CA SER B 194 33.45 -14.76 36.43
C SER B 194 32.87 -13.37 36.61
N ALA B 195 31.93 -13.25 37.56
CA ALA B 195 31.20 -12.02 37.77
C ALA B 195 31.78 -11.16 38.88
N ASP B 196 32.93 -11.53 39.44
CA ASP B 196 33.54 -10.73 40.50
C ASP B 196 34.22 -9.48 39.92
N ASN B 197 34.71 -8.64 40.83
CA ASN B 197 35.29 -7.37 40.42
C ASN B 197 36.62 -7.55 39.70
N TYR B 198 37.40 -8.55 40.12
CA TYR B 198 38.74 -8.76 39.57
C TYR B 198 38.70 -9.14 38.09
N ASN B 199 37.91 -10.16 37.76
CA ASN B 199 37.84 -10.61 36.37
C ASN B 199 37.12 -9.61 35.48
N LYS B 200 36.15 -8.88 36.03
CA LYS B 200 35.48 -7.86 35.23
C LYS B 200 36.40 -6.68 34.95
N PHE B 201 37.30 -6.34 35.89
CA PHE B 201 38.25 -5.28 35.59
C PHE B 201 39.36 -5.75 34.67
N LEU B 202 39.72 -7.03 34.71
CA LEU B 202 40.61 -7.57 33.67
C LEU B 202 39.98 -7.53 32.28
N THR B 203 38.69 -7.84 32.17
CA THR B 203 38.07 -7.78 30.84
C THR B 203 37.90 -6.34 30.36
N LEU B 204 37.58 -5.42 31.27
CA LEU B 204 37.52 -4.00 30.90
C LEU B 204 38.88 -3.45 30.48
N GLY B 205 39.94 -3.78 31.23
CA GLY B 205 41.28 -3.35 30.84
C GLY B 205 41.75 -4.00 29.56
N ASN B 206 41.35 -5.25 29.33
CA ASN B 206 41.65 -5.94 28.09
C ASN B 206 40.96 -5.29 26.90
N TYR B 207 39.72 -4.85 27.08
CA TYR B 207 39.02 -4.16 25.99
C TYR B 207 39.57 -2.75 25.78
N TYR B 208 40.08 -2.12 26.85
CA TYR B 208 40.80 -0.85 26.67
C TYR B 208 42.11 -1.06 25.91
N ALA B 209 42.79 -2.20 26.17
CA ALA B 209 44.00 -2.53 25.43
C ALA B 209 43.68 -2.77 23.96
N TYR B 210 42.53 -3.39 23.68
CA TYR B 210 42.05 -3.51 22.30
C TYR B 210 41.79 -2.16 21.68
N GLY B 211 41.22 -1.22 22.46
CA GLY B 211 40.97 0.12 21.94
C GLY B 211 42.23 0.88 21.58
N ILE B 212 43.23 0.85 22.47
CA ILE B 212 44.48 1.56 22.20
C ILE B 212 45.28 0.86 21.10
N ALA B 213 45.13 -0.47 20.98
CA ALA B 213 45.77 -1.20 19.89
C ALA B 213 45.16 -0.81 18.55
N ARG B 214 43.83 -0.74 18.48
CA ARG B 214 43.15 -0.34 17.25
C ARG B 214 43.44 1.12 16.90
N SER B 215 43.58 1.97 17.92
CA SER B 215 43.96 3.36 17.69
C SER B 215 45.35 3.46 17.07
N SER B 216 46.31 2.67 17.58
CA SER B 216 47.65 2.66 16.99
C SER B 216 47.65 2.09 15.58
N LEU B 217 46.83 1.05 15.36
CA LEU B 217 46.72 0.43 14.03
C LEU B 217 46.19 1.42 13.00
N TRP B 218 45.15 2.17 13.36
CA TRP B 218 44.62 3.13 12.41
C TRP B 218 45.53 4.34 12.31
N ALA B 219 46.29 4.63 13.39
CA ALA B 219 47.24 5.73 13.40
C ALA B 219 48.34 5.53 12.39
N LEU B 220 48.87 4.31 12.29
CA LEU B 220 49.81 4.08 11.20
C LEU B 220 49.13 3.60 9.93
N GLY B 221 47.89 3.11 10.00
CA GLY B 221 47.10 2.79 8.83
C GLY B 221 46.78 1.33 8.63
N ILE B 222 47.38 0.43 9.42
CA ILE B 222 47.15 -1.00 9.25
C ILE B 222 45.79 -1.39 9.81
N ASP B 223 45.17 -2.39 9.19
CA ASP B 223 43.80 -2.79 9.51
C ASP B 223 43.79 -3.81 10.65
N ASN B 224 42.60 -3.99 11.22
CA ASN B 224 42.37 -4.82 12.40
C ASN B 224 42.58 -6.32 12.16
N SER B 225 42.65 -6.76 10.91
CA SER B 225 42.47 -8.17 10.58
C SER B 225 43.68 -8.84 9.94
N PHE B 226 44.93 -8.44 10.18
CA PHE B 226 46.10 -9.12 9.61
C PHE B 226 46.98 -9.69 10.72
N PRO B 227 46.53 -10.76 11.44
CA PRO B 227 47.23 -11.21 12.64
C PRO B 227 48.60 -11.85 12.43
N LEU B 228 49.33 -12.07 13.53
CA LEU B 228 50.59 -12.78 13.51
C LEU B 228 50.55 -14.05 14.37
N LEU B 229 50.23 -13.93 15.65
CA LEU B 229 50.35 -15.06 16.57
C LEU B 229 49.10 -15.93 16.58
N HIS B 230 47.93 -15.33 16.47
CA HIS B 230 46.68 -16.09 16.50
C HIS B 230 46.43 -16.74 15.14
N GLY B 231 45.31 -17.45 15.05
CA GLY B 231 44.94 -18.09 13.80
C GLY B 231 44.48 -17.09 12.76
N SER B 232 44.51 -17.56 11.51
CA SER B 232 44.10 -16.72 10.38
C SER B 232 42.60 -16.43 10.38
N THR B 233 41.79 -17.34 10.91
CA THR B 233 40.35 -17.14 10.99
C THR B 233 39.96 -16.62 12.37
N ARG B 234 40.56 -15.49 12.75
CA ARG B 234 40.25 -14.84 14.02
C ARG B 234 39.99 -13.37 13.76
N ARG B 235 38.85 -12.88 14.25
CA ARG B 235 38.43 -11.50 13.99
C ARG B 235 39.15 -10.56 14.95
N GLY B 236 39.60 -9.42 14.44
CA GLY B 236 40.40 -8.51 15.24
C GLY B 236 41.79 -9.03 15.51
N GLY B 237 42.61 -9.21 14.48
CA GLY B 237 43.86 -9.94 14.65
C GLY B 237 44.96 -9.14 15.32
N LEU B 238 45.45 -8.09 14.66
CA LEU B 238 46.46 -7.23 15.25
C LEU B 238 45.95 -6.43 16.44
N VAL B 239 44.63 -6.25 16.56
CA VAL B 239 44.08 -5.67 17.78
C VAL B 239 44.43 -6.54 18.97
N PHE B 240 44.16 -7.84 18.87
CA PHE B 240 44.49 -8.78 19.95
C PHE B 240 46.00 -8.92 20.09
N ASP B 241 46.73 -8.97 18.97
CA ASP B 241 48.15 -9.29 19.01
C ASP B 241 48.98 -8.13 19.53
N VAL B 242 48.65 -6.89 19.15
CA VAL B 242 49.40 -5.73 19.64
C VAL B 242 48.90 -5.35 21.03
N ALA B 243 47.64 -5.66 21.36
CA ALA B 243 47.22 -5.51 22.74
C ALA B 243 47.84 -6.55 23.66
N ASP B 244 48.29 -7.69 23.12
CA ASP B 244 49.02 -8.67 23.92
C ASP B 244 50.33 -8.13 24.47
N ILE B 245 50.91 -7.12 23.80
CA ILE B 245 52.14 -6.49 24.28
C ILE B 245 51.91 -5.78 25.59
N ILE B 246 50.79 -5.07 25.71
CA ILE B 246 50.52 -4.21 26.84
C ILE B 246 49.67 -4.94 27.90
N LYS B 247 48.95 -6.00 27.50
CA LYS B 247 48.07 -6.76 28.40
C LYS B 247 48.81 -7.40 29.56
N THR B 248 50.08 -7.73 29.37
CA THR B 248 50.90 -8.23 30.47
C THR B 248 51.79 -7.16 31.08
N SER B 249 52.06 -6.07 30.36
CA SER B 249 52.99 -5.05 30.81
C SER B 249 52.30 -3.98 31.68
N ILE B 250 51.19 -3.42 31.19
CA ILE B 250 50.53 -2.29 31.85
C ILE B 250 49.11 -2.63 32.28
N ILE B 251 48.38 -3.37 31.44
CA ILE B 251 46.96 -3.66 31.71
C ILE B 251 46.81 -4.57 32.92
N LEU B 252 47.65 -5.60 33.01
CA LEU B 252 47.58 -6.52 34.16
C LEU B 252 47.91 -5.86 35.50
N PRO B 253 48.98 -5.05 35.68
CA PRO B 253 49.15 -4.40 36.99
C PRO B 253 48.11 -3.35 37.31
N LEU B 254 47.68 -2.55 36.32
CA LEU B 254 46.65 -1.54 36.56
C LEU B 254 45.32 -2.18 36.92
N ALA B 255 44.96 -3.27 36.24
CA ALA B 255 43.72 -3.97 36.51
C ALA B 255 43.75 -4.66 37.88
N PHE B 256 44.88 -5.30 38.22
CA PHE B 256 44.99 -5.93 39.53
C PHE B 256 44.97 -4.90 40.65
N HIS B 257 45.61 -3.75 40.46
CA HIS B 257 45.60 -2.71 41.49
C HIS B 257 44.21 -2.10 41.64
N ALA B 258 43.57 -1.76 40.52
CA ALA B 258 42.27 -1.09 40.56
C ALA B 258 41.17 -2.02 41.05
N ALA B 259 41.34 -3.33 40.87
CA ALA B 259 40.44 -4.27 41.53
C ALA B 259 40.91 -4.58 42.96
N ASP B 260 42.14 -4.20 43.31
CA ASP B 260 42.60 -4.43 44.67
C ASP B 260 42.01 -3.42 45.64
N GLN B 261 41.98 -2.12 45.29
CA GLN B 261 41.28 -1.25 46.25
C GLN B 261 39.83 -0.98 45.84
N GLY B 262 39.40 -1.51 44.70
CA GLY B 262 37.99 -1.49 44.32
C GLY B 262 37.40 -0.14 44.00
N MET B 263 38.12 0.68 43.22
CA MET B 263 37.50 1.87 42.65
C MET B 263 36.55 1.47 41.52
N SER B 264 35.67 2.39 41.16
CA SER B 264 34.63 2.10 40.18
C SER B 264 35.20 2.09 38.76
N ASN B 265 34.34 1.76 37.80
CA ASN B 265 34.79 1.53 36.43
C ASN B 265 35.15 2.84 35.71
N THR B 266 34.44 3.93 36.04
CA THR B 266 34.68 5.19 35.36
C THR B 266 36.00 5.83 35.79
N GLU B 267 36.33 5.77 37.08
CA GLU B 267 37.60 6.31 37.52
C GLU B 267 38.76 5.41 37.12
N PHE B 268 38.52 4.11 36.98
CA PHE B 268 39.56 3.22 36.48
C PHE B 268 39.79 3.43 34.97
N LYS B 269 38.72 3.74 34.23
CA LYS B 269 38.84 4.21 32.85
C LYS B 269 39.65 5.51 32.78
N ARG B 270 39.35 6.45 33.69
CA ARG B 270 40.05 7.74 33.66
C ARG B 270 41.52 7.60 34.06
N SER B 271 41.82 6.69 34.99
CA SER B 271 43.20 6.43 35.37
C SER B 271 43.97 5.72 34.26
N CYS B 272 43.31 4.79 33.56
CA CYS B 272 43.93 4.15 32.40
C CYS B 272 44.22 5.17 31.30
N VAL B 273 43.27 6.06 31.03
CA VAL B 273 43.46 7.10 30.01
C VAL B 273 44.55 8.09 30.43
N ALA B 274 44.64 8.39 31.73
CA ALA B 274 45.71 9.24 32.23
C ALA B 274 47.07 8.58 32.08
N TYR B 275 47.13 7.25 32.26
CA TYR B 275 48.37 6.53 31.97
C TYR B 275 48.66 6.52 30.47
N PHE B 276 47.60 6.49 29.65
CA PHE B 276 47.78 6.47 28.20
C PHE B 276 48.27 7.82 27.67
N ASP B 277 47.91 8.89 28.38
CA ASP B 277 48.26 10.24 27.92
C ASP B 277 49.56 10.74 28.52
N LYS B 278 49.71 10.63 29.84
CA LYS B 278 50.89 11.15 30.52
C LYS B 278 52.14 10.36 30.15
N ASN B 279 52.05 9.04 30.11
CA ASN B 279 53.17 8.20 29.74
C ASN B 279 53.23 7.93 28.24
N ASP B 280 52.16 8.29 27.51
CA ASP B 280 52.14 8.45 26.06
C ASP B 280 52.46 7.11 25.39
N ILE B 281 51.55 6.15 25.56
CA ILE B 281 51.82 4.75 25.20
C ILE B 281 51.82 4.59 23.68
N LEU B 282 50.87 5.26 23.01
CA LEU B 282 50.62 5.08 21.59
C LEU B 282 51.83 5.43 20.74
N ALA B 283 52.70 6.32 21.24
CA ALA B 283 53.97 6.58 20.58
C ALA B 283 54.86 5.35 20.57
N TYR B 284 54.92 4.60 21.68
CA TYR B 284 55.76 3.40 21.66
C TYR B 284 55.10 2.26 20.88
N LEU B 285 53.77 2.18 20.82
CA LEU B 285 53.21 1.19 19.89
C LEU B 285 53.47 1.57 18.44
N ILE B 286 53.42 2.87 18.11
CA ILE B 286 53.70 3.32 16.75
C ILE B 286 55.16 3.03 16.39
N ASN B 287 56.07 3.31 17.31
CA ASN B 287 57.49 3.02 17.11
C ASN B 287 57.73 1.51 17.04
N ASN B 288 56.92 0.72 17.74
CA ASN B 288 57.06 -0.73 17.69
C ASN B 288 56.61 -1.28 16.34
N ILE B 289 55.50 -0.76 15.79
CA ILE B 289 55.10 -1.10 14.42
C ILE B 289 56.18 -0.68 13.43
N LYS B 290 56.80 0.48 13.66
CA LYS B 290 57.86 0.96 12.80
C LYS B 290 59.08 0.05 12.85
N ARG B 291 59.42 -0.47 14.02
CA ARG B 291 60.58 -1.36 14.10
C ARG B 291 60.25 -2.80 13.71
N LEU B 292 58.97 -3.18 13.68
CA LEU B 292 58.60 -4.41 12.97
C LEU B 292 58.77 -4.27 11.46
N CYS B 293 58.30 -3.17 10.86
CA CYS B 293 58.11 -3.18 9.41
C CYS B 293 59.42 -3.01 8.64
N MET B 294 60.22 -1.98 8.97
CA MET B 294 61.46 -1.81 8.19
C MET B 294 62.52 -2.84 8.54
N GLU B 295 62.37 -3.50 9.69
CA GLU B 295 63.26 -4.56 10.20
C GLU B 295 64.73 -4.11 10.34
N MET C 1 -25.58 19.03 -9.03
CA MET C 1 -25.80 18.12 -7.91
C MET C 1 -24.84 16.94 -7.94
N GLN C 2 -23.92 17.01 -8.91
CA GLN C 2 -23.01 15.94 -9.39
C GLN C 2 -23.79 14.82 -10.07
N LYS C 3 -23.17 14.16 -11.03
CA LYS C 3 -23.87 13.30 -11.98
C LYS C 3 -24.32 11.94 -11.40
N GLN C 4 -24.27 11.82 -10.07
CA GLN C 4 -24.65 10.58 -9.35
C GLN C 4 -23.69 9.40 -9.47
N ILE C 5 -22.43 9.66 -9.80
CA ILE C 5 -21.40 8.61 -9.88
C ILE C 5 -21.75 7.41 -10.74
N LEU C 6 -21.24 7.37 -11.96
CA LEU C 6 -21.62 6.31 -12.90
C LEU C 6 -21.17 4.95 -12.42
N THR C 7 -21.81 3.90 -12.95
CA THR C 7 -21.93 2.66 -12.20
C THR C 7 -20.86 1.63 -12.55
N SER C 8 -19.94 1.96 -13.45
CA SER C 8 -18.80 1.07 -13.67
C SER C 8 -17.71 1.21 -12.62
N GLN C 9 -17.80 2.27 -11.82
CA GLN C 9 -16.74 2.70 -10.92
C GLN C 9 -17.16 2.53 -9.45
N LYS C 10 -18.12 1.65 -9.19
CA LYS C 10 -18.53 1.28 -7.85
C LYS C 10 -17.67 0.10 -7.38
N ARG C 11 -17.11 0.21 -6.18
CA ARG C 11 -15.95 -0.62 -5.88
C ARG C 11 -15.99 -1.44 -4.59
N ASN C 12 -17.09 -1.47 -3.83
CA ASN C 12 -17.11 -2.16 -2.55
C ASN C 12 -18.23 -3.18 -2.45
N MET C 13 -17.91 -4.35 -1.89
CA MET C 13 -18.83 -5.49 -1.85
C MET C 13 -18.99 -6.00 -0.41
N TYR C 14 -20.15 -6.58 -0.14
CA TYR C 14 -20.51 -7.03 1.20
C TYR C 14 -21.38 -8.28 1.14
N ILE C 15 -21.03 -9.29 1.91
CA ILE C 15 -21.97 -10.27 2.43
C ILE C 15 -22.03 -10.05 3.93
N LEU C 16 -23.21 -9.79 4.45
CA LEU C 16 -23.34 -9.24 5.80
C LEU C 16 -24.10 -10.22 6.68
N SER C 17 -23.39 -10.82 7.63
CA SER C 17 -23.95 -11.83 8.52
C SER C 17 -23.98 -11.31 9.95
N ARG C 18 -25.13 -11.46 10.60
CA ARG C 18 -25.36 -11.15 12.01
C ARG C 18 -25.09 -9.66 12.28
N CYS C 19 -25.95 -8.82 11.68
CA CYS C 19 -25.85 -7.37 11.80
C CYS C 19 -27.18 -6.73 11.43
N LYS C 20 -27.27 -5.41 11.64
CA LYS C 20 -28.48 -4.63 11.39
C LYS C 20 -28.13 -3.42 10.53
N VAL C 21 -28.65 -3.37 9.31
CA VAL C 21 -28.30 -2.35 8.33
C VAL C 21 -29.28 -1.20 8.44
N LEU C 22 -28.76 0.00 8.69
CA LEU C 22 -29.59 1.20 8.77
C LEU C 22 -28.74 2.39 8.32
N VAL C 23 -29.19 3.60 8.65
CA VAL C 23 -28.46 4.83 8.34
C VAL C 23 -28.41 5.69 9.61
N LYS C 24 -27.24 6.23 9.90
CA LYS C 24 -27.07 7.22 10.97
C LYS C 24 -26.26 8.40 10.42
N ASN C 25 -26.76 9.61 10.70
CA ASN C 25 -26.09 10.89 10.38
C ASN C 25 -25.81 11.02 8.88
N GLY C 26 -26.73 10.53 8.05
CA GLY C 26 -26.52 10.56 6.62
C GLY C 26 -25.47 9.60 6.13
N GLN C 27 -25.18 8.55 6.90
CA GLN C 27 -24.21 7.53 6.52
C GLN C 27 -24.84 6.15 6.69
N VAL C 28 -24.85 5.37 5.61
CA VAL C 28 -25.40 4.02 5.67
C VAL C 28 -24.39 3.11 6.35
N CYS C 29 -24.88 2.23 7.21
CA CYS C 29 -24.06 1.55 8.19
C CYS C 29 -24.76 0.30 8.66
N HIS C 30 -24.06 -0.51 9.45
CA HIS C 30 -24.69 -1.64 10.11
C HIS C 30 -24.09 -1.86 11.49
N LEU C 31 -24.87 -2.53 12.33
CA LEU C 31 -24.63 -2.65 13.75
C LEU C 31 -24.48 -4.11 14.14
N HIS C 32 -23.50 -4.40 14.97
CA HIS C 32 -23.44 -5.66 15.71
C HIS C 32 -24.12 -5.47 17.05
N GLU C 33 -23.98 -6.42 17.97
CA GLU C 33 -24.64 -6.35 19.26
C GLU C 33 -23.81 -5.60 20.31
N ASP C 34 -22.64 -5.09 19.92
CA ASP C 34 -21.75 -4.41 20.86
C ASP C 34 -21.95 -2.91 20.91
N GLY C 35 -22.92 -2.37 20.18
CA GLY C 35 -23.08 -0.93 20.08
C GLY C 35 -22.11 -0.27 19.14
N ASN C 36 -21.36 -1.04 18.35
CA ASN C 36 -20.36 -0.48 17.45
C ASN C 36 -20.92 -0.45 16.04
N VAL C 37 -20.58 0.58 15.27
CA VAL C 37 -21.27 0.87 14.01
C VAL C 37 -20.25 0.93 12.88
N TYR C 38 -20.59 0.29 11.76
CA TYR C 38 -19.72 0.06 10.61
C TYR C 38 -19.94 1.25 9.67
N THR C 39 -19.28 1.25 8.51
CA THR C 39 -19.53 2.21 7.44
C THR C 39 -19.70 1.51 6.10
N VAL C 40 -20.68 1.96 5.32
CA VAL C 40 -20.97 1.45 3.98
C VAL C 40 -20.71 2.58 2.98
N PRO C 41 -19.75 2.44 2.08
CA PRO C 41 -19.51 3.48 1.06
C PRO C 41 -20.52 3.47 -0.08
N TYR C 42 -21.65 4.18 0.08
CA TYR C 42 -22.81 4.01 -0.80
C TYR C 42 -22.52 4.41 -2.25
N ALA C 43 -21.64 5.40 -2.43
CA ALA C 43 -21.33 5.88 -3.77
C ALA C 43 -20.46 4.89 -4.54
N ASN C 44 -19.76 4.00 -3.84
CA ASN C 44 -18.97 2.96 -4.48
C ASN C 44 -19.33 1.56 -4.05
N THR C 45 -20.34 1.36 -3.22
CA THR C 45 -20.78 -0.02 -3.02
C THR C 45 -21.55 -0.52 -4.21
N VAL C 46 -21.38 -1.81 -4.48
CA VAL C 46 -22.19 -2.51 -5.46
C VAL C 46 -23.53 -2.88 -4.87
N PHE C 47 -23.47 -3.58 -3.75
CA PHE C 47 -24.55 -4.42 -3.30
C PHE C 47 -24.29 -4.75 -1.84
N ILE C 48 -25.35 -5.18 -1.16
CA ILE C 48 -25.25 -5.69 0.20
C ILE C 48 -26.03 -7.00 0.23
N GLY C 49 -25.32 -8.11 0.44
CA GLY C 49 -25.98 -9.35 0.76
C GLY C 49 -26.34 -9.41 2.23
N LEU C 50 -27.48 -10.03 2.53
CA LEU C 50 -28.11 -9.91 3.84
C LEU C 50 -28.33 -11.33 4.37
N ALA C 51 -27.48 -11.77 5.29
CA ALA C 51 -27.51 -13.16 5.74
C ALA C 51 -28.52 -13.35 6.87
N GLU C 52 -28.41 -14.49 7.56
CA GLU C 52 -29.37 -14.88 8.57
C GLU C 52 -29.27 -13.98 9.80
N GLY C 53 -30.42 -13.71 10.42
CA GLY C 53 -30.48 -12.84 11.57
C GLY C 53 -30.29 -11.38 11.28
N THR C 54 -30.51 -10.96 10.03
CA THR C 54 -30.23 -9.60 9.59
C THR C 54 -31.46 -8.96 8.98
N SER C 55 -31.47 -7.62 8.97
CA SER C 55 -32.58 -6.85 8.45
C SER C 55 -32.08 -5.46 8.05
N ILE C 56 -32.76 -4.84 7.10
CA ILE C 56 -32.41 -3.51 6.59
C ILE C 56 -33.65 -2.63 6.66
N THR C 57 -33.47 -1.35 7.03
CA THR C 57 -34.57 -0.41 7.11
C THR C 57 -34.91 0.14 5.73
N ASN C 58 -35.90 1.04 5.68
CA ASN C 58 -36.36 1.56 4.39
C ASN C 58 -35.56 2.78 3.94
N GLU C 59 -35.21 3.66 4.88
CA GLU C 59 -34.53 4.90 4.51
C GLU C 59 -33.12 4.65 4.00
N ALA C 60 -32.42 3.70 4.63
CA ALA C 60 -31.11 3.29 4.13
C ALA C 60 -31.25 2.58 2.79
N MET C 61 -32.33 1.82 2.59
CA MET C 61 -32.61 1.21 1.30
C MET C 61 -32.83 2.26 0.23
N SER C 62 -33.52 3.36 0.58
CA SER C 62 -33.74 4.46 -0.35
C SER C 62 -32.43 5.16 -0.71
N MET C 63 -31.58 5.39 0.28
CA MET C 63 -30.36 6.14 0.03
C MET C 63 -29.31 5.29 -0.70
N LEU C 64 -29.32 3.96 -0.48
CA LEU C 64 -28.46 3.11 -1.31
C LEU C 64 -29.03 2.91 -2.70
N ALA C 65 -30.36 2.88 -2.85
CA ALA C 65 -30.94 2.59 -4.16
C ALA C 65 -31.03 3.84 -5.05
N ALA C 66 -30.94 5.03 -4.46
CA ALA C 66 -30.79 6.24 -5.27
C ALA C 66 -29.48 6.21 -6.03
N ASN C 67 -28.40 5.77 -5.39
CA ASN C 67 -27.15 5.47 -6.06
C ASN C 67 -27.16 4.09 -6.72
N GLY C 68 -28.21 3.31 -6.50
CA GLY C 68 -28.33 2.01 -7.15
C GLY C 68 -27.44 0.94 -6.57
N VAL C 69 -27.65 0.64 -5.30
CA VAL C 69 -26.92 -0.40 -4.60
C VAL C 69 -27.93 -1.50 -4.36
N ILE C 70 -27.61 -2.73 -4.74
CA ILE C 70 -28.64 -3.76 -4.71
C ILE C 70 -28.54 -4.56 -3.41
N VAL C 71 -29.67 -4.71 -2.72
CA VAL C 71 -29.73 -5.49 -1.49
C VAL C 71 -30.44 -6.79 -1.80
N PHE C 72 -29.81 -7.90 -1.43
CA PHE C 72 -30.49 -9.19 -1.59
C PHE C 72 -30.31 -10.03 -0.32
N TRP C 73 -30.98 -11.18 -0.32
CA TRP C 73 -31.26 -11.99 0.85
C TRP C 73 -30.82 -13.43 0.58
N THR C 74 -30.07 -13.99 1.53
CA THR C 74 -29.25 -15.16 1.25
C THR C 74 -30.07 -16.43 1.11
N LYS C 75 -31.03 -16.65 2.01
CA LYS C 75 -31.76 -17.91 2.01
C LYS C 75 -33.13 -17.75 1.36
N ALA C 83 -27.47 -21.71 -6.82
CA ALA C 83 -27.65 -22.31 -5.50
C ALA C 83 -28.87 -21.72 -4.80
N ALA C 84 -29.94 -22.53 -4.75
CA ALA C 84 -31.21 -22.24 -4.06
C ALA C 84 -31.92 -21.01 -4.59
N ASP C 85 -33.04 -20.65 -3.95
CA ASP C 85 -33.85 -19.51 -4.34
C ASP C 85 -33.39 -18.29 -3.56
N ILE C 86 -32.97 -17.25 -4.27
CA ILE C 86 -32.36 -16.07 -3.68
C ILE C 86 -33.21 -14.86 -4.04
N ILE C 87 -33.50 -14.04 -3.02
CA ILE C 87 -34.53 -13.00 -3.08
C ILE C 87 -33.85 -11.64 -3.14
N CYS C 88 -34.32 -10.74 -4.01
CA CYS C 88 -33.53 -9.57 -4.33
C CYS C 88 -34.38 -8.32 -4.42
N HIS C 89 -33.71 -7.16 -4.42
CA HIS C 89 -34.37 -5.87 -4.67
C HIS C 89 -33.51 -5.07 -5.66
N LEU C 90 -34.14 -4.62 -6.76
CA LEU C 90 -33.48 -3.71 -7.70
C LEU C 90 -34.05 -2.30 -7.55
N PRO C 91 -33.21 -1.27 -7.71
CA PRO C 91 -33.73 0.11 -7.69
C PRO C 91 -34.53 0.41 -8.95
N GLN C 92 -35.73 0.96 -8.75
CA GLN C 92 -36.63 1.25 -9.85
C GLN C 92 -36.96 2.73 -10.01
N ALA C 93 -36.55 3.57 -9.05
CA ALA C 93 -36.89 4.99 -9.10
C ALA C 93 -36.10 5.71 -10.18
N ASP C 94 -34.82 5.36 -10.34
CA ASP C 94 -34.01 5.97 -11.39
C ASP C 94 -34.40 5.41 -12.75
N TYR C 95 -34.59 6.32 -13.71
CA TYR C 95 -35.13 5.96 -15.02
C TYR C 95 -33.99 5.44 -15.89
N ARG C 96 -34.11 4.18 -16.31
CA ARG C 96 -33.07 3.49 -17.04
C ARG C 96 -32.95 4.03 -18.46
N PRO C 97 -31.77 3.89 -19.08
CA PRO C 97 -31.66 4.10 -20.53
C PRO C 97 -32.43 3.01 -21.27
N THR C 98 -33.51 3.41 -21.94
CA THR C 98 -34.43 2.47 -22.58
C THR C 98 -33.82 1.74 -23.76
N LYS C 99 -32.74 2.26 -24.33
CA LYS C 99 -32.17 1.74 -25.57
C LYS C 99 -31.52 0.36 -25.37
N TYR C 100 -30.89 0.14 -24.21
CA TYR C 100 -30.10 -1.06 -23.97
C TYR C 100 -31.00 -2.28 -23.84
N MET C 101 -31.87 -2.27 -22.83
CA MET C 101 -32.85 -3.33 -22.67
C MET C 101 -33.96 -3.32 -23.73
N GLN C 102 -34.14 -2.21 -24.46
CA GLN C 102 -35.03 -2.23 -25.62
C GLN C 102 -34.48 -3.13 -26.72
N ASN C 103 -33.21 -2.97 -27.06
CA ASN C 103 -32.58 -3.89 -28.00
C ASN C 103 -32.49 -5.30 -27.41
N TRP C 104 -32.35 -5.40 -26.09
CA TRP C 104 -32.34 -6.71 -25.44
C TRP C 104 -33.67 -7.44 -25.57
N VAL C 105 -34.80 -6.73 -25.43
CA VAL C 105 -36.08 -7.44 -25.53
C VAL C 105 -36.45 -7.72 -26.97
N ARG C 106 -36.01 -6.86 -27.91
CA ARG C 106 -36.05 -7.20 -29.34
C ARG C 106 -35.30 -8.49 -29.62
N LEU C 107 -34.14 -8.65 -28.99
CA LEU C 107 -33.44 -9.93 -29.01
C LEU C 107 -34.24 -11.01 -28.30
N TRP C 108 -34.86 -10.69 -27.16
CA TRP C 108 -35.17 -11.72 -26.18
C TRP C 108 -36.42 -12.49 -26.57
N LEU C 109 -37.42 -11.82 -27.12
CA LEU C 109 -38.65 -12.56 -27.38
C LEU C 109 -38.58 -13.36 -28.68
N ASP C 110 -37.49 -13.22 -29.43
CA ASP C 110 -37.17 -14.21 -30.46
C ASP C 110 -36.30 -15.30 -29.84
N GLU C 111 -36.65 -16.57 -30.11
CA GLU C 111 -36.01 -17.69 -29.42
C GLU C 111 -34.58 -17.91 -29.88
N GLU C 112 -34.32 -17.72 -31.19
CA GLU C 112 -32.97 -17.91 -31.71
C GLU C 112 -32.01 -16.82 -31.22
N LYS C 113 -32.50 -15.58 -31.14
CA LYS C 113 -31.64 -14.50 -30.64
C LYS C 113 -31.45 -14.60 -29.13
N LYS C 114 -32.46 -15.13 -28.42
CA LYS C 114 -32.30 -15.49 -27.02
C LYS C 114 -31.24 -16.57 -26.85
N LEU C 115 -31.23 -17.56 -27.76
CA LEU C 115 -30.22 -18.61 -27.73
C LEU C 115 -28.81 -18.06 -27.96
N SER C 116 -28.68 -17.12 -28.91
CA SER C 116 -27.36 -16.56 -29.19
C SER C 116 -26.87 -15.70 -28.04
N ALA C 117 -27.80 -14.99 -27.37
CA ALA C 117 -27.42 -14.24 -26.18
C ALA C 117 -26.99 -15.16 -25.04
N ALA C 118 -27.69 -16.28 -24.85
CA ALA C 118 -27.31 -17.24 -23.83
C ALA C 118 -25.92 -17.84 -24.12
N LYS C 119 -25.67 -18.17 -25.39
CA LYS C 119 -24.36 -18.68 -25.79
C LYS C 119 -23.26 -17.64 -25.56
N GLU C 120 -23.55 -16.37 -25.88
CA GLU C 120 -22.55 -15.32 -25.70
C GLU C 120 -22.26 -15.07 -24.22
N ILE C 121 -23.30 -15.02 -23.39
CA ILE C 121 -23.11 -14.69 -21.98
C ILE C 121 -22.38 -15.82 -21.26
N LEU C 122 -22.59 -17.08 -21.69
CA LEU C 122 -21.89 -18.14 -20.99
C LEU C 122 -20.54 -18.48 -21.61
N LYS C 123 -20.29 -18.11 -22.88
CA LYS C 123 -18.92 -18.20 -23.38
C LYS C 123 -18.07 -17.02 -22.94
N MET C 124 -18.70 -15.98 -22.37
CA MET C 124 -17.96 -14.87 -21.78
C MET C 124 -17.31 -15.25 -20.44
N ARG C 125 -17.64 -16.43 -19.90
CA ARG C 125 -16.97 -16.95 -18.70
C ARG C 125 -15.49 -17.22 -18.95
N VAL C 126 -15.14 -17.63 -20.18
CA VAL C 126 -13.74 -17.86 -20.52
C VAL C 126 -12.99 -16.54 -20.58
N ASP C 127 -13.65 -15.49 -21.08
CA ASP C 127 -13.07 -14.15 -21.05
C ASP C 127 -12.85 -13.67 -19.62
N SER C 128 -13.77 -14.01 -18.72
CA SER C 128 -13.57 -13.73 -17.30
C SER C 128 -12.38 -14.51 -16.74
N LEU C 129 -12.27 -15.79 -17.08
CA LEU C 129 -11.14 -16.61 -16.62
C LEU C 129 -9.81 -16.17 -17.18
N SER C 130 -9.78 -15.51 -18.34
CA SER C 130 -8.53 -15.13 -18.98
C SER C 130 -8.11 -13.70 -18.71
N THR C 131 -9.05 -12.78 -18.43
CA THR C 131 -8.66 -11.38 -18.32
C THR C 131 -8.46 -10.94 -16.87
N HIS C 132 -8.85 -11.78 -15.92
CA HIS C 132 -8.40 -11.62 -14.53
C HIS C 132 -7.40 -12.74 -14.24
N VAL C 133 -6.13 -12.38 -14.08
CA VAL C 133 -5.04 -13.35 -14.25
C VAL C 133 -4.31 -13.68 -12.95
N HIS C 134 -4.45 -12.93 -11.86
CA HIS C 134 -3.54 -13.07 -10.73
C HIS C 134 -4.01 -14.20 -9.79
N ASP C 135 -3.98 -15.42 -10.31
CA ASP C 135 -4.29 -16.61 -9.55
C ASP C 135 -3.00 -17.16 -8.93
N PHE C 136 -3.13 -18.27 -8.21
CA PHE C 136 -2.02 -19.03 -7.65
C PHE C 136 -2.54 -20.43 -7.35
N GLY C 137 -1.62 -21.35 -7.07
CA GLY C 137 -1.99 -22.74 -6.83
C GLY C 137 -2.16 -23.51 -8.12
N VAL C 138 -3.41 -23.73 -8.52
CA VAL C 138 -3.72 -24.28 -9.84
C VAL C 138 -3.28 -23.32 -10.93
N ASP C 139 -3.42 -22.01 -10.69
CA ASP C 139 -3.07 -20.90 -11.58
C ASP C 139 -3.89 -20.98 -12.87
N VAL C 140 -3.24 -20.73 -14.01
CA VAL C 140 -3.98 -20.62 -15.27
C VAL C 140 -4.49 -21.98 -15.74
N GLU C 141 -3.77 -23.06 -15.43
CA GLU C 141 -4.27 -24.41 -15.63
C GLU C 141 -3.50 -25.37 -14.74
N ASN C 142 -4.19 -26.43 -14.30
CA ASN C 142 -3.56 -27.58 -13.66
C ASN C 142 -3.70 -28.83 -14.52
N LYS C 143 -3.89 -28.65 -15.83
CA LYS C 143 -4.24 -29.64 -16.85
C LYS C 143 -5.58 -30.31 -16.57
N ARG C 144 -6.44 -29.71 -15.74
CA ARG C 144 -7.80 -30.14 -15.50
C ARG C 144 -8.81 -29.01 -15.64
N VAL C 145 -8.46 -27.79 -15.23
CA VAL C 145 -9.42 -26.70 -15.29
C VAL C 145 -9.52 -26.12 -16.70
N SER C 146 -8.45 -26.22 -17.48
CA SER C 146 -8.51 -25.82 -18.89
C SER C 146 -9.34 -26.80 -19.70
N SER C 147 -9.19 -28.10 -19.41
CA SER C 147 -10.03 -29.10 -20.06
C SER C 147 -11.49 -28.96 -19.65
N ILE C 148 -11.74 -28.55 -18.40
CA ILE C 148 -13.12 -28.47 -17.95
C ILE C 148 -13.79 -27.21 -18.48
N VAL C 149 -13.03 -26.12 -18.68
CA VAL C 149 -13.66 -24.95 -19.29
C VAL C 149 -13.82 -25.17 -20.79
N ASN C 150 -12.95 -25.99 -21.40
CA ASN C 150 -13.14 -26.38 -22.79
C ASN C 150 -14.38 -27.24 -22.96
N LYS C 151 -14.63 -28.17 -22.03
CA LYS C 151 -15.82 -29.00 -22.10
C LYS C 151 -17.07 -28.18 -21.79
N PHE C 152 -16.94 -27.13 -20.97
CA PHE C 152 -18.05 -26.18 -20.80
C PHE C 152 -18.34 -25.44 -22.10
N ASP C 153 -17.29 -25.05 -22.82
CA ASP C 153 -17.46 -24.35 -24.09
C ASP C 153 -18.13 -25.24 -25.12
N LYS C 154 -17.77 -26.52 -25.14
CA LYS C 154 -18.44 -27.47 -26.03
C LYS C 154 -19.91 -27.65 -25.64
N GLY C 155 -20.18 -27.76 -24.33
CA GLY C 155 -21.55 -27.98 -23.88
C GLY C 155 -22.46 -26.79 -24.13
N VAL C 156 -21.92 -25.58 -23.98
CA VAL C 156 -22.73 -24.38 -24.18
C VAL C 156 -22.70 -23.87 -25.62
N THR C 157 -21.78 -24.38 -26.44
CA THR C 157 -21.84 -24.13 -27.87
C THR C 157 -22.79 -25.13 -28.55
N GLN C 158 -23.04 -26.26 -27.89
CA GLN C 158 -24.09 -27.19 -28.33
C GLN C 158 -25.45 -26.49 -28.29
N ALA C 159 -25.93 -26.16 -27.09
CA ALA C 159 -27.06 -25.26 -26.82
C ALA C 159 -28.33 -25.62 -27.60
N THR C 160 -28.75 -26.88 -27.47
CA THR C 160 -29.89 -27.34 -28.27
C THR C 160 -31.22 -26.83 -27.72
N SER C 161 -31.28 -26.54 -26.41
CA SER C 161 -32.45 -25.97 -25.78
C SER C 161 -32.05 -25.34 -24.45
N PHE C 162 -32.98 -24.56 -23.89
CA PHE C 162 -32.68 -23.85 -22.65
C PHE C 162 -32.74 -24.79 -21.45
N GLU C 163 -33.53 -25.86 -21.55
CA GLU C 163 -33.60 -26.81 -20.45
C GLU C 163 -32.65 -27.98 -20.65
N SER C 164 -31.84 -27.96 -21.72
CA SER C 164 -30.84 -29.00 -21.90
C SER C 164 -29.66 -28.78 -20.96
N LEU C 165 -29.34 -27.53 -20.66
CA LEU C 165 -28.27 -27.20 -19.72
C LEU C 165 -28.87 -26.45 -18.54
N LEU C 166 -29.98 -26.97 -18.02
CA LEU C 166 -30.71 -26.31 -16.93
C LEU C 166 -29.93 -26.41 -15.62
N GLY C 167 -29.18 -27.50 -15.44
CA GLY C 167 -28.41 -27.69 -14.22
C GLY C 167 -27.00 -28.14 -14.53
N HIS C 168 -26.52 -27.78 -15.73
CA HIS C 168 -25.16 -28.10 -16.15
C HIS C 168 -24.12 -27.38 -15.31
N GLU C 169 -24.41 -26.13 -14.91
CA GLU C 169 -23.56 -25.43 -13.96
C GLU C 169 -23.64 -26.01 -12.55
N GLY C 170 -24.73 -26.71 -12.21
CA GLY C 170 -24.74 -27.44 -10.94
C GLY C 170 -23.76 -28.59 -10.93
N THR C 171 -23.71 -29.36 -12.02
CA THR C 171 -22.67 -30.37 -12.19
C THR C 171 -21.29 -29.72 -12.27
N PHE C 172 -21.22 -28.49 -12.77
CA PHE C 172 -19.93 -27.82 -12.84
C PHE C 172 -19.44 -27.32 -11.48
N VAL C 173 -20.33 -26.83 -10.62
CA VAL C 173 -19.88 -26.47 -9.28
C VAL C 173 -19.54 -27.72 -8.48
N LYS C 174 -20.24 -28.83 -8.73
CA LYS C 174 -19.87 -30.11 -8.10
C LYS C 174 -18.47 -30.56 -8.54
N SER C 175 -18.25 -30.62 -9.85
CA SER C 175 -17.01 -31.17 -10.39
C SER C 175 -15.84 -30.21 -10.17
N LEU C 176 -16.12 -28.91 -10.11
CA LEU C 176 -15.05 -27.94 -9.89
C LEU C 176 -14.80 -27.67 -8.41
N TYR C 177 -15.69 -28.14 -7.52
CA TYR C 177 -15.34 -28.11 -6.10
C TYR C 177 -14.66 -29.41 -5.69
N LYS C 178 -14.85 -30.50 -6.45
CA LYS C 178 -13.99 -31.66 -6.26
C LYS C 178 -12.64 -31.52 -6.96
N GLU C 179 -12.59 -30.82 -8.11
CA GLU C 179 -11.42 -30.82 -8.97
C GLU C 179 -10.24 -30.07 -8.37
N TYR C 180 -10.47 -28.90 -7.78
CA TYR C 180 -9.43 -28.18 -7.08
C TYR C 180 -9.02 -28.89 -5.79
N ALA C 181 -9.88 -29.76 -5.24
CA ALA C 181 -9.67 -30.37 -3.94
C ALA C 181 -8.69 -31.54 -3.96
N LEU C 182 -8.36 -32.08 -5.13
CA LEU C 182 -7.38 -33.16 -5.17
C LEU C 182 -5.95 -32.62 -5.06
N GLU C 183 -5.74 -31.34 -5.35
CA GLU C 183 -4.47 -30.68 -5.07
C GLU C 183 -4.51 -29.79 -3.84
N TYR C 184 -5.69 -29.60 -3.25
CA TYR C 184 -5.89 -28.77 -2.08
C TYR C 184 -6.67 -29.63 -1.09
N GLU C 185 -5.94 -30.28 -0.18
CA GLU C 185 -6.36 -31.56 0.40
C GLU C 185 -7.55 -31.49 1.35
N ILE C 186 -8.75 -31.68 0.78
CA ILE C 186 -9.94 -32.01 1.56
C ILE C 186 -10.90 -32.69 0.59
N GLU C 187 -11.90 -33.39 1.13
CA GLU C 187 -12.83 -34.16 0.32
C GLU C 187 -14.27 -33.67 0.51
N PHE C 188 -14.47 -32.36 0.43
CA PHE C 188 -15.77 -31.77 0.64
C PHE C 188 -16.55 -31.69 -0.68
N LYS C 189 -17.88 -31.71 -0.56
CA LYS C 189 -18.79 -31.62 -1.70
C LYS C 189 -19.60 -30.33 -1.60
N ARG C 190 -20.41 -30.08 -2.63
CA ARG C 190 -21.27 -28.91 -2.64
C ARG C 190 -22.44 -29.10 -1.69
N ASP C 191 -22.47 -28.32 -0.61
CA ASP C 191 -23.52 -28.43 0.39
C ASP C 191 -23.70 -27.08 1.06
N HIS C 192 -24.95 -26.74 1.37
CA HIS C 192 -25.28 -25.48 2.03
C HIS C 192 -25.10 -25.52 3.54
N LYS C 193 -24.86 -26.70 4.13
CA LYS C 193 -24.84 -26.84 5.58
C LYS C 193 -23.68 -27.71 6.05
N SER C 194 -22.65 -27.90 5.23
CA SER C 194 -21.46 -28.62 5.68
C SER C 194 -20.67 -27.74 6.63
N ALA C 195 -20.32 -28.27 7.79
CA ALA C 195 -19.75 -27.47 8.87
C ALA C 195 -18.28 -27.16 8.67
N ASP C 196 -17.64 -27.69 7.63
CA ASP C 196 -16.25 -27.36 7.39
C ASP C 196 -16.11 -25.93 6.87
N ASN C 197 -14.87 -25.44 6.89
CA ASN C 197 -14.59 -24.08 6.45
C ASN C 197 -14.73 -23.93 4.94
N TYR C 198 -14.52 -25.00 4.18
CA TYR C 198 -14.53 -24.94 2.71
C TYR C 198 -15.92 -24.61 2.18
N ASN C 199 -16.94 -25.34 2.65
CA ASN C 199 -18.29 -25.14 2.11
C ASN C 199 -18.93 -23.86 2.64
N LYS C 200 -18.64 -23.50 3.89
CA LYS C 200 -19.09 -22.21 4.41
C LYS C 200 -18.46 -21.07 3.61
N PHE C 201 -17.19 -21.23 3.26
CA PHE C 201 -16.49 -20.25 2.42
C PHE C 201 -17.11 -20.15 1.03
N LEU C 202 -17.31 -21.27 0.35
CA LEU C 202 -17.83 -21.24 -1.01
C LEU C 202 -19.32 -20.92 -1.07
N THR C 203 -20.04 -21.05 0.03
CA THR C 203 -21.40 -20.53 0.13
C THR C 203 -21.41 -19.03 0.43
N LEU C 204 -20.39 -18.52 1.12
CA LEU C 204 -20.32 -17.10 1.40
C LEU C 204 -19.70 -16.31 0.26
N GLY C 205 -19.23 -16.96 -0.79
CA GLY C 205 -18.46 -16.26 -1.79
C GLY C 205 -19.10 -16.08 -3.15
N ASN C 206 -19.96 -17.02 -3.56
CA ASN C 206 -20.63 -16.88 -4.86
C ASN C 206 -21.75 -15.85 -4.81
N TYR C 207 -22.13 -15.41 -3.61
CA TYR C 207 -23.10 -14.34 -3.49
C TYR C 207 -22.48 -12.98 -3.79
N TYR C 208 -21.14 -12.86 -3.68
CA TYR C 208 -20.43 -11.75 -4.30
C TYR C 208 -20.64 -11.70 -5.81
N ALA C 209 -20.59 -12.87 -6.47
CA ALA C 209 -20.87 -12.94 -7.89
C ALA C 209 -22.31 -12.57 -8.19
N TYR C 210 -23.23 -13.02 -7.32
CA TYR C 210 -24.65 -12.65 -7.42
C TYR C 210 -24.84 -11.14 -7.37
N GLY C 211 -24.19 -10.49 -6.41
CA GLY C 211 -24.42 -9.06 -6.24
C GLY C 211 -23.73 -8.20 -7.30
N ILE C 212 -22.54 -8.63 -7.74
CA ILE C 212 -21.86 -7.94 -8.84
C ILE C 212 -22.70 -8.04 -10.10
N ALA C 213 -23.25 -9.24 -10.36
CA ALA C 213 -24.14 -9.45 -11.49
C ALA C 213 -25.40 -8.59 -11.41
N ARG C 214 -25.97 -8.50 -10.20
CA ARG C 214 -27.21 -7.72 -10.03
C ARG C 214 -26.99 -6.24 -10.27
N SER C 215 -25.97 -5.65 -9.63
CA SER C 215 -25.83 -4.22 -9.88
C SER C 215 -25.10 -3.92 -11.20
N SER C 216 -24.63 -4.93 -11.92
CA SER C 216 -24.46 -4.78 -13.37
C SER C 216 -25.79 -4.74 -14.09
N LEU C 217 -26.78 -5.50 -13.63
CA LEU C 217 -28.10 -5.53 -14.27
C LEU C 217 -28.98 -4.34 -13.93
N TRP C 218 -28.67 -3.56 -12.89
CA TRP C 218 -29.61 -2.51 -12.49
C TRP C 218 -29.56 -1.32 -13.45
N ALA C 219 -28.36 -0.78 -13.71
CA ALA C 219 -28.29 0.48 -14.44
C ALA C 219 -28.47 0.30 -15.94
N LEU C 220 -27.66 -0.57 -16.54
CA LEU C 220 -27.54 -0.59 -18.00
C LEU C 220 -28.71 -1.31 -18.64
N GLY C 221 -28.85 -2.60 -18.36
CA GLY C 221 -29.73 -3.41 -19.17
C GLY C 221 -30.92 -4.07 -18.50
N ILE C 222 -30.84 -5.38 -18.37
CA ILE C 222 -32.02 -6.21 -18.19
C ILE C 222 -32.50 -6.16 -16.73
N ASP C 223 -33.82 -6.06 -16.56
CA ASP C 223 -34.46 -6.32 -15.28
C ASP C 223 -34.61 -7.83 -15.18
N ASN C 224 -34.30 -8.38 -13.99
CA ASN C 224 -33.86 -9.76 -13.78
C ASN C 224 -34.75 -10.87 -14.36
N SER C 225 -36.08 -10.69 -14.33
CA SER C 225 -36.94 -11.85 -14.66
C SER C 225 -37.05 -12.13 -16.15
N PHE C 226 -36.14 -11.69 -17.00
CA PHE C 226 -36.16 -11.95 -18.43
C PHE C 226 -35.00 -12.90 -18.69
N PRO C 227 -35.11 -14.17 -18.33
CA PRO C 227 -33.92 -15.00 -18.12
C PRO C 227 -33.39 -15.57 -19.43
N LEU C 228 -32.31 -16.35 -19.30
CA LEU C 228 -31.78 -17.15 -20.41
C LEU C 228 -31.56 -18.60 -20.00
N LEU C 229 -32.02 -18.98 -18.80
CA LEU C 229 -31.87 -20.36 -18.33
C LEU C 229 -33.02 -20.65 -17.38
N HIS C 230 -34.03 -21.37 -17.87
CA HIS C 230 -35.11 -21.85 -17.03
C HIS C 230 -35.18 -23.37 -17.07
N GLY C 231 -35.85 -23.94 -16.08
CA GLY C 231 -35.90 -25.37 -15.93
C GLY C 231 -36.52 -25.74 -14.59
N SER C 232 -36.12 -26.91 -14.10
CA SER C 232 -36.62 -27.38 -12.81
C SER C 232 -35.70 -26.94 -11.67
N THR C 233 -34.40 -26.76 -11.96
CA THR C 233 -33.41 -26.50 -10.93
C THR C 233 -32.75 -25.13 -11.03
N ARG C 234 -32.92 -24.41 -12.14
CA ARG C 234 -32.37 -23.06 -12.27
C ARG C 234 -33.48 -22.07 -11.94
N ARG C 235 -33.61 -21.76 -10.66
CA ARG C 235 -34.78 -21.08 -10.12
C ARG C 235 -34.39 -19.72 -9.59
N GLY C 236 -34.85 -18.67 -10.27
CA GLY C 236 -34.53 -17.30 -9.91
C GLY C 236 -34.29 -16.38 -11.10
N GLY C 237 -33.83 -16.94 -12.21
CA GLY C 237 -33.78 -16.17 -13.45
C GLY C 237 -32.42 -15.88 -14.04
N LEU C 238 -32.26 -14.66 -14.55
CA LEU C 238 -31.07 -14.25 -15.29
C LEU C 238 -29.85 -14.04 -14.39
N VAL C 239 -30.07 -13.85 -13.09
CA VAL C 239 -29.00 -13.45 -12.18
C VAL C 239 -27.94 -14.54 -12.04
N PHE C 240 -28.34 -15.81 -12.10
CA PHE C 240 -27.34 -16.88 -12.13
C PHE C 240 -26.63 -16.92 -13.47
N ASP C 241 -27.34 -16.59 -14.55
CA ASP C 241 -26.74 -16.60 -15.89
C ASP C 241 -25.68 -15.51 -16.03
N VAL C 242 -25.80 -14.43 -15.25
CA VAL C 242 -24.76 -13.40 -15.29
C VAL C 242 -23.89 -13.38 -14.05
N ALA C 243 -24.14 -14.26 -13.06
CA ALA C 243 -23.23 -14.43 -11.94
C ALA C 243 -22.32 -15.64 -12.13
N ASP C 244 -22.64 -16.51 -13.10
CA ASP C 244 -21.75 -17.60 -13.48
C ASP C 244 -20.47 -17.10 -14.14
N ILE C 245 -20.43 -15.82 -14.55
CA ILE C 245 -19.24 -15.20 -15.13
C ILE C 245 -18.07 -15.29 -14.16
N ILE C 246 -18.33 -14.97 -12.89
CA ILE C 246 -17.30 -14.80 -11.88
C ILE C 246 -17.52 -15.68 -10.66
N LYS C 247 -18.53 -16.56 -10.68
CA LYS C 247 -18.63 -17.58 -9.65
C LYS C 247 -17.46 -18.56 -9.68
N THR C 248 -17.35 -19.35 -10.75
CA THR C 248 -16.29 -20.34 -10.85
C THR C 248 -14.96 -19.75 -11.27
N SER C 249 -14.97 -18.59 -11.93
CA SER C 249 -13.73 -18.03 -12.47
C SER C 249 -12.88 -17.39 -11.37
N ILE C 250 -13.50 -16.76 -10.39
CA ILE C 250 -12.80 -15.91 -9.43
C ILE C 250 -12.85 -16.47 -8.02
N ILE C 251 -14.04 -16.82 -7.53
CA ILE C 251 -14.23 -17.23 -6.13
C ILE C 251 -13.54 -18.56 -5.85
N LEU C 252 -13.39 -19.41 -6.86
CA LEU C 252 -12.97 -20.78 -6.61
C LEU C 252 -11.47 -20.93 -6.32
N PRO C 253 -10.53 -20.33 -7.09
CA PRO C 253 -9.11 -20.44 -6.67
C PRO C 253 -8.80 -19.72 -5.37
N LEU C 254 -9.33 -18.49 -5.20
CA LEU C 254 -9.21 -17.79 -3.93
C LEU C 254 -9.93 -18.53 -2.81
N ALA C 255 -10.94 -19.32 -3.16
CA ALA C 255 -11.68 -20.09 -2.16
C ALA C 255 -10.84 -21.21 -1.61
N PHE C 256 -10.18 -21.94 -2.50
CA PHE C 256 -9.35 -23.04 -2.03
C PHE C 256 -8.09 -22.52 -1.35
N HIS C 257 -7.57 -21.38 -1.81
CA HIS C 257 -6.49 -20.67 -1.13
C HIS C 257 -6.87 -20.30 0.31
N ALA C 258 -7.97 -19.57 0.48
CA ALA C 258 -8.33 -19.07 1.79
C ALA C 258 -8.88 -20.16 2.69
N ALA C 259 -9.32 -21.29 2.13
CA ALA C 259 -9.75 -22.39 2.96
C ALA C 259 -8.59 -23.28 3.41
N ASP C 260 -7.55 -23.41 2.60
CA ASP C 260 -6.39 -24.20 3.01
C ASP C 260 -5.46 -23.41 3.93
N GLN C 261 -5.21 -22.14 3.61
CA GLN C 261 -4.24 -21.36 4.37
C GLN C 261 -4.76 -20.91 5.73
N GLY C 262 -6.03 -21.12 6.04
CA GLY C 262 -6.47 -21.21 7.42
C GLY C 262 -7.00 -19.95 8.07
N MET C 263 -7.18 -18.86 7.33
CA MET C 263 -7.76 -17.67 7.96
C MET C 263 -9.27 -17.64 7.76
N SER C 264 -9.91 -16.71 8.47
CA SER C 264 -11.35 -16.68 8.68
C SER C 264 -12.08 -16.01 7.51
N ASN C 265 -13.36 -15.68 7.77
CA ASN C 265 -14.22 -15.01 6.78
C ASN C 265 -13.66 -13.66 6.35
N THR C 266 -13.03 -12.95 7.29
CA THR C 266 -12.75 -11.53 7.11
C THR C 266 -11.66 -11.30 6.06
N GLU C 267 -10.54 -12.03 6.17
CA GLU C 267 -9.46 -11.83 5.22
C GLU C 267 -9.77 -12.46 3.87
N PHE C 268 -10.64 -13.48 3.85
CA PHE C 268 -11.31 -13.88 2.62
C PHE C 268 -11.99 -12.72 1.93
N LYS C 269 -12.83 -11.98 2.64
CA LYS C 269 -13.60 -10.99 1.92
C LYS C 269 -12.77 -9.74 1.62
N ARG C 270 -11.66 -9.53 2.35
CA ARG C 270 -10.57 -8.68 1.85
C ARG C 270 -10.03 -9.18 0.51
N SER C 271 -9.74 -10.47 0.40
CA SER C 271 -9.17 -11.02 -0.83
C SER C 271 -10.13 -10.91 -1.99
N CYS C 272 -11.43 -11.05 -1.72
CA CYS C 272 -12.41 -10.92 -2.79
C CYS C 272 -12.60 -9.48 -3.23
N VAL C 273 -12.56 -8.52 -2.28
CA VAL C 273 -12.57 -7.12 -2.68
C VAL C 273 -11.33 -6.78 -3.51
N ALA C 274 -10.17 -7.31 -3.11
CA ALA C 274 -8.92 -7.03 -3.82
C ALA C 274 -8.93 -7.64 -5.23
N TYR C 275 -9.32 -8.91 -5.35
CA TYR C 275 -9.31 -9.56 -6.66
C TYR C 275 -10.40 -9.00 -7.56
N PHE C 276 -11.61 -8.85 -7.05
CA PHE C 276 -12.69 -8.25 -7.83
C PHE C 276 -12.41 -6.81 -8.21
N ASP C 277 -11.60 -6.13 -7.42
CA ASP C 277 -11.67 -4.68 -7.53
C ASP C 277 -10.33 -4.12 -7.99
N LYS C 278 -9.36 -5.02 -8.23
CA LYS C 278 -8.14 -4.69 -8.94
C LYS C 278 -8.37 -4.65 -10.45
N ASN C 279 -9.04 -5.65 -11.01
CA ASN C 279 -9.19 -5.75 -12.46
C ASN C 279 -10.41 -5.02 -13.01
N ASP C 280 -11.14 -4.29 -12.15
CA ASP C 280 -12.34 -3.53 -12.49
C ASP C 280 -13.41 -4.46 -13.09
N ILE C 281 -13.72 -5.52 -12.34
CA ILE C 281 -14.54 -6.59 -12.89
C ILE C 281 -16.03 -6.22 -12.98
N LEU C 282 -16.52 -5.31 -12.12
CA LEU C 282 -17.88 -4.81 -12.29
C LEU C 282 -17.96 -3.95 -13.56
N ALA C 283 -16.94 -3.11 -13.77
CA ALA C 283 -16.85 -2.31 -14.99
C ALA C 283 -16.76 -3.19 -16.22
N TYR C 284 -15.96 -4.25 -16.12
CA TYR C 284 -15.79 -5.23 -17.20
C TYR C 284 -17.14 -5.89 -17.48
N LEU C 285 -17.88 -6.21 -16.43
CA LEU C 285 -19.18 -6.85 -16.57
C LEU C 285 -20.18 -5.93 -17.26
N ILE C 286 -20.16 -4.63 -16.93
CA ILE C 286 -21.04 -3.66 -17.59
C ILE C 286 -20.71 -3.53 -19.06
N ASN C 287 -19.43 -3.29 -19.39
CA ASN C 287 -19.11 -3.08 -20.80
CA ASN C 287 -19.11 -3.08 -20.80
C ASN C 287 -19.10 -4.37 -21.61
N ASN C 288 -19.12 -5.54 -20.96
CA ASN C 288 -19.19 -6.80 -21.68
C ASN C 288 -20.63 -7.30 -21.82
N ILE C 289 -21.53 -6.92 -20.91
CA ILE C 289 -22.94 -7.16 -21.17
C ILE C 289 -23.52 -6.04 -22.04
N LYS C 290 -22.78 -4.92 -22.17
CA LYS C 290 -23.14 -3.89 -23.13
C LYS C 290 -22.96 -4.40 -24.57
N ARG C 291 -21.99 -5.28 -24.78
CA ARG C 291 -21.83 -5.94 -26.08
C ARG C 291 -22.99 -6.87 -26.40
N LEU C 292 -23.70 -7.37 -25.38
CA LEU C 292 -24.86 -8.21 -25.57
C LEU C 292 -26.15 -7.42 -25.69
N CYS C 293 -26.30 -6.34 -24.94
CA CYS C 293 -27.52 -5.52 -25.01
C CYS C 293 -27.60 -4.78 -26.35
N MET C 294 -26.53 -4.09 -26.72
CA MET C 294 -26.41 -3.48 -28.04
C MET C 294 -25.44 -4.21 -28.96
N GLU C 295 -25.55 -5.54 -29.06
CA GLU C 295 -25.02 -6.25 -30.22
C GLU C 295 -25.63 -5.68 -31.50
N ASN C 296 -26.93 -5.41 -31.47
CA ASN C 296 -27.64 -4.80 -32.59
C ASN C 296 -27.20 -3.37 -32.82
N MET D 1 -49.30 2.21 9.04
CA MET D 1 -50.36 1.22 9.19
C MET D 1 -50.66 0.48 7.89
N GLN D 2 -51.36 -0.65 8.01
CA GLN D 2 -51.68 -1.47 6.84
C GLN D 2 -52.75 -0.78 6.01
N LYS D 3 -52.53 -0.72 4.70
CA LYS D 3 -53.48 -0.14 3.76
C LYS D 3 -53.67 -1.08 2.59
N GLN D 4 -54.92 -1.30 2.19
CA GLN D 4 -55.26 -2.30 1.19
C GLN D 4 -55.60 -1.63 -0.14
N ILE D 5 -55.04 -2.18 -1.23
CA ILE D 5 -55.27 -1.67 -2.58
C ILE D 5 -55.65 -2.84 -3.48
N LEU D 6 -56.64 -2.62 -4.33
CA LEU D 6 -57.11 -3.59 -5.31
C LEU D 6 -56.29 -3.49 -6.57
N THR D 7 -55.93 -4.65 -7.15
CA THR D 7 -55.19 -4.66 -8.41
C THR D 7 -56.04 -5.18 -9.57
N SER D 8 -56.50 -6.43 -9.51
CA SER D 8 -57.25 -7.01 -10.62
C SER D 8 -58.65 -7.44 -10.23
N GLN D 9 -58.79 -8.28 -9.21
CA GLN D 9 -60.10 -8.77 -8.80
C GLN D 9 -60.32 -8.75 -7.30
N LYS D 10 -59.27 -8.65 -6.49
CA LYS D 10 -59.41 -8.62 -5.04
C LYS D 10 -58.38 -7.65 -4.49
N ARG D 11 -58.60 -7.21 -3.25
CA ARG D 11 -57.66 -6.35 -2.55
C ARG D 11 -56.38 -7.12 -2.24
N ASN D 12 -55.31 -6.89 -3.01
CA ASN D 12 -54.12 -7.73 -2.91
C ASN D 12 -52.82 -6.94 -2.79
N MET D 13 -52.87 -5.66 -2.46
CA MET D 13 -51.67 -4.86 -2.21
C MET D 13 -51.67 -4.47 -0.75
N TYR D 14 -50.63 -4.89 -0.04
CA TYR D 14 -50.53 -4.72 1.41
C TYR D 14 -49.39 -3.76 1.69
N ILE D 15 -49.71 -2.47 1.81
CA ILE D 15 -48.73 -1.44 2.09
C ILE D 15 -48.59 -1.31 3.61
N LEU D 16 -47.37 -1.47 4.11
CA LEU D 16 -47.09 -1.33 5.53
C LEU D 16 -46.20 -0.12 5.76
N SER D 17 -46.64 0.76 6.66
CA SER D 17 -45.92 1.99 6.99
C SER D 17 -45.54 1.98 8.47
N ARG D 18 -44.24 2.26 8.70
CA ARG D 18 -43.66 2.45 10.04
C ARG D 18 -43.82 1.23 10.93
N CYS D 19 -43.32 0.08 10.47
CA CYS D 19 -43.42 -1.14 11.26
C CYS D 19 -42.24 -2.06 10.95
N LYS D 20 -41.86 -2.86 11.93
CA LYS D 20 -40.79 -3.83 11.77
C LYS D 20 -41.43 -5.21 11.54
N VAL D 21 -41.04 -5.85 10.45
CA VAL D 21 -41.62 -7.13 10.04
C VAL D 21 -40.62 -8.24 10.34
N LEU D 22 -41.10 -9.37 10.85
CA LEU D 22 -40.25 -10.42 11.37
C LEU D 22 -40.99 -11.76 11.26
N VAL D 23 -40.36 -12.82 11.72
CA VAL D 23 -41.00 -14.14 11.86
C VAL D 23 -41.37 -14.33 13.32
N LYS D 24 -42.68 -14.44 13.59
CA LYS D 24 -43.21 -14.81 14.88
C LYS D 24 -43.87 -16.18 14.75
N ASN D 25 -43.40 -17.13 15.58
CA ASN D 25 -43.97 -18.48 15.70
C ASN D 25 -43.98 -19.24 14.37
N GLY D 26 -43.00 -18.95 13.51
CA GLY D 26 -42.97 -19.59 12.21
C GLY D 26 -43.90 -19.00 11.17
N GLN D 27 -44.32 -17.74 11.34
CA GLN D 27 -45.11 -17.06 10.32
C GLN D 27 -44.78 -15.57 10.35
N VAL D 28 -44.96 -14.92 9.21
CA VAL D 28 -44.56 -13.52 9.08
C VAL D 28 -45.56 -12.62 9.81
N CYS D 29 -45.06 -11.83 10.75
CA CYS D 29 -45.85 -10.85 11.47
C CYS D 29 -45.11 -9.52 11.45
N HIS D 30 -45.77 -8.46 11.91
CA HIS D 30 -45.16 -7.14 11.91
C HIS D 30 -45.68 -6.31 13.07
N LEU D 31 -44.76 -5.68 13.79
CA LEU D 31 -45.11 -4.81 14.91
C LEU D 31 -44.97 -3.36 14.48
N HIS D 32 -46.02 -2.58 14.69
CA HIS D 32 -45.97 -1.16 14.41
C HIS D 32 -45.25 -0.48 15.59
N GLU D 33 -44.79 0.76 15.37
CA GLU D 33 -43.97 1.49 16.35
C GLU D 33 -44.68 1.73 17.68
N ASP D 34 -46.01 1.66 17.72
CA ASP D 34 -46.73 1.73 18.99
C ASP D 34 -46.66 0.44 19.80
N GLY D 35 -46.19 -0.66 19.21
CA GLY D 35 -45.83 -1.85 19.95
C GLY D 35 -46.66 -3.09 19.71
N ASN D 36 -47.79 -2.99 19.02
CA ASN D 36 -48.65 -4.13 18.78
C ASN D 36 -48.41 -4.71 17.39
N VAL D 37 -48.70 -6.01 17.25
CA VAL D 37 -48.22 -6.82 16.13
C VAL D 37 -49.41 -7.51 15.47
N TYR D 38 -49.44 -7.50 14.14
CA TYR D 38 -50.39 -8.31 13.36
C TYR D 38 -49.67 -9.34 12.51
N THR D 39 -50.33 -10.47 12.30
CA THR D 39 -49.93 -11.46 11.31
C THR D 39 -50.45 -11.06 9.92
N VAL D 40 -49.97 -11.77 8.90
CA VAL D 40 -50.42 -11.52 7.53
C VAL D 40 -51.19 -12.74 7.03
N PRO D 41 -52.13 -12.56 6.11
CA PRO D 41 -52.73 -13.72 5.43
C PRO D 41 -51.86 -14.15 4.25
N TYR D 42 -52.08 -15.38 3.79
CA TYR D 42 -51.28 -15.90 2.68
C TYR D 42 -52.09 -16.11 1.41
N ALA D 43 -53.34 -16.57 1.53
CA ALA D 43 -54.14 -16.83 0.34
C ALA D 43 -54.63 -15.54 -0.30
N ASN D 44 -54.82 -14.49 0.49
CA ASN D 44 -55.29 -13.21 -0.01
C ASN D 44 -54.16 -12.25 -0.38
N THR D 45 -52.91 -12.69 -0.27
CA THR D 45 -51.76 -11.81 -0.47
C THR D 45 -51.05 -12.22 -1.74
N VAL D 46 -50.90 -11.29 -2.67
CA VAL D 46 -49.95 -11.44 -3.77
C VAL D 46 -48.94 -10.31 -3.82
N PHE D 47 -49.29 -9.09 -3.43
CA PHE D 47 -48.35 -7.98 -3.42
C PHE D 47 -48.24 -7.44 -2.00
N ILE D 48 -47.04 -7.50 -1.43
CA ILE D 48 -46.78 -6.95 -0.11
C ILE D 48 -45.65 -5.93 -0.24
N GLY D 49 -45.88 -4.72 0.28
CA GLY D 49 -45.00 -3.60 0.02
C GLY D 49 -44.74 -2.77 1.26
N LEU D 50 -43.55 -2.17 1.30
CA LEU D 50 -43.04 -1.53 2.50
C LEU D 50 -42.88 -0.03 2.23
N ALA D 51 -43.48 0.78 3.09
CA ALA D 51 -43.44 2.24 3.01
C ALA D 51 -42.26 2.75 3.83
N GLU D 52 -42.27 4.03 4.17
CA GLU D 52 -41.18 4.66 4.93
C GLU D 52 -41.09 4.11 6.35
N GLY D 53 -39.86 4.06 6.87
CA GLY D 53 -39.59 3.65 8.23
C GLY D 53 -39.88 2.20 8.56
N THR D 54 -39.64 1.28 7.62
CA THR D 54 -39.93 -0.13 7.82
C THR D 54 -38.67 -0.97 7.67
N SER D 55 -38.51 -1.96 8.52
CA SER D 55 -37.43 -2.95 8.44
C SER D 55 -38.03 -4.35 8.42
N ILE D 56 -37.29 -5.29 7.82
CA ILE D 56 -37.81 -6.64 7.61
C ILE D 56 -36.65 -7.63 7.54
N THR D 57 -36.82 -8.78 8.19
CA THR D 57 -35.77 -9.78 8.38
C THR D 57 -35.78 -10.83 7.28
N ASN D 58 -34.70 -11.63 7.25
CA ASN D 58 -34.41 -12.46 6.08
C ASN D 58 -35.31 -13.69 6.03
N GLU D 59 -35.60 -14.30 7.20
CA GLU D 59 -36.43 -15.50 7.23
C GLU D 59 -37.87 -15.19 6.83
N ALA D 60 -38.31 -13.95 7.07
CA ALA D 60 -39.60 -13.48 6.60
C ALA D 60 -39.72 -13.59 5.09
N MET D 61 -38.73 -13.03 4.36
CA MET D 61 -38.71 -13.19 2.90
C MET D 61 -38.51 -14.63 2.47
N SER D 62 -37.76 -15.42 3.24
CA SER D 62 -37.53 -16.82 2.90
C SER D 62 -38.84 -17.60 2.87
N MET D 63 -39.69 -17.40 3.87
CA MET D 63 -40.96 -18.12 3.86
C MET D 63 -42.05 -17.38 3.06
N LEU D 64 -41.87 -16.08 2.78
CA LEU D 64 -42.76 -15.39 1.85
C LEU D 64 -42.56 -15.88 0.42
N ALA D 65 -41.31 -15.94 -0.04
CA ALA D 65 -41.01 -16.42 -1.37
C ALA D 65 -40.96 -17.93 -1.46
N ALA D 66 -41.08 -18.63 -0.33
CA ALA D 66 -41.29 -20.07 -0.37
C ALA D 66 -42.66 -20.41 -0.93
N ASN D 67 -43.69 -19.61 -0.59
CA ASN D 67 -45.08 -19.96 -0.90
C ASN D 67 -45.75 -18.97 -1.84
N GLY D 68 -44.99 -18.14 -2.55
CA GLY D 68 -45.52 -17.46 -3.73
C GLY D 68 -46.07 -16.06 -3.59
N VAL D 69 -45.43 -15.20 -2.79
CA VAL D 69 -45.82 -13.79 -2.71
C VAL D 69 -44.58 -12.95 -2.97
N ILE D 70 -44.81 -11.68 -3.33
CA ILE D 70 -43.76 -10.78 -3.79
C ILE D 70 -43.82 -9.48 -2.98
N VAL D 71 -42.64 -9.07 -2.48
CA VAL D 71 -42.49 -7.87 -1.66
C VAL D 71 -41.87 -6.75 -2.51
N PHE D 72 -42.21 -5.52 -2.17
CA PHE D 72 -41.70 -4.35 -2.88
C PHE D 72 -41.54 -3.20 -1.89
N TRP D 73 -40.93 -2.11 -2.36
CA TRP D 73 -40.63 -0.95 -1.53
C TRP D 73 -41.09 0.32 -2.24
N THR D 74 -41.74 1.21 -1.51
CA THR D 74 -42.18 2.48 -2.11
C THR D 74 -41.68 3.65 -1.27
N LYS D 75 -42.14 4.83 -1.65
CA LYS D 75 -42.11 6.02 -0.81
C LYS D 75 -43.35 6.01 0.09
N GLY D 76 -43.61 7.14 0.74
CA GLY D 76 -44.86 7.28 1.48
C GLY D 76 -46.05 7.33 0.54
N GLY D 77 -47.17 6.77 1.00
CA GLY D 77 -48.36 6.65 0.18
C GLY D 77 -48.49 5.33 -0.54
N GLY D 78 -47.41 4.58 -0.70
CA GLY D 78 -47.50 3.25 -1.26
C GLY D 78 -47.54 3.19 -2.76
N TYR D 79 -47.44 4.33 -3.44
CA TYR D 79 -47.59 4.35 -4.90
C TYR D 79 -46.31 4.71 -5.63
N ASP D 80 -45.46 5.57 -5.08
CA ASP D 80 -44.19 5.94 -5.70
C ASP D 80 -43.20 4.82 -5.38
N MET D 81 -43.23 3.75 -6.18
CA MET D 81 -42.41 2.58 -5.92
C MET D 81 -40.97 2.89 -6.28
N PHE D 82 -40.03 2.38 -5.46
CA PHE D 82 -38.61 2.55 -5.72
C PHE D 82 -37.81 1.25 -5.76
N ALA D 83 -38.23 0.19 -5.09
CA ALA D 83 -37.43 -1.04 -5.07
C ALA D 83 -38.32 -2.26 -5.06
N ALA D 84 -38.05 -3.21 -5.95
CA ALA D 84 -38.88 -4.41 -6.09
C ALA D 84 -38.11 -5.45 -6.88
N ASP D 85 -38.55 -6.70 -6.76
CA ASP D 85 -38.24 -7.71 -7.75
C ASP D 85 -39.35 -7.68 -8.81
N ILE D 86 -39.40 -8.68 -9.68
CA ILE D 86 -40.23 -8.58 -10.88
C ILE D 86 -41.26 -9.70 -10.84
N ILE D 87 -42.47 -9.39 -11.27
CA ILE D 87 -43.53 -10.38 -11.39
C ILE D 87 -43.29 -11.26 -12.61
N CYS D 88 -43.37 -12.56 -12.40
CA CYS D 88 -43.19 -13.57 -13.45
C CYS D 88 -44.44 -14.43 -13.49
N HIS D 89 -44.37 -15.58 -14.18
CA HIS D 89 -45.49 -16.53 -14.20
C HIS D 89 -45.78 -17.05 -12.79
N LEU D 90 -44.74 -17.49 -12.08
CA LEU D 90 -44.82 -17.86 -10.67
C LEU D 90 -43.41 -17.84 -10.11
N PRO D 91 -43.20 -17.34 -8.89
CA PRO D 91 -41.84 -17.09 -8.41
C PRO D 91 -41.11 -18.31 -7.84
N GLN D 92 -41.64 -19.53 -8.02
CA GLN D 92 -40.97 -20.71 -7.47
C GLN D 92 -40.60 -21.75 -8.52
N ALA D 93 -41.54 -22.19 -9.36
CA ALA D 93 -41.27 -23.36 -10.20
C ALA D 93 -40.97 -22.99 -11.64
N ASP D 94 -41.74 -22.09 -12.24
CA ASP D 94 -41.53 -21.67 -13.62
C ASP D 94 -41.26 -20.18 -13.66
N TYR D 95 -40.01 -19.81 -13.90
CA TYR D 95 -39.58 -18.42 -14.01
C TYR D 95 -39.65 -18.00 -15.46
N ARG D 96 -40.87 -17.74 -15.93
CA ARG D 96 -41.10 -17.20 -17.26
C ARG D 96 -41.93 -15.93 -17.11
N PRO D 97 -41.79 -14.98 -18.03
CA PRO D 97 -42.59 -13.76 -17.96
C PRO D 97 -44.06 -14.03 -18.23
N THR D 98 -44.89 -13.08 -17.81
CA THR D 98 -46.34 -13.24 -17.86
C THR D 98 -46.81 -13.10 -19.31
N LYS D 99 -48.08 -13.45 -19.56
CA LYS D 99 -48.63 -13.29 -20.91
C LYS D 99 -48.81 -11.83 -21.29
N TYR D 100 -48.89 -10.91 -20.32
CA TYR D 100 -49.06 -9.49 -20.66
C TYR D 100 -47.81 -8.93 -21.34
N MET D 101 -46.63 -9.40 -20.92
CA MET D 101 -45.39 -9.16 -21.68
C MET D 101 -45.53 -9.61 -23.13
N GLN D 102 -46.05 -10.83 -23.32
CA GLN D 102 -46.17 -11.44 -24.63
C GLN D 102 -47.07 -10.60 -25.54
N ASN D 103 -48.26 -10.24 -25.04
CA ASN D 103 -49.18 -9.45 -25.86
C ASN D 103 -48.67 -8.03 -26.11
N TRP D 104 -47.97 -7.40 -25.15
CA TRP D 104 -47.49 -6.04 -25.42
C TRP D 104 -46.36 -6.04 -26.45
N VAL D 105 -45.41 -6.98 -26.35
CA VAL D 105 -44.35 -6.97 -27.38
C VAL D 105 -44.89 -7.41 -28.75
N ARG D 106 -45.90 -8.29 -28.81
CA ARG D 106 -46.48 -8.63 -30.09
CA ARG D 106 -46.48 -8.64 -30.10
C ARG D 106 -47.27 -7.47 -30.68
N LEU D 107 -47.91 -6.65 -29.83
CA LEU D 107 -48.60 -5.49 -30.39
C LEU D 107 -47.61 -4.38 -30.76
N TRP D 108 -46.47 -4.32 -30.07
CA TRP D 108 -45.43 -3.35 -30.45
C TRP D 108 -44.79 -3.70 -31.77
N LEU D 109 -44.52 -5.00 -32.00
CA LEU D 109 -43.80 -5.41 -33.19
C LEU D 109 -44.62 -5.31 -34.47
N ASP D 110 -45.94 -5.19 -34.36
CA ASP D 110 -46.82 -5.03 -35.52
C ASP D 110 -47.23 -3.55 -35.60
N GLU D 111 -46.94 -2.92 -36.73
CA GLU D 111 -46.98 -1.45 -36.82
C GLU D 111 -48.41 -0.93 -36.92
N GLU D 112 -49.25 -1.60 -37.71
CA GLU D 112 -50.63 -1.12 -37.86
C GLU D 112 -51.43 -1.36 -36.58
N LYS D 113 -51.18 -2.46 -35.88
CA LYS D 113 -51.82 -2.63 -34.59
C LYS D 113 -51.15 -1.82 -33.50
N LYS D 114 -49.92 -1.36 -33.72
CA LYS D 114 -49.34 -0.30 -32.88
C LYS D 114 -50.12 1.01 -33.01
N LEU D 115 -50.46 1.39 -34.25
CA LEU D 115 -51.29 2.59 -34.44
C LEU D 115 -52.70 2.38 -33.88
N SER D 116 -53.21 1.16 -33.98
CA SER D 116 -54.48 0.81 -33.36
C SER D 116 -54.41 0.96 -31.84
N ALA D 117 -53.32 0.49 -31.23
CA ALA D 117 -53.16 0.61 -29.79
C ALA D 117 -53.01 2.07 -29.36
N ALA D 118 -52.36 2.88 -30.19
CA ALA D 118 -52.23 4.32 -29.91
C ALA D 118 -53.60 5.01 -29.96
N LYS D 119 -54.41 4.73 -30.97
CA LYS D 119 -55.71 5.37 -31.04
C LYS D 119 -56.64 4.86 -29.94
N GLU D 120 -56.52 3.58 -29.55
CA GLU D 120 -57.31 3.11 -28.41
C GLU D 120 -56.84 3.69 -27.08
N ILE D 121 -55.53 3.95 -26.91
CA ILE D 121 -55.13 4.47 -25.60
C ILE D 121 -55.52 5.95 -25.50
N LEU D 122 -55.58 6.66 -26.63
CA LEU D 122 -56.23 7.97 -26.58
C LEU D 122 -57.74 7.88 -26.36
N LYS D 123 -58.42 6.85 -26.88
CA LYS D 123 -59.85 6.71 -26.61
C LYS D 123 -60.12 6.37 -25.14
N MET D 124 -59.30 5.52 -24.52
CA MET D 124 -59.34 5.38 -23.06
C MET D 124 -58.92 6.64 -22.32
N ARG D 125 -58.12 7.54 -22.91
CA ARG D 125 -57.93 8.83 -22.27
C ARG D 125 -59.23 9.63 -22.23
N VAL D 126 -59.98 9.61 -23.35
CA VAL D 126 -61.30 10.23 -23.41
C VAL D 126 -62.26 9.57 -22.43
N ASP D 127 -62.22 8.24 -22.33
CA ASP D 127 -63.08 7.52 -21.40
C ASP D 127 -62.72 7.82 -19.95
N SER D 128 -61.43 8.01 -19.65
CA SER D 128 -61.02 8.30 -18.28
C SER D 128 -61.41 9.72 -17.89
N LEU D 129 -61.36 10.68 -18.81
CA LEU D 129 -61.80 12.02 -18.44
C LEU D 129 -63.32 12.11 -18.43
N SER D 130 -64.00 11.22 -19.15
CA SER D 130 -65.46 11.20 -19.09
C SER D 130 -65.98 10.57 -17.81
N THR D 131 -65.39 9.45 -17.38
CA THR D 131 -65.95 8.67 -16.28
C THR D 131 -65.61 9.25 -14.91
N HIS D 132 -64.34 9.62 -14.69
CA HIS D 132 -63.93 10.16 -13.39
C HIS D 132 -64.35 11.61 -13.30
N VAL D 133 -65.32 11.88 -12.43
CA VAL D 133 -65.84 13.22 -12.21
C VAL D 133 -65.51 13.65 -10.78
N HIS D 134 -65.07 14.90 -10.64
CA HIS D 134 -64.76 15.46 -9.34
C HIS D 134 -65.86 16.43 -8.94
N ASP D 135 -66.04 16.60 -7.63
CA ASP D 135 -67.08 17.47 -7.09
C ASP D 135 -66.66 18.93 -6.98
N PHE D 136 -65.59 19.34 -7.66
CA PHE D 136 -65.21 20.74 -7.74
C PHE D 136 -64.75 21.07 -9.14
N GLY D 137 -64.95 22.33 -9.54
CA GLY D 137 -64.40 22.83 -10.78
C GLY D 137 -65.14 22.44 -12.04
N VAL D 138 -64.40 21.93 -13.02
CA VAL D 138 -64.94 21.65 -14.36
C VAL D 138 -65.75 20.37 -14.31
N ASP D 139 -67.03 20.47 -14.68
CA ASP D 139 -67.81 19.28 -14.97
C ASP D 139 -67.53 18.78 -16.38
N VAL D 140 -67.59 17.46 -16.56
CA VAL D 140 -67.08 16.85 -17.78
C VAL D 140 -68.19 16.65 -18.79
N GLU D 141 -69.36 17.22 -18.51
CA GLU D 141 -70.51 17.11 -19.40
C GLU D 141 -71.02 18.44 -19.91
N ASN D 142 -70.21 19.50 -19.87
CA ASN D 142 -70.65 20.79 -20.38
C ASN D 142 -70.43 20.86 -21.89
N LYS D 143 -70.67 22.04 -22.45
CA LYS D 143 -70.62 22.21 -23.91
C LYS D 143 -69.19 22.20 -24.42
N ARG D 144 -68.27 22.85 -23.71
CA ARG D 144 -66.90 22.98 -24.18
C ARG D 144 -66.16 21.65 -24.13
N VAL D 145 -66.33 20.91 -23.03
CA VAL D 145 -65.66 19.63 -22.85
C VAL D 145 -66.19 18.60 -23.84
N SER D 146 -67.52 18.56 -24.03
CA SER D 146 -68.10 17.64 -25.01
C SER D 146 -67.73 18.01 -26.43
N SER D 147 -67.57 19.32 -26.69
CA SER D 147 -67.16 19.79 -28.01
C SER D 147 -65.74 19.34 -28.34
N ILE D 148 -64.80 19.52 -27.40
CA ILE D 148 -63.43 19.11 -27.68
C ILE D 148 -63.30 17.59 -27.66
N VAL D 149 -64.16 16.90 -26.89
CA VAL D 149 -64.14 15.44 -26.89
C VAL D 149 -64.61 14.89 -28.24
N ASN D 150 -65.69 15.45 -28.80
CA ASN D 150 -66.15 15.02 -30.12
C ASN D 150 -65.15 15.37 -31.21
N LYS D 151 -64.60 16.59 -31.14
CA LYS D 151 -63.59 17.02 -32.10
C LYS D 151 -62.36 16.13 -32.08
N PHE D 152 -61.88 15.76 -30.89
CA PHE D 152 -60.69 14.96 -30.82
C PHE D 152 -60.99 13.49 -31.05
N ASP D 153 -62.25 13.08 -30.87
CA ASP D 153 -62.66 11.73 -31.23
C ASP D 153 -62.54 11.55 -32.73
N LYS D 154 -63.09 12.51 -33.48
CA LYS D 154 -62.95 12.47 -34.94
C LYS D 154 -61.48 12.67 -35.36
N GLY D 155 -60.74 13.50 -34.61
CA GLY D 155 -59.34 13.76 -34.96
C GLY D 155 -58.43 12.56 -34.78
N VAL D 156 -58.64 11.79 -33.70
CA VAL D 156 -57.86 10.57 -33.52
C VAL D 156 -58.32 9.49 -34.49
N THR D 157 -59.63 9.39 -34.77
CA THR D 157 -60.09 8.32 -35.65
C THR D 157 -59.72 8.57 -37.11
N GLN D 158 -59.52 9.83 -37.50
CA GLN D 158 -59.08 10.07 -38.87
C GLN D 158 -57.57 9.87 -39.01
N ALA D 159 -56.82 10.04 -37.92
CA ALA D 159 -55.37 10.10 -37.98
C ALA D 159 -54.76 8.71 -38.20
N THR D 160 -53.63 8.70 -38.91
CA THR D 160 -52.92 7.46 -39.21
C THR D 160 -51.42 7.56 -39.01
N SER D 161 -50.90 8.72 -38.62
CA SER D 161 -49.46 8.92 -38.44
C SER D 161 -49.19 9.45 -37.04
N PHE D 162 -48.02 9.09 -36.52
CA PHE D 162 -47.67 9.35 -35.12
C PHE D 162 -47.53 10.83 -34.82
N GLU D 163 -46.89 11.59 -35.71
CA GLU D 163 -46.65 13.02 -35.46
C GLU D 163 -47.96 13.79 -35.43
N SER D 164 -48.96 13.31 -36.18
CA SER D 164 -50.31 13.82 -36.02
C SER D 164 -50.85 13.53 -34.62
N LEU D 165 -50.55 12.34 -34.07
CA LEU D 165 -51.04 12.01 -32.73
C LEU D 165 -50.43 12.89 -31.66
N LEU D 166 -49.13 13.21 -31.76
CA LEU D 166 -48.62 14.19 -30.80
C LEU D 166 -49.07 15.61 -31.10
N GLY D 167 -49.44 15.91 -32.36
CA GLY D 167 -50.06 17.19 -32.65
C GLY D 167 -51.41 17.36 -31.98
N HIS D 168 -52.27 16.35 -32.09
CA HIS D 168 -53.54 16.40 -31.36
C HIS D 168 -53.32 16.26 -29.87
N GLU D 169 -52.23 15.63 -29.43
CA GLU D 169 -51.93 15.57 -28.00
C GLU D 169 -51.62 16.96 -27.46
N GLY D 170 -50.76 17.72 -28.15
CA GLY D 170 -50.46 19.07 -27.73
C GLY D 170 -51.66 20.00 -27.80
N THR D 171 -52.49 19.83 -28.84
CA THR D 171 -53.70 20.64 -28.97
C THR D 171 -54.70 20.30 -27.86
N PHE D 172 -54.78 19.01 -27.51
CA PHE D 172 -55.60 18.53 -26.39
C PHE D 172 -55.18 19.18 -25.08
N VAL D 173 -53.89 19.11 -24.75
CA VAL D 173 -53.44 19.67 -23.47
C VAL D 173 -53.56 21.20 -23.46
N LYS D 174 -53.35 21.87 -24.61
CA LYS D 174 -53.41 23.33 -24.55
C LYS D 174 -54.86 23.82 -24.46
N SER D 175 -55.79 23.14 -25.14
CA SER D 175 -57.20 23.48 -25.00
C SER D 175 -57.70 23.14 -23.61
N LEU D 176 -57.15 22.09 -22.99
CA LEU D 176 -57.60 21.73 -21.67
C LEU D 176 -57.05 22.68 -20.61
N TYR D 177 -55.79 23.13 -20.75
CA TYR D 177 -55.24 24.15 -19.86
C TYR D 177 -56.03 25.45 -19.97
N LYS D 178 -56.42 25.83 -21.19
CA LYS D 178 -57.22 27.06 -21.30
C LYS D 178 -58.62 26.85 -20.75
N GLU D 179 -59.11 25.60 -20.75
CA GLU D 179 -60.43 25.31 -20.17
C GLU D 179 -60.44 25.48 -18.65
N TYR D 180 -59.50 24.83 -17.95
CA TYR D 180 -59.47 25.03 -16.50
C TYR D 180 -58.92 26.40 -16.12
N ALA D 181 -58.19 27.07 -17.03
CA ALA D 181 -57.76 28.42 -16.76
C ALA D 181 -58.92 29.40 -16.82
N LEU D 182 -59.83 29.21 -17.79
CA LEU D 182 -60.99 30.07 -17.88
C LEU D 182 -62.03 29.73 -16.82
N GLU D 183 -62.04 28.48 -16.32
CA GLU D 183 -62.99 28.13 -15.27
C GLU D 183 -62.59 28.69 -13.91
N TYR D 184 -61.31 28.96 -13.68
CA TYR D 184 -60.86 29.52 -12.40
C TYR D 184 -60.43 30.98 -12.50
N GLU D 185 -60.84 31.68 -13.57
CA GLU D 185 -60.62 33.12 -13.78
C GLU D 185 -59.14 33.52 -13.72
N ILE D 186 -58.30 32.73 -14.41
CA ILE D 186 -56.87 33.01 -14.47
C ILE D 186 -56.41 32.97 -15.91
N GLU D 187 -55.22 33.53 -16.15
CA GLU D 187 -54.50 33.39 -17.40
C GLU D 187 -53.28 32.51 -17.12
N PHE D 188 -53.15 31.42 -17.86
CA PHE D 188 -52.15 30.40 -17.54
C PHE D 188 -51.47 29.87 -18.80
N LYS D 189 -50.22 29.47 -18.63
CA LYS D 189 -49.48 28.71 -19.63
C LYS D 189 -48.57 27.74 -18.90
N ARG D 190 -48.58 26.47 -19.31
CA ARG D 190 -47.86 25.43 -18.60
C ARG D 190 -46.37 25.49 -18.88
N ASP D 191 -45.57 25.30 -17.83
CA ASP D 191 -44.12 25.43 -17.93
C ASP D 191 -43.47 24.70 -16.75
N HIS D 192 -42.38 23.98 -17.02
CA HIS D 192 -41.62 23.37 -15.94
C HIS D 192 -40.88 24.42 -15.11
N LYS D 193 -40.33 25.44 -15.76
CA LYS D 193 -39.39 26.34 -15.09
C LYS D 193 -40.09 27.46 -14.32
N SER D 194 -41.42 27.51 -14.35
CA SER D 194 -42.14 28.57 -13.65
C SER D 194 -42.14 28.30 -12.15
N ALA D 195 -41.82 29.33 -11.36
CA ALA D 195 -41.68 29.19 -9.92
C ALA D 195 -42.97 29.48 -9.16
N ASP D 196 -44.08 29.75 -9.86
CA ASP D 196 -45.35 29.95 -9.19
C ASP D 196 -45.91 28.62 -8.68
N ASN D 197 -46.95 28.72 -7.85
CA ASN D 197 -47.45 27.54 -7.15
C ASN D 197 -48.21 26.61 -8.10
N TYR D 198 -48.83 27.16 -9.15
CA TYR D 198 -49.64 26.37 -10.08
C TYR D 198 -48.78 25.37 -10.84
N ASN D 199 -47.66 25.84 -11.40
CA ASN D 199 -46.82 24.99 -12.22
C ASN D 199 -46.07 23.97 -11.36
N LYS D 200 -45.67 24.35 -10.15
CA LYS D 200 -45.03 23.38 -9.26
C LYS D 200 -46.02 22.33 -8.76
N PHE D 201 -47.29 22.70 -8.57
CA PHE D 201 -48.28 21.70 -8.19
C PHE D 201 -48.58 20.73 -9.31
N LEU D 202 -48.68 21.21 -10.56
CA LEU D 202 -48.91 20.26 -11.65
C LEU D 202 -47.66 19.42 -11.92
N THR D 203 -46.47 19.96 -11.66
CA THR D 203 -45.25 19.17 -11.83
C THR D 203 -45.16 18.06 -10.78
N LEU D 204 -45.44 18.39 -9.52
CA LEU D 204 -45.45 17.37 -8.47
C LEU D 204 -46.54 16.33 -8.71
N GLY D 205 -47.74 16.76 -9.13
CA GLY D 205 -48.79 15.82 -9.45
C GLY D 205 -48.47 14.95 -10.66
N ASN D 206 -47.74 15.52 -11.63
CA ASN D 206 -47.30 14.76 -12.79
C ASN D 206 -46.28 13.69 -12.40
N TYR D 207 -45.37 14.01 -11.46
CA TYR D 207 -44.47 12.99 -10.93
C TYR D 207 -45.23 11.94 -10.12
N TYR D 208 -46.30 12.34 -9.42
CA TYR D 208 -47.10 11.36 -8.68
C TYR D 208 -47.85 10.44 -9.63
N ALA D 209 -48.32 10.98 -10.75
CA ALA D 209 -48.95 10.16 -11.80
C ALA D 209 -47.93 9.21 -12.41
N TYR D 210 -46.68 9.65 -12.56
CA TYR D 210 -45.60 8.74 -12.93
C TYR D 210 -45.42 7.63 -11.90
N GLY D 211 -45.54 7.97 -10.62
CA GLY D 211 -45.40 6.96 -9.57
C GLY D 211 -46.50 5.90 -9.63
N ILE D 212 -47.75 6.33 -9.79
CA ILE D 212 -48.85 5.37 -9.83
C ILE D 212 -48.83 4.58 -11.14
N ALA D 213 -48.33 5.19 -12.23
CA ALA D 213 -48.19 4.47 -13.48
C ALA D 213 -47.11 3.39 -13.38
N ARG D 214 -45.97 3.72 -12.77
CA ARG D 214 -44.89 2.75 -12.60
C ARG D 214 -45.31 1.60 -11.69
N SER D 215 -46.05 1.91 -10.61
CA SER D 215 -46.55 0.87 -9.72
C SER D 215 -47.56 -0.03 -10.42
N SER D 216 -48.45 0.55 -11.25
CA SER D 216 -49.45 -0.27 -11.93
C SER D 216 -48.83 -1.16 -12.99
N LEU D 217 -47.90 -0.63 -13.78
CA LEU D 217 -47.24 -1.46 -14.79
C LEU D 217 -46.32 -2.51 -14.17
N TRP D 218 -45.78 -2.26 -12.98
CA TRP D 218 -45.06 -3.35 -12.34
C TRP D 218 -46.03 -4.38 -11.76
N ALA D 219 -47.21 -3.92 -11.32
CA ALA D 219 -48.22 -4.84 -10.80
C ALA D 219 -48.75 -5.75 -11.89
N LEU D 220 -48.75 -5.28 -13.14
CA LEU D 220 -48.97 -6.18 -14.27
C LEU D 220 -47.68 -6.79 -14.79
N GLY D 221 -46.53 -6.28 -14.36
CA GLY D 221 -45.24 -6.83 -14.75
C GLY D 221 -44.49 -6.03 -15.78
N ILE D 222 -45.12 -5.04 -16.40
CA ILE D 222 -44.54 -4.37 -17.56
C ILE D 222 -43.50 -3.35 -17.10
N ASP D 223 -42.37 -3.35 -17.80
CA ASP D 223 -41.23 -2.49 -17.48
C ASP D 223 -41.46 -1.10 -18.05
N ASN D 224 -40.63 -0.16 -17.58
CA ASN D 224 -40.76 1.26 -17.86
C ASN D 224 -40.47 1.63 -19.32
N SER D 225 -39.86 0.74 -20.09
CA SER D 225 -39.16 1.13 -21.30
C SER D 225 -39.80 0.68 -22.60
N PHE D 226 -41.12 0.68 -22.72
CA PHE D 226 -41.79 0.22 -23.94
C PHE D 226 -42.79 1.29 -24.37
N PRO D 227 -42.30 2.46 -24.85
CA PRO D 227 -43.22 3.58 -25.14
C PRO D 227 -44.08 3.33 -26.37
N LEU D 228 -45.21 4.04 -26.47
CA LEU D 228 -46.06 3.91 -27.65
C LEU D 228 -46.37 5.26 -28.30
N LEU D 229 -46.54 6.33 -27.54
CA LEU D 229 -46.79 7.63 -28.15
C LEU D 229 -45.52 8.47 -28.26
N HIS D 230 -44.64 8.40 -27.26
CA HIS D 230 -43.40 9.14 -27.32
C HIS D 230 -42.38 8.41 -28.20
N GLY D 231 -41.22 9.03 -28.36
CA GLY D 231 -40.16 8.42 -29.13
C GLY D 231 -39.54 7.24 -28.40
N SER D 232 -38.91 6.37 -29.20
CA SER D 232 -38.27 5.17 -28.64
C SER D 232 -37.01 5.51 -27.86
N THR D 233 -36.31 6.59 -28.21
CA THR D 233 -35.11 7.02 -27.51
C THR D 233 -35.46 8.07 -26.45
N ARG D 234 -36.36 7.68 -25.55
CA ARG D 234 -36.80 8.54 -24.45
C ARG D 234 -36.82 7.71 -23.18
N ARG D 235 -36.05 8.15 -22.18
CA ARG D 235 -35.97 7.43 -20.91
C ARG D 235 -37.29 7.55 -20.16
N GLY D 236 -37.82 6.42 -19.73
CA GLY D 236 -39.15 6.41 -19.14
C GLY D 236 -40.26 6.74 -20.11
N GLY D 237 -40.27 6.11 -21.29
CA GLY D 237 -41.29 6.44 -22.27
C GLY D 237 -42.68 5.93 -21.91
N LEU D 238 -42.76 4.69 -21.41
CA LEU D 238 -44.05 4.07 -21.15
C LEU D 238 -44.76 4.76 -19.98
N VAL D 239 -44.01 5.19 -18.97
CA VAL D 239 -44.62 5.86 -17.83
C VAL D 239 -45.21 7.20 -18.27
N PHE D 240 -44.61 7.84 -19.27
CA PHE D 240 -45.16 9.07 -19.81
C PHE D 240 -46.39 8.80 -20.65
N ASP D 241 -46.33 7.78 -21.53
CA ASP D 241 -47.43 7.55 -22.47
C ASP D 241 -48.57 6.77 -21.85
N VAL D 242 -48.43 6.35 -20.60
CA VAL D 242 -49.59 5.88 -19.86
C VAL D 242 -50.00 6.91 -18.81
N ALA D 243 -49.06 7.76 -18.39
CA ALA D 243 -49.39 8.76 -17.39
C ALA D 243 -50.12 9.96 -17.98
N ASP D 244 -50.01 10.23 -19.28
CA ASP D 244 -50.80 11.31 -19.87
C ASP D 244 -52.28 10.97 -19.90
N ILE D 245 -52.60 9.67 -19.89
CA ILE D 245 -53.97 9.18 -19.89
C ILE D 245 -54.68 9.55 -18.60
N ILE D 246 -53.97 9.39 -17.48
CA ILE D 246 -54.49 9.72 -16.17
C ILE D 246 -54.24 11.20 -15.82
N LYS D 247 -53.29 11.86 -16.50
CA LYS D 247 -52.98 13.27 -16.25
C LYS D 247 -54.12 14.20 -16.62
N THR D 248 -54.58 14.17 -17.88
CA THR D 248 -55.55 15.13 -18.37
C THR D 248 -56.95 14.89 -17.84
N SER D 249 -57.20 13.71 -17.27
CA SER D 249 -58.45 13.34 -16.64
C SER D 249 -58.53 13.88 -15.21
N ILE D 250 -57.53 13.57 -14.38
CA ILE D 250 -57.61 13.73 -12.94
C ILE D 250 -56.55 14.65 -12.38
N ILE D 251 -55.29 14.51 -12.80
CA ILE D 251 -54.20 15.21 -12.11
C ILE D 251 -54.19 16.69 -12.48
N LEU D 252 -54.66 17.04 -13.68
CA LEU D 252 -54.80 18.46 -14.00
C LEU D 252 -55.90 19.15 -13.20
N PRO D 253 -57.15 18.63 -13.07
CA PRO D 253 -58.10 19.33 -12.18
C PRO D 253 -57.73 19.28 -10.72
N LEU D 254 -57.12 18.18 -10.25
CA LEU D 254 -56.69 18.12 -8.85
C LEU D 254 -55.58 19.11 -8.58
N ALA D 255 -54.60 19.21 -9.50
CA ALA D 255 -53.50 20.14 -9.36
C ALA D 255 -53.98 21.58 -9.44
N PHE D 256 -54.89 21.87 -10.36
CA PHE D 256 -55.44 23.23 -10.47
C PHE D 256 -56.25 23.59 -9.24
N HIS D 257 -57.02 22.63 -8.71
CA HIS D 257 -57.85 22.85 -7.52
C HIS D 257 -56.99 23.17 -6.29
N ALA D 258 -56.00 22.31 -6.03
CA ALA D 258 -55.06 22.56 -4.92
C ALA D 258 -54.17 23.75 -5.20
N ALA D 259 -54.07 24.18 -6.45
CA ALA D 259 -53.39 25.43 -6.76
C ALA D 259 -54.28 26.65 -6.48
N ASP D 260 -55.61 26.53 -6.62
CA ASP D 260 -56.48 27.63 -6.24
C ASP D 260 -56.47 27.85 -4.73
N GLN D 261 -56.91 26.84 -3.95
CA GLN D 261 -56.97 27.12 -2.51
C GLN D 261 -55.64 26.90 -1.79
N GLY D 262 -54.61 26.44 -2.48
CA GLY D 262 -53.23 26.62 -2.03
C GLY D 262 -52.81 25.94 -0.75
N MET D 263 -53.26 24.70 -0.53
CA MET D 263 -52.80 23.96 0.64
C MET D 263 -51.39 23.43 0.39
N SER D 264 -50.77 22.91 1.44
CA SER D 264 -49.36 22.51 1.39
C SER D 264 -49.19 21.25 0.54
N ASN D 265 -47.92 21.00 0.18
CA ASN D 265 -47.61 19.91 -0.74
C ASN D 265 -47.82 18.54 -0.10
N THR D 266 -47.62 18.45 1.22
CA THR D 266 -47.83 17.19 1.92
C THR D 266 -49.30 16.81 1.96
N GLU D 267 -50.17 17.78 2.27
CA GLU D 267 -51.60 17.50 2.30
C GLU D 267 -52.18 17.35 0.89
N PHE D 268 -51.58 18.01 -0.10
CA PHE D 268 -51.99 17.80 -1.49
C PHE D 268 -51.60 16.40 -1.95
N LYS D 269 -50.40 15.94 -1.56
CA LYS D 269 -49.99 14.55 -1.76
C LYS D 269 -50.92 13.57 -1.05
N ARG D 270 -51.38 13.92 0.15
CA ARG D 270 -52.32 13.07 0.88
C ARG D 270 -53.67 13.02 0.19
N SER D 271 -54.11 14.15 -0.38
CA SER D 271 -55.35 14.20 -1.14
C SER D 271 -55.29 13.32 -2.38
N CYS D 272 -54.17 13.40 -3.12
CA CYS D 272 -53.99 12.52 -4.28
C CYS D 272 -53.94 11.05 -3.88
N VAL D 273 -53.22 10.71 -2.80
CA VAL D 273 -53.11 9.31 -2.38
C VAL D 273 -54.47 8.75 -1.94
N ALA D 274 -55.22 9.55 -1.17
CA ALA D 274 -56.55 9.13 -0.72
C ALA D 274 -57.51 8.96 -1.90
N TYR D 275 -57.49 9.89 -2.86
CA TYR D 275 -58.37 9.75 -4.02
C TYR D 275 -57.94 8.59 -4.92
N PHE D 276 -56.64 8.29 -4.98
CA PHE D 276 -56.20 7.10 -5.71
C PHE D 276 -56.68 5.83 -5.03
N ASP D 277 -56.78 5.85 -3.70
CA ASP D 277 -57.25 4.68 -2.97
C ASP D 277 -58.76 4.47 -3.10
N LYS D 278 -59.57 5.52 -2.95
CA LYS D 278 -61.02 5.31 -2.90
C LYS D 278 -61.63 5.00 -4.26
N ASN D 279 -61.14 5.60 -5.35
CA ASN D 279 -61.80 5.42 -6.63
C ASN D 279 -60.95 4.40 -7.45
N ASP D 280 -60.19 3.56 -6.72
CA ASP D 280 -59.43 2.37 -7.18
C ASP D 280 -58.68 2.53 -8.50
N ILE D 281 -57.84 3.57 -8.60
CA ILE D 281 -57.30 4.03 -9.88
C ILE D 281 -56.36 2.98 -10.49
N LEU D 282 -55.55 2.33 -9.63
CA LEU D 282 -54.62 1.31 -10.11
C LEU D 282 -55.37 0.13 -10.72
N ALA D 283 -56.53 -0.22 -10.17
CA ALA D 283 -57.38 -1.23 -10.79
C ALA D 283 -57.89 -0.79 -12.15
N TYR D 284 -58.16 0.51 -12.31
CA TYR D 284 -58.59 1.03 -13.59
C TYR D 284 -57.50 0.93 -14.66
N LEU D 285 -56.27 1.33 -14.32
CA LEU D 285 -55.21 1.18 -15.33
C LEU D 285 -54.86 -0.28 -15.57
N ILE D 286 -54.92 -1.11 -14.53
CA ILE D 286 -54.62 -2.54 -14.71
C ILE D 286 -55.63 -3.18 -15.66
N ASN D 287 -56.91 -2.83 -15.50
CA ASN D 287 -57.94 -3.26 -16.46
C ASN D 287 -57.70 -2.64 -17.84
N ASN D 288 -57.10 -1.45 -17.89
CA ASN D 288 -56.85 -0.80 -19.18
C ASN D 288 -55.81 -1.55 -20.00
N ILE D 289 -54.62 -1.82 -19.44
CA ILE D 289 -53.68 -2.69 -20.17
C ILE D 289 -54.22 -4.11 -20.33
N LYS D 290 -55.06 -4.58 -19.39
CA LYS D 290 -55.67 -5.90 -19.58
C LYS D 290 -56.66 -5.91 -20.75
N ARG D 291 -57.13 -4.75 -21.19
CA ARG D 291 -57.95 -4.74 -22.40
C ARG D 291 -57.19 -4.29 -23.66
N LEU D 292 -56.04 -3.60 -23.53
CA LEU D 292 -55.23 -3.41 -24.74
C LEU D 292 -54.48 -4.68 -25.12
N CYS D 293 -54.12 -5.52 -24.13
CA CYS D 293 -53.20 -6.61 -24.42
C CYS D 293 -53.88 -7.73 -25.20
N MET D 294 -55.02 -8.22 -24.70
CA MET D 294 -55.66 -9.39 -25.28
C MET D 294 -56.32 -9.05 -26.62
N GLU D 295 -56.69 -7.78 -26.81
CA GLU D 295 -57.28 -7.24 -28.05
C GLU D 295 -58.55 -7.98 -28.49
N MET E 1 -7.23 -0.45 -9.25
CA MET E 1 -5.87 -0.17 -8.80
C MET E 1 -5.87 0.23 -7.31
N PHE E 2 -4.86 -0.21 -6.59
CA PHE E 2 -4.85 -0.16 -5.13
C PHE E 2 -4.57 1.25 -4.65
N ILE E 3 -5.52 1.85 -3.94
CA ILE E 3 -5.45 3.25 -3.56
C ILE E 3 -5.61 3.35 -2.05
N ARG E 4 -4.63 3.98 -1.39
CA ARG E 4 -4.69 4.27 0.04
C ARG E 4 -4.72 5.79 0.20
N ILE E 5 -5.75 6.30 0.87
CA ILE E 5 -5.97 7.72 1.01
C ILE E 5 -5.65 8.12 2.45
N LYS E 6 -4.78 9.11 2.62
CA LYS E 6 -4.48 9.67 3.92
C LYS E 6 -4.97 11.10 3.97
N CYS E 7 -5.81 11.41 4.95
CA CYS E 7 -6.36 12.75 5.13
C CYS E 7 -5.67 13.40 6.33
N PHE E 8 -5.02 14.53 6.09
CA PHE E 8 -4.35 15.28 7.15
C PHE E 8 -5.05 16.59 7.47
N SER E 9 -6.31 16.73 7.06
CA SER E 9 -7.02 17.99 7.23
C SER E 9 -7.57 18.12 8.65
N LYS E 10 -8.22 19.24 8.91
CA LYS E 10 -8.65 19.64 10.24
C LYS E 10 -10.17 19.67 10.32
N GLN E 11 -10.72 19.17 11.43
CA GLN E 11 -12.15 19.18 11.69
C GLN E 11 -12.66 20.62 11.80
N PRO E 12 -13.90 20.90 11.36
CA PRO E 12 -14.94 19.99 10.84
C PRO E 12 -14.81 19.68 9.36
N ILE E 13 -13.77 20.21 8.70
CA ILE E 13 -13.52 19.88 7.30
C ILE E 13 -12.98 18.44 7.18
N ALA E 14 -12.30 17.96 8.22
CA ALA E 14 -11.81 16.57 8.21
C ALA E 14 -12.97 15.58 8.18
N LYS E 15 -14.05 15.88 8.89
CA LYS E 15 -15.24 15.05 8.79
C LYS E 15 -15.92 15.19 7.43
N LYS E 16 -15.71 16.31 6.73
CA LYS E 16 -16.33 16.47 5.42
C LYS E 16 -15.59 15.64 4.38
N VAL E 17 -14.26 15.65 4.45
CA VAL E 17 -13.44 14.80 3.60
C VAL E 17 -13.67 13.33 3.95
N SER E 18 -13.89 13.04 5.24
CA SER E 18 -14.27 11.69 5.65
C SER E 18 -15.61 11.30 5.06
N ARG E 19 -16.54 12.26 4.92
CA ARG E 19 -17.82 11.97 4.30
C ARG E 19 -17.67 11.61 2.82
N GLU E 20 -16.86 12.37 2.08
CA GLU E 20 -16.68 12.04 0.65
C GLU E 20 -15.90 10.74 0.45
N VAL E 21 -14.73 10.62 1.07
CA VAL E 21 -13.89 9.45 0.79
C VAL E 21 -14.45 8.21 1.48
N SER E 22 -15.21 8.38 2.57
CA SER E 22 -15.87 7.23 3.19
C SER E 22 -17.05 6.76 2.36
N ALA E 23 -17.54 7.59 1.43
CA ALA E 23 -18.51 7.12 0.45
C ALA E 23 -17.85 6.37 -0.69
N TYR E 24 -16.51 6.37 -0.75
CA TYR E 24 -15.77 5.70 -1.80
C TYR E 24 -15.02 4.46 -1.33
N LEU E 25 -14.42 4.50 -0.13
CA LEU E 25 -13.63 3.39 0.39
C LEU E 25 -14.06 3.13 1.82
N GLU E 26 -13.57 2.00 2.37
CA GLU E 26 -13.84 1.65 3.75
C GLU E 26 -12.90 2.39 4.68
N TYR E 27 -13.30 2.52 5.93
CA TYR E 27 -12.50 3.20 6.95
C TYR E 27 -11.64 2.17 7.68
N THR E 28 -10.39 2.05 7.27
CA THR E 28 -9.48 1.10 7.91
C THR E 28 -9.09 1.54 9.32
N GLY E 29 -8.76 2.81 9.51
CA GLY E 29 -8.49 3.29 10.85
C GLY E 29 -7.58 4.50 10.93
N ASN E 30 -7.96 5.46 11.78
CA ASN E 30 -7.21 6.68 12.08
C ASN E 30 -6.95 7.52 10.82
N ASN E 31 -8.06 7.95 10.20
CA ASN E 31 -8.09 8.81 9.02
C ASN E 31 -7.32 8.21 7.84
N THR E 32 -7.52 6.91 7.63
CA THR E 32 -6.90 6.20 6.53
C THR E 32 -7.94 5.36 5.81
N TRP E 33 -8.15 5.65 4.52
CA TRP E 33 -9.16 4.94 3.72
C TRP E 33 -8.45 4.06 2.70
N GLU E 34 -8.47 2.76 2.92
CA GLU E 34 -7.88 1.82 2.00
C GLU E 34 -8.95 1.27 1.06
N GLY E 35 -8.58 1.04 -0.19
CA GLY E 35 -9.51 0.44 -1.13
C GLY E 35 -8.90 0.38 -2.51
N HIS E 36 -9.76 0.29 -3.52
CA HIS E 36 -9.28 0.29 -4.91
C HIS E 36 -10.25 1.09 -5.76
N ILE E 37 -9.74 2.10 -6.49
CA ILE E 37 -10.52 2.80 -7.50
C ILE E 37 -9.65 2.90 -8.76
N SER E 38 -10.29 3.14 -9.91
CA SER E 38 -9.60 3.22 -11.19
C SER E 38 -9.27 4.66 -11.54
N GLY E 39 -8.67 4.85 -12.72
CA GLY E 39 -8.22 6.17 -13.14
C GLY E 39 -9.36 7.15 -13.37
N GLN E 40 -10.42 6.69 -14.04
CA GLN E 40 -11.64 7.47 -14.10
C GLN E 40 -12.26 7.61 -12.72
N GLY E 41 -12.12 6.57 -11.88
CA GLY E 41 -12.63 6.66 -10.52
C GLY E 41 -11.95 7.71 -9.69
N VAL E 42 -10.62 7.79 -9.78
CA VAL E 42 -9.91 8.81 -9.00
C VAL E 42 -10.11 10.18 -9.66
N SER E 43 -10.47 10.20 -10.95
CA SER E 43 -10.83 11.47 -11.61
C SER E 43 -12.09 12.09 -11.00
N ASN E 44 -13.17 11.29 -10.88
CA ASN E 44 -14.33 11.77 -10.13
C ASN E 44 -14.02 12.04 -8.66
N LEU E 45 -13.09 11.27 -8.06
CA LEU E 45 -12.70 11.53 -6.67
C LEU E 45 -12.07 12.92 -6.53
N GLN E 46 -11.12 13.24 -7.42
CA GLN E 46 -10.38 14.49 -7.26
C GLN E 46 -11.24 15.68 -7.67
N THR E 47 -12.18 15.49 -8.60
CA THR E 47 -13.07 16.62 -8.90
C THR E 47 -14.09 16.82 -7.77
N LYS E 48 -14.41 15.76 -7.02
CA LYS E 48 -15.26 15.96 -5.86
C LYS E 48 -14.50 16.66 -4.73
N LEU E 49 -13.22 16.34 -4.53
CA LEU E 49 -12.45 17.05 -3.52
C LEU E 49 -12.10 18.47 -3.95
N ILE E 50 -12.04 18.74 -5.27
CA ILE E 50 -11.85 20.12 -5.69
C ILE E 50 -13.17 20.87 -5.63
N ASN E 51 -14.29 20.14 -5.62
CA ASN E 51 -15.57 20.76 -5.28
C ASN E 51 -15.72 20.94 -3.78
N VAL E 52 -14.93 20.23 -2.96
CA VAL E 52 -14.99 20.41 -1.51
C VAL E 52 -14.49 21.79 -1.12
N GLY E 53 -13.34 22.19 -1.65
CA GLY E 53 -12.84 23.54 -1.39
C GLY E 53 -11.43 23.60 -0.84
N LYS E 54 -11.21 24.50 0.12
CA LYS E 54 -9.89 24.75 0.67
C LYS E 54 -9.72 24.03 2.00
N GLY E 55 -8.46 23.87 2.41
CA GLY E 55 -8.13 23.21 3.65
C GLY E 55 -8.11 21.70 3.59
N VAL E 56 -8.33 21.11 2.42
CA VAL E 56 -8.33 19.66 2.26
C VAL E 56 -6.89 19.19 2.07
N LYS E 57 -6.47 18.25 2.91
CA LYS E 57 -5.10 17.74 2.93
C LYS E 57 -5.16 16.24 2.63
N VAL E 58 -5.13 15.88 1.36
CA VAL E 58 -5.31 14.50 0.93
C VAL E 58 -4.07 14.06 0.16
N VAL E 59 -3.49 12.94 0.59
CA VAL E 59 -2.41 12.30 -0.16
C VAL E 59 -2.90 10.91 -0.56
N CYS E 60 -2.88 10.61 -1.86
CA CYS E 60 -3.24 9.29 -2.32
C CYS E 60 -1.98 8.49 -2.60
N ASN E 61 -2.08 7.17 -2.46
CA ASN E 61 -0.98 6.28 -2.74
C ASN E 61 -1.46 5.14 -3.62
N TYR E 62 -0.86 5.02 -4.80
CA TYR E 62 -0.90 3.81 -5.61
C TYR E 62 0.44 3.11 -5.41
N GLN E 63 0.40 1.96 -4.73
CA GLN E 63 1.58 1.28 -4.18
C GLN E 63 2.40 2.24 -3.34
N ASP E 64 3.60 2.58 -3.82
CA ASP E 64 4.46 3.54 -3.13
C ASP E 64 4.55 4.90 -3.83
N LYS E 65 4.27 4.96 -5.13
CA LYS E 65 4.30 6.23 -5.86
C LYS E 65 3.08 7.06 -5.50
N VAL E 66 3.29 8.32 -5.15
CA VAL E 66 2.17 9.20 -4.80
C VAL E 66 1.44 9.58 -6.07
N LEU E 67 0.15 9.26 -6.14
CA LEU E 67 -0.61 9.51 -7.36
C LEU E 67 -1.06 10.97 -7.43
N PHE E 68 -1.72 11.47 -6.38
CA PHE E 68 -2.03 12.89 -6.34
C PHE E 68 -2.02 13.34 -4.90
N ALA E 69 -2.00 14.66 -4.73
CA ALA E 69 -2.02 15.29 -3.42
C ALA E 69 -2.68 16.65 -3.54
N ILE E 70 -3.65 16.90 -2.66
CA ILE E 70 -4.34 18.18 -2.57
C ILE E 70 -4.01 18.81 -1.24
N GLY E 71 -3.61 20.08 -1.28
CA GLY E 71 -3.37 20.87 -0.09
C GLY E 71 -1.89 21.18 0.12
N ASN E 72 -1.65 22.09 1.04
CA ASN E 72 -0.30 22.53 1.38
C ASN E 72 0.25 21.66 2.52
N VAL E 73 0.63 20.44 2.15
CA VAL E 73 1.27 19.51 3.06
C VAL E 73 2.71 19.34 2.62
N ALA E 74 3.65 19.61 3.52
CA ALA E 74 5.08 19.52 3.24
C ALA E 74 5.51 18.08 3.48
N MET E 75 5.25 17.21 2.51
CA MET E 75 5.78 15.85 2.55
C MET E 75 7.26 15.93 2.20
N SER E 76 8.09 16.14 3.23
CA SER E 76 9.50 16.34 3.00
C SER E 76 10.18 15.01 2.64
N ASP E 77 11.26 15.11 1.87
CA ASP E 77 12.21 14.02 1.55
C ASP E 77 11.46 12.89 0.84
N THR E 78 11.70 11.63 1.18
CA THR E 78 11.33 10.54 0.29
C THR E 78 10.01 9.84 0.65
N GLY E 79 9.66 9.69 1.93
CA GLY E 79 8.47 8.91 2.22
C GLY E 79 7.63 9.20 3.45
N SER E 80 7.90 10.27 4.20
CA SER E 80 7.34 10.36 5.53
C SER E 80 7.27 11.81 6.00
N VAL E 81 6.52 12.03 7.08
CA VAL E 81 6.46 13.30 7.79
C VAL E 81 6.15 13.16 9.29
N PRO E 82 7.18 12.96 10.11
CA PRO E 82 7.03 13.26 11.55
C PRO E 82 7.30 14.73 11.82
N LYS E 83 7.05 15.13 13.08
CA LYS E 83 7.17 16.53 13.46
C LYS E 83 8.00 16.76 14.73
N TYR E 84 7.84 15.94 15.77
CA TYR E 84 8.45 16.22 17.07
C TYR E 84 9.93 15.88 17.00
N MET F 1 8.62 -5.83 -1.27
CA MET F 1 8.44 -6.22 0.12
C MET F 1 8.07 -5.01 0.96
N PHE F 2 7.18 -4.18 0.40
CA PHE F 2 6.83 -2.90 1.02
C PHE F 2 5.60 -3.10 1.91
N ILE F 3 5.80 -2.95 3.22
CA ILE F 3 4.80 -3.29 4.21
C ILE F 3 4.45 -2.05 5.04
N ARG F 4 3.28 -2.11 5.68
CA ARG F 4 2.79 -0.97 6.45
C ARG F 4 2.14 -1.45 7.74
N ILE F 5 2.52 -0.85 8.85
CA ILE F 5 2.06 -1.21 10.20
C ILE F 5 1.04 -0.18 10.63
N LYS F 6 -0.10 -0.64 11.15
CA LYS F 6 -1.04 0.21 11.85
C LYS F 6 -1.17 -0.27 13.29
N CYS F 7 -1.00 0.65 14.23
CA CYS F 7 -0.99 0.33 15.64
C CYS F 7 -2.15 1.02 16.34
N PHE F 8 -2.96 0.24 17.06
CA PHE F 8 -4.08 0.77 17.83
C PHE F 8 -3.87 0.59 19.34
N SER F 9 -2.63 0.71 19.80
CA SER F 9 -2.32 0.43 21.19
C SER F 9 -2.57 1.64 22.07
N LYS F 10 -2.43 1.43 23.37
CA LYS F 10 -2.60 2.49 24.36
C LYS F 10 -1.25 2.83 24.99
N GLN F 11 -1.10 4.09 25.39
CA GLN F 11 0.08 4.53 26.13
C GLN F 11 0.16 3.80 27.48
N PRO F 12 1.39 3.45 27.93
CA PRO F 12 2.70 3.68 27.32
C PRO F 12 3.15 2.54 26.42
N ILE F 13 2.29 1.56 26.17
CA ILE F 13 2.61 0.49 25.22
C ILE F 13 2.71 1.04 23.80
N ALA F 14 1.88 2.03 23.47
CA ALA F 14 1.89 2.63 22.13
C ALA F 14 3.20 3.38 21.85
N LYS F 15 3.72 4.12 22.83
CA LYS F 15 4.99 4.80 22.65
C LYS F 15 6.14 3.80 22.52
N LYS F 16 6.08 2.71 23.31
CA LYS F 16 7.12 1.69 23.25
C LYS F 16 7.12 0.95 21.92
N VAL F 17 5.94 0.59 21.40
CA VAL F 17 5.87 -0.08 20.10
C VAL F 17 6.26 0.88 18.98
N SER F 18 5.97 2.18 19.15
CA SER F 18 6.44 3.18 18.19
C SER F 18 7.96 3.26 18.20
N ARG F 19 8.58 3.14 19.38
CA ARG F 19 10.04 3.13 19.47
C ARG F 19 10.63 1.88 18.81
N GLU F 20 10.03 0.71 19.03
CA GLU F 20 10.63 -0.50 18.47
C GLU F 20 10.39 -0.65 16.97
N VAL F 21 9.27 -0.16 16.44
CA VAL F 21 9.03 -0.39 15.02
C VAL F 21 9.41 0.84 14.19
N SER F 22 9.54 2.01 14.82
CA SER F 22 9.98 3.20 14.09
C SER F 22 11.47 3.16 13.81
N ALA F 23 12.22 2.27 14.47
CA ALA F 23 13.60 2.02 14.11
C ALA F 23 13.71 1.18 12.85
N TYR F 24 12.62 0.61 12.37
CA TYR F 24 12.64 -0.25 11.20
C TYR F 24 11.91 0.34 10.00
N LEU F 25 10.91 1.19 10.22
CA LEU F 25 10.15 1.82 9.17
C LEU F 25 10.13 3.33 9.39
N GLU F 26 9.55 4.06 8.45
CA GLU F 26 9.49 5.51 8.52
C GLU F 26 8.10 5.97 8.95
N TYR F 27 8.04 6.89 9.91
CA TYR F 27 6.78 7.26 10.54
C TYR F 27 6.01 8.22 9.66
N THR F 28 4.78 7.84 9.33
CA THR F 28 3.93 8.63 8.45
C THR F 28 3.03 9.61 9.17
N GLY F 29 2.49 9.23 10.33
CA GLY F 29 1.52 10.05 11.01
C GLY F 29 0.25 9.26 11.28
N ASN F 30 -0.44 9.60 12.37
CA ASN F 30 -1.64 8.91 12.85
C ASN F 30 -1.40 7.41 13.05
N ASN F 31 -0.24 7.10 13.66
CA ASN F 31 0.15 5.74 14.08
C ASN F 31 0.22 4.77 12.90
N THR F 32 0.83 5.24 11.80
CA THR F 32 0.97 4.45 10.58
C THR F 32 2.43 4.45 10.18
N TRP F 33 2.95 3.30 9.78
CA TRP F 33 4.34 3.16 9.36
C TRP F 33 4.39 2.38 8.05
N GLU F 34 4.46 3.07 6.93
CA GLU F 34 4.74 2.38 5.67
C GLU F 34 6.24 2.37 5.47
N GLY F 35 6.74 1.38 4.74
CA GLY F 35 8.17 1.34 4.50
C GLY F 35 8.60 0.02 3.92
N HIS F 36 9.89 -0.05 3.62
CA HIS F 36 10.46 -1.18 2.90
C HIS F 36 11.33 -1.97 3.85
N ILE F 37 11.14 -3.29 3.88
CA ILE F 37 11.75 -4.13 4.90
C ILE F 37 11.78 -5.57 4.39
N SER F 38 12.69 -6.37 4.93
CA SER F 38 12.92 -7.73 4.44
C SER F 38 12.06 -8.74 5.20
N GLY F 39 11.88 -9.92 4.60
CA GLY F 39 10.96 -10.91 5.15
C GLY F 39 11.45 -11.56 6.43
N GLN F 40 12.73 -11.94 6.47
CA GLN F 40 13.30 -12.38 7.75
C GLN F 40 13.47 -11.21 8.69
N GLY F 41 13.60 -9.99 8.15
CA GLY F 41 13.48 -8.80 8.98
C GLY F 41 12.10 -8.67 9.59
N VAL F 42 11.06 -9.06 8.83
CA VAL F 42 9.71 -9.16 9.40
C VAL F 42 9.66 -10.25 10.47
N SER F 43 10.47 -11.31 10.30
CA SER F 43 10.52 -12.37 11.32
C SER F 43 11.11 -11.87 12.64
N ASN F 44 12.24 -11.14 12.58
CA ASN F 44 12.76 -10.56 13.84
C ASN F 44 11.85 -9.45 14.36
N LEU F 45 11.14 -8.76 13.44
CA LEU F 45 10.21 -7.74 13.86
C LEU F 45 9.04 -8.34 14.64
N GLN F 46 8.46 -9.43 14.15
CA GLN F 46 7.35 -10.04 14.85
C GLN F 46 7.83 -10.76 16.12
N THR F 47 9.10 -11.19 16.15
CA THR F 47 9.68 -11.69 17.39
C THR F 47 9.77 -10.59 18.45
N LYS F 48 10.22 -9.40 18.07
CA LYS F 48 10.33 -8.34 19.08
C LYS F 48 8.97 -7.74 19.44
N LEU F 49 8.00 -7.77 18.51
CA LEU F 49 6.61 -7.49 18.91
C LEU F 49 6.04 -8.53 19.87
N ILE F 50 6.47 -9.79 19.76
CA ILE F 50 6.12 -10.75 20.82
C ILE F 50 6.78 -10.35 22.13
N ASN F 51 8.03 -9.87 22.05
CA ASN F 51 8.72 -9.44 23.27
C ASN F 51 8.29 -8.09 23.83
N VAL F 52 7.43 -7.32 23.12
CA VAL F 52 6.82 -6.14 23.74
C VAL F 52 5.92 -6.55 24.90
N GLY F 53 5.08 -7.55 24.69
CA GLY F 53 4.19 -8.03 25.71
C GLY F 53 2.75 -7.80 25.32
N LYS F 54 1.86 -7.98 26.30
CA LYS F 54 0.43 -7.88 26.05
C LYS F 54 0.00 -6.41 26.03
N GLY F 55 -1.21 -6.19 25.50
CA GLY F 55 -1.74 -4.85 25.36
C GLY F 55 -1.43 -4.18 24.04
N VAL F 56 -0.59 -4.79 23.20
CA VAL F 56 -0.26 -4.20 21.91
C VAL F 56 -1.29 -4.64 20.88
N LYS F 57 -1.64 -3.74 19.97
CA LYS F 57 -2.64 -3.98 18.92
C LYS F 57 -2.02 -3.53 17.60
N VAL F 58 -1.38 -4.44 16.88
CA VAL F 58 -0.59 -4.08 15.71
C VAL F 58 -0.99 -4.98 14.55
N VAL F 59 -1.28 -4.38 13.39
CA VAL F 59 -1.61 -5.12 12.18
C VAL F 59 -0.63 -4.74 11.08
N CYS F 60 -0.07 -5.75 10.41
CA CYS F 60 0.88 -5.59 9.33
C CYS F 60 0.18 -5.87 8.00
N ASN F 61 0.34 -4.96 7.05
CA ASN F 61 -0.28 -5.08 5.73
C ASN F 61 0.80 -5.17 4.66
N TYR F 62 0.77 -6.25 3.91
CA TYR F 62 1.48 -6.40 2.64
C TYR F 62 0.41 -6.29 1.57
N GLN F 63 0.52 -5.25 0.73
CA GLN F 63 -0.54 -4.77 -0.16
C GLN F 63 -1.81 -4.54 0.63
N ASP F 64 -2.76 -5.47 0.54
CA ASP F 64 -3.99 -5.44 1.32
C ASP F 64 -3.96 -6.52 2.39
N LYS F 65 -3.54 -7.73 2.04
CA LYS F 65 -3.69 -8.89 2.91
C LYS F 65 -2.77 -8.83 4.11
N VAL F 66 -3.29 -9.26 5.26
CA VAL F 66 -2.59 -9.12 6.53
C VAL F 66 -1.59 -10.26 6.67
N LEU F 67 -0.31 -9.91 6.79
CA LEU F 67 0.71 -10.92 7.03
C LEU F 67 0.72 -11.36 8.49
N PHE F 68 0.50 -10.43 9.40
CA PHE F 68 0.68 -10.67 10.83
C PHE F 68 -0.15 -9.66 11.61
N ALA F 69 -0.69 -10.09 12.74
CA ALA F 69 -1.48 -9.22 13.60
C ALA F 69 -1.39 -9.72 15.03
N ILE F 70 -1.15 -8.80 15.96
CA ILE F 70 -1.03 -9.14 17.37
C ILE F 70 -2.03 -8.31 18.18
N GLY F 71 -2.83 -9.00 18.98
CA GLY F 71 -3.57 -8.41 20.09
C GLY F 71 -5.02 -8.10 19.83
N ASN F 72 -5.90 -9.07 20.15
CA ASN F 72 -7.32 -8.96 20.49
C ASN F 72 -8.12 -7.93 19.69
N VAL F 73 -8.08 -7.99 18.37
CA VAL F 73 -8.75 -7.01 17.54
C VAL F 73 -9.84 -7.72 16.72
N ALA F 74 -10.91 -6.99 16.43
CA ALA F 74 -12.01 -7.50 15.62
C ALA F 74 -11.99 -6.83 14.25
N MET F 75 -11.76 -7.62 13.22
CA MET F 75 -11.77 -7.10 11.86
C MET F 75 -12.88 -7.78 11.08
N SER F 76 -13.15 -7.30 9.85
CA SER F 76 -14.34 -7.73 9.12
C SER F 76 -14.07 -7.83 7.64
N ASP F 77 -15.15 -7.81 6.85
CA ASP F 77 -15.08 -8.10 5.42
C ASP F 77 -14.27 -7.06 4.65
N THR F 78 -14.41 -5.79 5.00
CA THR F 78 -13.62 -4.73 4.40
C THR F 78 -12.45 -4.33 5.27
N GLY F 79 -12.28 -4.98 6.42
CA GLY F 79 -11.17 -4.69 7.30
C GLY F 79 -11.36 -3.43 8.10
N SER F 80 -12.58 -2.91 8.08
CA SER F 80 -12.94 -1.73 8.84
C SER F 80 -13.03 -2.13 10.30
N VAL F 81 -12.36 -1.37 11.16
CA VAL F 81 -12.48 -1.55 12.60
C VAL F 81 -13.49 -0.51 13.08
N PRO F 82 -14.80 -0.85 13.08
CA PRO F 82 -15.90 0.14 12.99
C PRO F 82 -15.57 1.51 12.41
N LYS F 83 -15.92 2.59 13.09
CA LYS F 83 -15.37 3.88 12.68
C LYS F 83 -14.78 4.65 13.85
N TYR F 84 -15.41 4.59 15.03
CA TYR F 84 -15.01 5.47 16.12
C TYR F 84 -14.22 4.67 17.17
#